data_6D95
#
_entry.id   6D95
#
_cell.length_a   68.197
_cell.length_b   119.978
_cell.length_c   118.692
_cell.angle_alpha   90.000
_cell.angle_beta   95.510
_cell.angle_gamma   90.000
#
_symmetry.space_group_name_H-M   'P 1 21 1'
#
loop_
_entity.id
_entity.type
_entity.pdbx_description
1 polymer 'Uncharacterized protein'
2 polymer "RNA (5'-R(P*UP*UP*AP*CP*UP*GP*CP*AP*CP*AP*GP*GP*UP*GP*AP*CP*GP*A)-3')"
3 polymer 'DNA 24-Mer'
4 non-polymer 'MAGNESIUM ION'
5 water water
#
loop_
_entity_poly.entity_id
_entity_poly.type
_entity_poly.pdbx_seq_one_letter_code
_entity_poly.pdbx_strand_id
1 'polypeptide(L)'
;RQLVSNGFEVNLPDQVEVIVRDLPDPSKVKEERTRLMGYWFVHWFDGKLFHLRIKAGGPNVDGEHRAIRTAEHPWLLRAR
LDDALEEALPKYAAVKKRPFTFLAQKDELIDAAATAAGLSHRLLNSFKVIPRFALSPKIYEPVDGTTRVGVFVTIGMRYD
IEASLRDLLEAGIDLRGMYVVRRKRQPGERGLLGRVRAISDDMVQLFEETDLASVNVNDAKLEGSKENFTRCLSALLGHN
YKKLLNALDDQEAGYRTGPRFDDAVRRMGEFLAKKPIRLADNINAQVGDRIVFSNEGQARNVRLAPKVEYVFDRTGAKSA
EYAWRGLSQFGPFDRPSFANRSPRILVVYPSSTQGKVENFLSAFRDGMGSNYSGFSKGFVDLMGLTKVEFVMCPVEVSSA
DRNGAHTKYNSAIEDKLAGAGEVHAGIVVLFEDHARLPDDRNPYIHTKSLLLTLGVPTQQVRMPTVLLEPKSLQYTLQNF
SIATYAKLNGTPWTVNHDKAINDELVVGMGLAELSGSRTEKRQRFVGITTVFAGDGSYLLGNVSKECEYEGYSDAIRESM
TGILRELKKRNNWRPGDTVRVVFHAHRPLKRVDVASIVFECTREIGSDQNIQMAFVTVSHDHPFVLIDRSERGLEAYKGS
TARKGVFAPPRGAISRVGRLTRLLAVNSPQLIKRANTPLPTPLLVSLHPDSTFKDVDYLAEQALKFTSLSWRSTLPAATP
VTIFYSERIAELLGRLKSIPNWSSANLNIKLKWSRWFL
;
A,F
2 'polyribonucleotide' UUACUGCACAGGUGACGA B,H
3 'polydeoxyribonucleotide'
;(DC)(DT)(DG)(DT)(DC)(DG)(DT)(DC)(DA)(DC)(DC)(DT)(DG)(DA)(DG)(DC)(DA)(DG)(DT)(DA)
(DA)(DC)(DT)(DG)
;
C,J
#
# COMPACT_ATOMS: atom_id res chain seq x y z
N ARG A 1 1.72 -54.45 -2.15
CA ARG A 1 1.46 -53.36 -1.15
C ARG A 1 2.25 -52.09 -1.49
N GLN A 2 1.91 -51.48 -2.64
CA GLN A 2 2.66 -50.32 -3.16
C GLN A 2 1.85 -49.24 -3.93
N LEU A 3 2.04 -47.97 -3.57
CA LEU A 3 1.50 -46.84 -4.36
C LEU A 3 2.63 -46.01 -4.89
N VAL A 4 2.54 -45.65 -6.16
CA VAL A 4 3.54 -44.84 -6.80
C VAL A 4 3.14 -43.34 -6.81
N SER A 5 4.12 -42.47 -6.61
CA SER A 5 3.90 -41.04 -6.63
C SER A 5 4.22 -40.49 -7.99
N ASN A 6 4.02 -39.17 -8.14
CA ASN A 6 4.42 -38.39 -9.30
C ASN A 6 5.76 -37.71 -9.08
N GLY A 7 6.55 -38.22 -8.13
CA GLY A 7 7.80 -37.63 -7.74
C GLY A 7 9.03 -38.53 -8.00
N PHE A 8 10.19 -37.87 -8.15
CA PHE A 8 11.49 -38.57 -8.29
C PHE A 8 12.41 -38.15 -7.18
N GLU A 9 13.16 -39.12 -6.66
CA GLU A 9 14.24 -38.84 -5.73
C GLU A 9 15.22 -37.92 -6.36
N VAL A 10 15.68 -36.92 -5.65
CA VAL A 10 16.82 -36.17 -6.09
C VAL A 10 18.01 -36.56 -5.23
N ASN A 11 19.05 -37.12 -5.87
CA ASN A 11 20.24 -37.55 -5.17
C ASN A 11 21.14 -36.36 -5.14
N LEU A 12 21.44 -35.88 -3.95
CA LEU A 12 22.19 -34.66 -3.74
C LEU A 12 23.52 -34.96 -3.05
N PRO A 13 24.45 -33.99 -3.07
CA PRO A 13 25.66 -34.11 -2.26
C PRO A 13 25.34 -34.15 -0.78
N ASP A 14 26.21 -34.81 -0.01
CA ASP A 14 26.09 -34.91 1.44
C ASP A 14 26.06 -33.53 2.04
N GLN A 15 26.91 -32.65 1.52
CA GLN A 15 27.05 -31.32 2.07
C GLN A 15 27.48 -30.37 0.98
N VAL A 16 27.44 -29.09 1.33
CA VAL A 16 27.73 -28.03 0.42
C VAL A 16 28.35 -26.95 1.28
N GLU A 17 29.34 -26.25 0.72
CA GLU A 17 30.03 -25.16 1.41
C GLU A 17 29.36 -23.82 1.10
N VAL A 18 29.27 -22.98 2.13
CA VAL A 18 28.44 -21.79 2.11
C VAL A 18 29.13 -20.68 2.90
N ILE A 19 28.80 -19.43 2.57
CA ILE A 19 29.16 -18.27 3.38
C ILE A 19 27.91 -17.69 4.02
N VAL A 20 28.01 -17.33 5.30
CA VAL A 20 26.89 -16.81 6.06
C VAL A 20 27.22 -15.45 6.66
N ARG A 21 26.20 -14.63 6.86
CA ARG A 21 26.34 -13.38 7.58
C ARG A 21 24.98 -12.96 8.12
N ASP A 22 24.98 -12.40 9.33
CA ASP A 22 23.74 -11.97 9.96
C ASP A 22 23.15 -10.87 9.11
N LEU A 23 21.84 -10.93 8.90
CA LEU A 23 21.12 -9.94 8.14
C LEU A 23 19.72 -9.89 8.72
N PRO A 24 19.57 -9.21 9.87
CA PRO A 24 18.30 -9.27 10.60
C PRO A 24 17.21 -8.42 9.96
N ASP A 25 17.59 -7.53 9.04
CA ASP A 25 16.63 -6.77 8.24
C ASP A 25 16.59 -7.30 6.79
N PRO A 26 15.52 -8.04 6.45
CA PRO A 26 15.42 -8.71 5.15
C PRO A 26 15.05 -7.81 3.96
N SER A 27 14.77 -6.53 4.22
CA SER A 27 14.67 -5.52 3.15
C SER A 27 15.92 -5.50 2.27
N LYS A 28 17.08 -5.79 2.85
CA LYS A 28 18.36 -5.80 2.13
C LYS A 28 18.52 -6.98 1.15
N VAL A 29 17.77 -8.06 1.37
CA VAL A 29 17.98 -9.27 0.55
C VAL A 29 17.82 -9.04 -0.95
N LYS A 30 16.81 -8.29 -1.38
CA LYS A 30 16.52 -8.16 -2.82
C LYS A 30 17.69 -7.49 -3.59
N GLU A 31 18.27 -6.43 -3.00
CA GLU A 31 19.38 -5.69 -3.62
C GLU A 31 20.66 -6.50 -3.63
N GLU A 32 20.83 -7.34 -2.62
CA GLU A 32 22.03 -8.15 -2.53
C GLU A 32 21.98 -9.36 -3.46
N ARG A 33 20.79 -9.92 -3.66
CA ARG A 33 20.61 -10.98 -4.64
C ARG A 33 20.93 -10.46 -6.04
N THR A 34 20.55 -9.22 -6.28
CA THR A 34 20.80 -8.55 -7.56
C THR A 34 22.29 -8.38 -7.79
N ARG A 35 22.96 -7.83 -6.78
CA ARG A 35 24.40 -7.57 -6.83
C ARG A 35 25.23 -8.82 -7.16
N LEU A 36 24.92 -9.94 -6.51
CA LEU A 36 25.71 -11.16 -6.62
C LEU A 36 25.13 -12.11 -7.65
N MET A 37 24.22 -11.60 -8.47
CA MET A 37 23.55 -12.42 -9.47
C MET A 37 24.56 -13.10 -10.39
N GLY A 38 24.41 -14.40 -10.55
CA GLY A 38 25.19 -15.17 -11.52
C GLY A 38 26.36 -15.88 -10.89
N TYR A 39 26.96 -15.26 -9.89
CA TYR A 39 28.07 -15.88 -9.16
C TYR A 39 27.62 -16.59 -7.88
N TRP A 40 26.51 -16.12 -7.31
CA TRP A 40 26.04 -16.62 -6.01
C TRP A 40 24.55 -16.93 -5.98
N PHE A 41 24.21 -18.07 -5.39
CA PHE A 41 22.84 -18.34 -4.98
C PHE A 41 22.72 -17.88 -3.53
N VAL A 42 21.67 -17.12 -3.28
CA VAL A 42 21.49 -16.39 -2.03
C VAL A 42 20.13 -16.79 -1.40
N HIS A 43 20.07 -16.94 -0.08
CA HIS A 43 18.84 -17.39 0.57
C HIS A 43 18.79 -16.89 1.99
N TRP A 44 17.70 -16.22 2.35
CA TRP A 44 17.53 -15.69 3.71
C TRP A 44 16.72 -16.67 4.57
N PHE A 45 17.20 -16.96 5.77
CA PHE A 45 16.56 -17.91 6.70
C PHE A 45 16.97 -17.63 8.15
N ASP A 46 16.00 -17.47 9.06
CA ASP A 46 16.27 -17.26 10.50
C ASP A 46 17.24 -16.09 10.76
N GLY A 47 16.97 -14.95 10.12
CA GLY A 47 17.74 -13.71 10.33
C GLY A 47 19.16 -13.74 9.81
N LYS A 48 19.45 -14.67 8.91
CA LYS A 48 20.79 -14.84 8.33
C LYS A 48 20.73 -15.01 6.83
N LEU A 49 21.75 -14.51 6.14
CA LEU A 49 21.84 -14.61 4.69
C LEU A 49 22.85 -15.69 4.30
N PHE A 50 22.38 -16.72 3.60
CA PHE A 50 23.24 -17.82 3.18
C PHE A 50 23.60 -17.69 1.71
N HIS A 51 24.90 -17.79 1.39
CA HIS A 51 25.43 -17.61 0.02
C HIS A 51 26.12 -18.88 -0.46
N LEU A 52 25.68 -19.41 -1.60
CA LEU A 52 26.32 -20.55 -2.26
C LEU A 52 26.91 -20.13 -3.61
N ARG A 53 28.23 -20.28 -3.74
CA ARG A 53 28.91 -19.90 -4.97
C ARG A 53 28.46 -20.85 -6.08
N ILE A 54 28.05 -20.24 -7.18
CA ILE A 54 27.65 -21.03 -8.37
C ILE A 54 28.71 -20.94 -9.50
N LYS A 55 29.33 -19.78 -9.68
CA LYS A 55 30.42 -19.62 -10.65
C LYS A 55 31.63 -18.95 -10.01
N ALA A 56 32.81 -19.19 -10.58
CA ALA A 56 34.04 -18.53 -10.12
C ALA A 56 34.00 -17.02 -10.45
N GLY A 57 34.69 -16.23 -9.63
CA GLY A 57 34.80 -14.78 -9.88
C GLY A 57 33.90 -13.95 -9.00
N GLY A 58 34.13 -12.65 -8.97
CA GLY A 58 33.49 -11.74 -8.01
C GLY A 58 32.02 -11.48 -8.29
N PRO A 59 31.37 -10.63 -7.47
CA PRO A 59 31.95 -9.85 -6.38
C PRO A 59 32.37 -10.64 -5.15
N ASN A 60 33.06 -9.94 -4.26
CA ASN A 60 33.49 -10.47 -2.96
C ASN A 60 32.33 -10.56 -1.98
N VAL A 61 32.43 -11.51 -1.05
CA VAL A 61 31.40 -11.74 -0.06
C VAL A 61 32.04 -12.00 1.31
N ASP A 62 31.63 -11.24 2.32
CA ASP A 62 32.20 -11.36 3.67
C ASP A 62 31.28 -12.19 4.55
N GLY A 63 31.84 -13.17 5.26
CA GLY A 63 31.10 -13.91 6.26
C GLY A 63 31.79 -15.17 6.74
N GLU A 64 31.09 -15.92 7.60
CA GLU A 64 31.58 -17.19 8.11
C GLU A 64 31.48 -18.25 7.03
N HIS A 65 32.51 -19.08 6.88
CA HIS A 65 32.51 -20.19 5.91
C HIS A 65 32.07 -21.51 6.55
N ARG A 66 30.79 -21.86 6.42
CA ARG A 66 30.23 -23.04 7.11
C ARG A 66 29.81 -24.12 6.14
N ALA A 67 29.73 -25.37 6.58
CA ALA A 67 29.25 -26.46 5.73
C ALA A 67 27.81 -26.78 6.14
N ILE A 68 26.92 -26.89 5.15
CA ILE A 68 25.53 -27.24 5.38
C ILE A 68 25.30 -28.65 4.92
N ARG A 69 24.93 -29.53 5.85
CA ARG A 69 24.74 -30.92 5.51
C ARG A 69 23.29 -31.10 5.06
N THR A 70 23.14 -31.67 3.88
CA THR A 70 21.84 -31.81 3.24
C THR A 70 20.88 -32.65 4.09
N ALA A 71 21.39 -33.68 4.76
CA ALA A 71 20.55 -34.47 5.65
C ALA A 71 19.92 -33.65 6.77
N GLU A 72 20.64 -32.65 7.30
CA GLU A 72 20.16 -31.86 8.45
C GLU A 72 19.33 -30.66 8.00
N HIS A 73 19.73 -30.04 6.87
CA HIS A 73 19.18 -28.78 6.40
C HIS A 73 18.84 -28.86 4.92
N PRO A 74 17.83 -29.65 4.55
CA PRO A 74 17.51 -29.82 3.14
C PRO A 74 16.93 -28.57 2.48
N TRP A 75 16.53 -27.57 3.27
CA TRP A 75 15.90 -26.36 2.72
C TRP A 75 16.79 -25.59 1.74
N LEU A 76 18.10 -25.57 1.98
CA LEU A 76 19.02 -24.79 1.16
C LEU A 76 19.02 -25.34 -0.25
N LEU A 77 19.32 -26.63 -0.39
CA LEU A 77 19.32 -27.24 -1.72
C LEU A 77 17.92 -27.44 -2.31
N ARG A 78 16.89 -27.61 -1.48
CA ARG A 78 15.52 -27.58 -2.00
C ARG A 78 15.26 -26.26 -2.74
N ALA A 79 15.67 -25.15 -2.13
CA ALA A 79 15.52 -23.84 -2.74
C ALA A 79 16.36 -23.67 -4.02
N ARG A 80 17.63 -24.07 -3.98
CA ARG A 80 18.50 -23.96 -5.16
C ARG A 80 17.97 -24.82 -6.29
N LEU A 81 17.35 -25.95 -5.96
CA LEU A 81 16.71 -26.83 -6.97
C LEU A 81 15.58 -26.11 -7.75
N ASP A 82 14.90 -25.15 -7.14
CA ASP A 82 13.89 -24.38 -7.88
C ASP A 82 14.54 -23.71 -9.11
N ASP A 83 15.69 -23.07 -8.90
CA ASP A 83 16.39 -22.39 -9.99
C ASP A 83 17.11 -23.38 -10.90
N ALA A 84 17.65 -24.43 -10.31
CA ALA A 84 18.45 -25.40 -11.05
C ALA A 84 17.57 -26.17 -12.02
N LEU A 85 16.32 -26.40 -11.63
CA LEU A 85 15.41 -27.13 -12.51
C LEU A 85 15.11 -26.28 -13.75
N GLU A 86 15.07 -24.98 -13.55
CA GLU A 86 14.76 -24.05 -14.63
C GLU A 86 15.94 -24.01 -15.61
N GLU A 87 17.13 -23.84 -15.05
CA GLU A 87 18.38 -23.86 -15.80
C GLU A 87 18.68 -25.21 -16.48
N ALA A 88 18.05 -26.28 -16.01
CA ALA A 88 18.13 -27.60 -16.65
C ALA A 88 17.17 -27.77 -17.83
N LEU A 89 16.23 -26.84 -17.99
CA LEU A 89 15.27 -26.88 -19.10
C LEU A 89 15.34 -25.55 -19.88
N PRO A 90 16.53 -25.23 -20.41
CA PRO A 90 16.78 -23.90 -20.96
C PRO A 90 15.90 -23.53 -22.16
N LYS A 91 15.34 -24.53 -22.84
CA LYS A 91 14.51 -24.28 -24.01
C LYS A 91 13.05 -23.98 -23.66
N TYR A 92 12.70 -24.11 -22.38
CA TYR A 92 11.34 -23.82 -21.90
C TYR A 92 11.36 -22.59 -21.03
N ALA A 93 10.55 -21.60 -21.39
CA ALA A 93 10.45 -20.38 -20.60
C ALA A 93 9.53 -20.63 -19.43
N ALA A 94 9.90 -20.10 -18.28
CA ALA A 94 9.09 -20.19 -17.07
C ALA A 94 7.89 -19.28 -17.29
N VAL A 95 6.68 -19.84 -17.21
CA VAL A 95 5.50 -18.98 -17.07
C VAL A 95 5.33 -18.61 -15.57
N LYS A 96 5.86 -19.44 -14.65
CA LYS A 96 5.98 -19.10 -13.22
C LYS A 96 7.22 -19.77 -12.65
N LYS A 97 7.65 -19.24 -11.52
CA LYS A 97 8.76 -19.77 -10.75
C LYS A 97 8.34 -20.25 -9.35
N ARG A 98 9.12 -21.19 -8.80
CA ARG A 98 8.94 -21.64 -7.42
C ARG A 98 7.48 -22.04 -7.13
N PRO A 99 6.96 -23.09 -7.77
CA PRO A 99 7.60 -24.05 -8.65
C PRO A 99 7.73 -23.61 -10.11
N PHE A 100 8.82 -24.06 -10.73
CA PHE A 100 9.07 -23.84 -12.15
C PHE A 100 7.91 -24.41 -12.91
N THR A 101 7.25 -23.56 -13.70
CA THR A 101 6.07 -23.95 -14.43
C THR A 101 6.27 -23.51 -15.90
N PHE A 102 5.94 -24.39 -16.85
CA PHE A 102 6.27 -24.12 -18.25
C PHE A 102 5.32 -24.86 -19.17
N LEU A 103 5.29 -24.43 -20.44
CA LEU A 103 4.35 -24.99 -21.41
C LEU A 103 4.98 -26.00 -22.37
N ALA A 104 4.23 -27.02 -22.74
CA ALA A 104 4.61 -27.91 -23.83
C ALA A 104 4.88 -27.02 -25.05
N GLN A 105 5.88 -27.42 -25.84
CA GLN A 105 6.40 -26.57 -26.93
C GLN A 105 5.58 -26.70 -28.22
N LYS A 106 5.14 -27.92 -28.52
CA LYS A 106 4.39 -28.20 -29.75
C LYS A 106 2.92 -28.35 -29.44
N ASP A 107 2.60 -29.18 -28.45
CA ASP A 107 1.24 -29.57 -28.13
C ASP A 107 0.29 -28.38 -27.98
N GLU A 108 -0.89 -28.52 -28.59
CA GLU A 108 -1.93 -27.48 -28.57
C GLU A 108 -3.23 -28.19 -28.90
N LEU A 109 -4.15 -28.24 -27.94
CA LEU A 109 -5.21 -29.22 -28.01
C LEU A 109 -6.47 -28.75 -28.70
N ILE A 110 -6.62 -27.45 -28.92
CA ILE A 110 -7.85 -27.07 -29.62
C ILE A 110 -7.74 -27.46 -31.08
N ASP A 111 -6.58 -27.19 -31.69
CA ASP A 111 -6.32 -27.62 -33.07
C ASP A 111 -6.53 -29.11 -33.21
N ALA A 112 -5.85 -29.89 -32.35
CA ALA A 112 -6.02 -31.32 -32.34
C ALA A 112 -7.47 -31.74 -32.16
N ALA A 113 -8.21 -31.12 -31.24
CA ALA A 113 -9.62 -31.50 -31.00
C ALA A 113 -10.55 -31.07 -32.14
N ALA A 114 -10.27 -29.91 -32.71
CA ALA A 114 -11.01 -29.42 -33.89
C ALA A 114 -10.95 -30.44 -35.02
N THR A 115 -9.72 -30.81 -35.39
CA THR A 115 -9.50 -31.83 -36.40
C THR A 115 -10.24 -33.11 -36.04
N ALA A 116 -10.10 -33.55 -34.78
CA ALA A 116 -10.78 -34.76 -34.31
C ALA A 116 -12.30 -34.70 -34.48
N ALA A 117 -12.90 -33.53 -34.23
CA ALA A 117 -14.36 -33.36 -34.34
C ALA A 117 -14.78 -32.97 -35.76
N GLY A 118 -13.81 -32.78 -36.64
CA GLY A 118 -14.06 -32.39 -38.03
C GLY A 118 -14.57 -30.97 -38.13
N LEU A 119 -14.22 -30.13 -37.16
CA LEU A 119 -14.74 -28.78 -37.07
C LEU A 119 -13.68 -27.77 -37.41
N SER A 120 -14.13 -26.59 -37.81
CA SER A 120 -13.24 -25.60 -38.34
C SER A 120 -13.87 -24.23 -38.13
N HIS A 121 -13.01 -23.25 -37.97
CA HIS A 121 -13.38 -21.86 -38.04
C HIS A 121 -12.09 -21.04 -38.13
N ARG A 122 -12.14 -19.93 -38.83
CA ARG A 122 -10.96 -19.10 -39.09
C ARG A 122 -10.21 -18.59 -37.86
N LEU A 123 -10.92 -18.39 -36.75
CA LEU A 123 -10.33 -17.83 -35.54
C LEU A 123 -9.92 -18.90 -34.52
N LEU A 124 -10.34 -20.15 -34.73
CA LEU A 124 -9.94 -21.23 -33.83
C LEU A 124 -8.47 -21.21 -33.45
N ASN A 125 -7.59 -20.93 -34.42
CA ASN A 125 -6.16 -20.89 -34.15
C ASN A 125 -5.77 -19.97 -32.97
N SER A 126 -6.64 -19.01 -32.64
CA SER A 126 -6.31 -18.02 -31.60
C SER A 126 -6.87 -18.38 -30.19
N PHE A 127 -7.49 -19.55 -30.10
CA PHE A 127 -7.93 -20.17 -28.86
C PHE A 127 -7.00 -21.35 -28.59
N LYS A 128 -6.25 -21.28 -27.48
CA LYS A 128 -5.09 -22.14 -27.22
C LYS A 128 -5.32 -22.84 -25.87
N VAL A 129 -5.23 -24.18 -25.91
CA VAL A 129 -5.17 -25.03 -24.71
C VAL A 129 -3.86 -25.81 -24.80
N ILE A 130 -2.89 -25.41 -23.97
CA ILE A 130 -1.53 -25.90 -23.99
C ILE A 130 -1.21 -26.65 -22.65
N PRO A 131 -0.77 -27.92 -22.70
CA PRO A 131 -0.36 -28.61 -21.46
C PRO A 131 0.67 -27.81 -20.69
N ARG A 132 0.51 -27.76 -19.36
CA ARG A 132 1.34 -26.91 -18.51
C ARG A 132 1.91 -27.86 -17.44
N PHE A 133 3.25 -27.84 -17.31
CA PHE A 133 3.94 -28.72 -16.42
C PHE A 133 4.51 -27.90 -15.31
N ALA A 134 4.53 -28.46 -14.10
CA ALA A 134 5.25 -27.82 -13.03
C ALA A 134 6.14 -28.88 -12.32
N LEU A 135 7.30 -28.43 -11.87
CA LEU A 135 8.25 -29.27 -11.15
C LEU A 135 8.50 -28.68 -9.77
N SER A 136 8.06 -29.42 -8.75
CA SER A 136 8.05 -28.95 -7.40
C SER A 136 9.06 -29.77 -6.56
N PRO A 137 10.15 -29.16 -6.15
CA PRO A 137 11.02 -29.86 -5.20
C PRO A 137 10.41 -29.74 -3.83
N LYS A 138 10.22 -30.90 -3.21
CA LYS A 138 9.55 -31.02 -1.92
C LYS A 138 10.39 -31.91 -1.00
N ILE A 139 10.43 -31.52 0.27
CA ILE A 139 11.05 -32.32 1.32
C ILE A 139 10.07 -33.35 1.83
N TYR A 140 10.48 -34.63 1.83
CA TYR A 140 9.70 -35.71 2.33
C TYR A 140 10.59 -36.58 3.23
N GLU A 141 9.96 -37.53 3.90
CA GLU A 141 10.64 -38.46 4.82
C GLU A 141 10.26 -39.87 4.52
N PRO A 142 11.15 -40.62 3.85
CA PRO A 142 10.79 -42.02 3.67
C PRO A 142 10.55 -42.69 5.04
N VAL A 143 11.50 -42.54 5.94
CA VAL A 143 11.32 -43.05 7.31
C VAL A 143 11.52 -41.92 8.29
N ASP A 144 10.94 -42.05 9.48
CA ASP A 144 11.09 -41.02 10.49
C ASP A 144 12.55 -40.74 10.72
N GLY A 145 12.90 -39.47 10.82
CA GLY A 145 14.26 -39.09 11.12
C GLY A 145 15.11 -38.88 9.88
N THR A 146 14.61 -39.29 8.72
CA THR A 146 15.41 -39.10 7.49
C THR A 146 14.61 -38.36 6.41
N THR A 147 15.15 -37.20 6.05
CA THR A 147 14.57 -36.32 5.09
C THR A 147 15.29 -36.50 3.78
N ARG A 148 14.55 -36.30 2.70
CA ARG A 148 15.08 -36.35 1.35
C ARG A 148 14.36 -35.25 0.55
N VAL A 149 14.86 -34.98 -0.64
CA VAL A 149 14.19 -34.02 -1.54
C VAL A 149 13.75 -34.79 -2.75
N GLY A 150 12.53 -34.54 -3.19
CA GLY A 150 11.98 -35.16 -4.37
C GLY A 150 11.59 -34.05 -5.32
N VAL A 151 11.46 -34.36 -6.60
CA VAL A 151 10.91 -33.43 -7.57
C VAL A 151 9.57 -34.01 -8.01
N PHE A 152 8.48 -33.26 -7.76
CA PHE A 152 7.17 -33.77 -8.04
C PHE A 152 6.57 -33.11 -9.29
N VAL A 153 6.06 -33.95 -10.19
CA VAL A 153 5.61 -33.49 -11.50
C VAL A 153 4.07 -33.35 -11.53
N THR A 154 3.58 -32.16 -11.86
CA THR A 154 2.16 -31.95 -12.01
C THR A 154 1.87 -31.38 -13.44
N ILE A 155 0.66 -31.64 -13.89
CA ILE A 155 0.20 -31.29 -15.23
C ILE A 155 -1.16 -30.61 -15.11
N GLY A 156 -1.28 -29.46 -15.74
CA GLY A 156 -2.60 -28.85 -15.93
C GLY A 156 -2.68 -28.39 -17.40
N MET A 157 -3.67 -27.55 -17.69
CA MET A 157 -3.86 -27.01 -19.04
C MET A 157 -4.00 -25.52 -18.98
N ARG A 158 -3.20 -24.80 -19.78
CA ARG A 158 -3.28 -23.35 -19.89
C ARG A 158 -4.32 -23.08 -20.95
N TYR A 159 -5.38 -22.38 -20.56
CA TYR A 159 -6.42 -21.93 -21.50
C TYR A 159 -6.18 -20.43 -21.74
N ASP A 160 -6.10 -20.04 -23.03
CA ASP A 160 -5.82 -18.66 -23.35
C ASP A 160 -6.50 -18.29 -24.70
N ILE A 161 -7.08 -17.09 -24.75
CA ILE A 161 -7.75 -16.58 -25.93
C ILE A 161 -6.90 -15.42 -26.38
N GLU A 162 -5.96 -15.75 -27.26
CA GLU A 162 -5.02 -14.78 -27.83
C GLU A 162 -5.69 -13.77 -28.80
N ALA A 163 -6.86 -14.12 -29.36
CA ALA A 163 -7.51 -13.31 -30.42
C ALA A 163 -7.71 -11.85 -30.06
N SER A 164 -7.44 -10.95 -31.01
CA SER A 164 -7.73 -9.54 -30.74
C SER A 164 -9.23 -9.37 -30.58
N LEU A 165 -9.61 -8.40 -29.77
CA LEU A 165 -11.00 -8.16 -29.45
C LEU A 165 -11.77 -7.65 -30.67
N ARG A 166 -11.06 -6.93 -31.54
CA ARG A 166 -11.65 -6.41 -32.79
C ARG A 166 -12.03 -7.59 -33.67
N ASP A 167 -11.10 -8.51 -33.84
CA ASP A 167 -11.32 -9.74 -34.61
C ASP A 167 -12.50 -10.56 -34.12
N LEU A 168 -12.68 -10.62 -32.80
CA LEU A 168 -13.79 -11.36 -32.19
C LEU A 168 -15.12 -10.66 -32.41
N LEU A 169 -15.14 -9.36 -32.17
CA LEU A 169 -16.36 -8.57 -32.45
C LEU A 169 -16.70 -8.65 -33.95
N GLU A 170 -15.72 -8.41 -34.81
CA GLU A 170 -15.94 -8.49 -36.27
C GLU A 170 -16.39 -9.85 -36.75
N ALA A 171 -16.10 -10.89 -35.97
CA ALA A 171 -16.63 -12.23 -36.27
C ALA A 171 -18.04 -12.46 -35.73
N GLY A 172 -18.63 -11.44 -35.10
CA GLY A 172 -20.02 -11.54 -34.62
C GLY A 172 -20.19 -11.99 -33.17
N ILE A 173 -19.16 -11.84 -32.33
CA ILE A 173 -19.31 -12.14 -30.91
C ILE A 173 -19.65 -10.88 -30.14
N ASP A 174 -20.75 -10.95 -29.39
CA ASP A 174 -21.16 -9.92 -28.49
C ASP A 174 -20.27 -9.98 -27.25
N LEU A 175 -19.33 -9.06 -27.17
CA LEU A 175 -18.42 -8.96 -26.05
C LEU A 175 -18.98 -8.27 -24.82
N ARG A 176 -20.22 -7.77 -24.91
CA ARG A 176 -20.82 -7.02 -23.81
C ARG A 176 -20.88 -7.84 -22.52
N GLY A 177 -20.18 -7.33 -21.51
CA GLY A 177 -20.17 -7.94 -20.17
C GLY A 177 -19.15 -9.06 -19.97
N MET A 178 -18.33 -9.36 -20.98
CA MET A 178 -17.25 -10.35 -20.78
C MET A 178 -16.10 -9.70 -20.05
N TYR A 179 -15.41 -10.49 -19.22
CA TYR A 179 -14.27 -9.99 -18.50
C TYR A 179 -13.05 -9.96 -19.39
N VAL A 180 -12.27 -8.93 -19.21
CA VAL A 180 -11.06 -8.74 -19.95
C VAL A 180 -9.90 -8.59 -18.97
N VAL A 181 -8.73 -9.08 -19.40
CA VAL A 181 -7.51 -9.05 -18.60
C VAL A 181 -6.37 -8.44 -19.43
N ARG A 182 -5.33 -7.99 -18.75
CA ARG A 182 -4.11 -7.48 -19.36
C ARG A 182 -3.38 -8.49 -20.21
N ARG A 183 -2.86 -8.09 -21.36
CA ARG A 183 -2.06 -8.96 -22.19
C ARG A 183 -0.69 -9.05 -21.59
N LYS A 184 -0.23 -7.98 -21.00
CA LYS A 184 1.05 -7.98 -20.33
C LYS A 184 0.86 -7.44 -18.96
N ARG A 185 1.16 -8.27 -17.95
CA ARG A 185 1.02 -7.86 -16.56
C ARG A 185 2.36 -7.40 -16.00
N GLN A 186 2.51 -6.09 -15.84
CA GLN A 186 3.73 -5.51 -15.31
C GLN A 186 4.09 -6.13 -13.97
N PRO A 187 5.36 -5.78 -13.45
CA PRO A 187 5.65 -6.41 -12.15
C PRO A 187 4.56 -6.13 -11.12
N GLY A 188 4.14 -7.16 -10.40
CA GLY A 188 3.11 -7.01 -9.40
C GLY A 188 1.95 -6.15 -9.86
N GLU A 189 1.41 -6.48 -11.02
CA GLU A 189 0.30 -5.73 -11.59
C GLU A 189 -0.96 -6.59 -11.67
N ARG A 190 -2.12 -5.95 -11.48
CA ARG A 190 -3.40 -6.66 -11.52
C ARG A 190 -3.76 -7.06 -12.95
N GLY A 191 -4.09 -8.33 -13.14
CA GLY A 191 -4.46 -8.84 -14.47
C GLY A 191 -5.83 -8.33 -14.83
N LEU A 192 -6.79 -8.55 -13.95
CA LEU A 192 -8.19 -8.24 -14.27
C LEU A 192 -8.48 -6.74 -14.44
N LEU A 193 -9.04 -6.41 -15.60
CA LEU A 193 -9.32 -5.00 -15.97
C LEU A 193 -10.77 -4.64 -15.68
N GLY A 194 -11.66 -5.54 -16.02
CA GLY A 194 -13.06 -5.33 -15.80
C GLY A 194 -13.84 -6.06 -16.86
N ARG A 195 -15.04 -5.54 -17.08
CA ARG A 195 -16.10 -6.07 -17.93
C ARG A 195 -16.27 -5.16 -19.18
N VAL A 196 -16.66 -5.73 -20.33
CA VAL A 196 -16.69 -4.95 -21.57
C VAL A 196 -18.03 -4.23 -21.67
N ARG A 197 -17.99 -2.89 -21.63
CA ARG A 197 -19.19 -2.05 -21.88
C ARG A 197 -19.41 -1.94 -23.39
N ALA A 198 -18.39 -1.44 -24.08
CA ALA A 198 -18.43 -1.30 -25.52
C ALA A 198 -17.02 -1.02 -26.01
N ILE A 199 -16.82 -1.07 -27.32
CA ILE A 199 -15.57 -0.62 -27.95
C ILE A 199 -15.83 0.60 -28.85
N SER A 200 -15.08 1.67 -28.62
CA SER A 200 -15.21 2.91 -29.39
C SER A 200 -14.12 2.92 -30.46
N ASP A 201 -13.10 3.78 -30.30
CA ASP A 201 -12.01 3.87 -31.27
C ASP A 201 -11.10 2.62 -31.16
N ASP A 202 -9.86 2.79 -30.73
CA ASP A 202 -8.98 1.67 -30.47
C ASP A 202 -9.09 1.30 -28.98
N MET A 203 -10.29 1.44 -28.41
CA MET A 203 -10.46 1.60 -26.97
C MET A 203 -11.65 0.81 -26.41
N VAL A 204 -11.39 -0.10 -25.46
CA VAL A 204 -12.48 -0.78 -24.71
C VAL A 204 -12.98 0.09 -23.55
N GLN A 205 -14.28 0.36 -23.56
CA GLN A 205 -14.97 0.97 -22.42
C GLN A 205 -15.34 -0.15 -21.42
N LEU A 206 -14.92 0.02 -20.16
CA LEU A 206 -15.18 -0.99 -19.11
C LEU A 206 -16.17 -0.53 -18.10
N PHE A 207 -17.01 -1.46 -17.64
CA PHE A 207 -17.69 -1.29 -16.36
C PHE A 207 -17.17 -2.36 -15.37
N GLU A 208 -17.60 -2.24 -14.12
CA GLU A 208 -17.03 -3.02 -13.02
C GLU A 208 -15.53 -3.04 -13.19
N GLU A 209 -14.98 -1.85 -13.46
CA GLU A 209 -13.55 -1.74 -13.71
C GLU A 209 -12.80 -1.87 -12.40
N THR A 210 -11.58 -2.38 -12.47
CA THR A 210 -10.72 -2.54 -11.31
C THR A 210 -9.82 -1.32 -11.11
N ASP A 211 -9.33 -0.77 -12.21
CA ASP A 211 -8.56 0.48 -12.20
C ASP A 211 -9.28 1.53 -13.09
N LEU A 212 -8.73 1.82 -14.28
CA LEU A 212 -9.27 2.85 -15.16
C LEU A 212 -10.50 2.32 -15.87
N ALA A 213 -11.42 3.20 -16.25
CA ALA A 213 -12.64 2.76 -16.92
C ALA A 213 -12.45 2.49 -18.43
N SER A 214 -11.22 2.56 -18.91
CA SER A 214 -10.93 2.38 -20.33
C SER A 214 -9.53 1.80 -20.56
N VAL A 215 -9.38 1.06 -21.65
CA VAL A 215 -8.07 0.47 -22.01
C VAL A 215 -8.06 0.25 -23.53
N ASN A 216 -6.87 0.25 -24.12
CA ASN A 216 -6.73 0.05 -25.58
C ASN A 216 -6.99 -1.38 -25.97
N VAL A 217 -7.86 -1.58 -26.95
CA VAL A 217 -8.10 -2.89 -27.51
C VAL A 217 -6.82 -3.73 -27.59
N ASN A 218 -5.67 -3.09 -27.81
CA ASN A 218 -4.42 -3.82 -27.98
C ASN A 218 -3.71 -4.25 -26.67
N ASP A 219 -4.09 -3.67 -25.54
CA ASP A 219 -3.48 -4.01 -24.25
C ASP A 219 -4.31 -5.04 -23.47
N ALA A 220 -5.49 -5.35 -24.00
CA ALA A 220 -6.45 -6.24 -23.35
C ALA A 220 -6.78 -7.49 -24.16
N LYS A 221 -7.16 -8.55 -23.45
CA LYS A 221 -7.66 -9.79 -24.05
C LYS A 221 -8.77 -10.35 -23.22
N LEU A 222 -9.57 -11.25 -23.77
CA LEU A 222 -10.59 -11.91 -22.99
C LEU A 222 -9.90 -12.79 -21.93
N GLU A 223 -10.46 -12.83 -20.74
CA GLU A 223 -9.89 -13.73 -19.74
C GLU A 223 -10.12 -15.18 -20.21
N GLY A 224 -9.14 -16.05 -19.95
CA GLY A 224 -9.18 -17.46 -20.32
C GLY A 224 -10.07 -18.38 -19.51
N SER A 225 -11.26 -17.92 -19.21
CA SER A 225 -12.21 -18.68 -18.44
C SER A 225 -12.95 -19.59 -19.34
N LYS A 226 -13.55 -20.60 -18.73
CA LYS A 226 -14.49 -21.48 -19.39
C LYS A 226 -15.74 -20.72 -19.88
N GLU A 227 -16.26 -19.75 -19.11
CA GLU A 227 -17.29 -18.85 -19.63
C GLU A 227 -16.88 -18.22 -20.97
N ASN A 228 -15.71 -17.59 -21.06
CA ASN A 228 -15.36 -16.92 -22.32
C ASN A 228 -15.11 -17.92 -23.46
N PHE A 229 -14.54 -19.09 -23.17
CA PHE A 229 -14.40 -20.13 -24.19
C PHE A 229 -15.79 -20.55 -24.69
N THR A 230 -16.69 -20.92 -23.82
CA THR A 230 -17.99 -21.36 -24.34
C THR A 230 -18.73 -20.25 -25.08
N ARG A 231 -18.69 -19.03 -24.54
CA ARG A 231 -19.39 -17.93 -25.15
C ARG A 231 -18.87 -17.67 -26.56
N CYS A 232 -17.54 -17.66 -26.73
CA CYS A 232 -16.94 -17.44 -28.02
C CYS A 232 -17.23 -18.60 -28.99
N LEU A 233 -16.98 -19.81 -28.53
CA LEU A 233 -17.06 -20.98 -29.39
C LEU A 233 -18.49 -21.29 -29.80
N SER A 234 -19.46 -21.14 -28.90
CA SER A 234 -20.87 -21.32 -29.27
C SER A 234 -21.29 -20.31 -30.36
N ALA A 235 -20.78 -19.08 -30.28
CA ALA A 235 -21.08 -18.06 -31.27
C ALA A 235 -20.43 -18.42 -32.60
N LEU A 236 -19.19 -18.89 -32.55
CA LEU A 236 -18.42 -19.21 -33.75
C LEU A 236 -18.74 -20.55 -34.38
N LEU A 237 -19.37 -21.44 -33.62
CA LEU A 237 -19.62 -22.79 -34.10
C LEU A 237 -21.00 -23.42 -33.77
N GLY A 238 -21.73 -22.89 -32.79
CA GLY A 238 -22.69 -23.71 -32.02
C GLY A 238 -23.93 -24.13 -32.80
N HIS A 239 -24.73 -25.07 -32.30
CA HIS A 239 -24.46 -25.89 -31.13
C HIS A 239 -23.78 -27.20 -31.53
N ASN A 240 -22.84 -27.11 -32.48
CA ASN A 240 -21.82 -28.14 -32.66
C ASN A 240 -20.71 -27.96 -31.63
N TYR A 241 -20.64 -26.77 -31.03
CA TYR A 241 -19.49 -26.38 -30.25
C TYR A 241 -19.28 -27.32 -29.05
N LYS A 242 -20.35 -27.93 -28.54
CA LYS A 242 -20.23 -28.98 -27.51
C LYS A 242 -19.23 -30.05 -27.97
N LYS A 243 -19.46 -30.57 -29.17
CA LYS A 243 -18.61 -31.61 -29.75
C LYS A 243 -17.13 -31.21 -29.77
N LEU A 244 -16.83 -29.94 -29.99
CA LEU A 244 -15.45 -29.47 -29.86
C LEU A 244 -14.97 -29.59 -28.40
N LEU A 245 -15.85 -29.26 -27.44
CA LEU A 245 -15.52 -29.37 -26.00
C LEU A 245 -15.32 -30.81 -25.58
N ASN A 246 -16.19 -31.71 -26.01
CA ASN A 246 -16.03 -33.12 -25.71
C ASN A 246 -14.76 -33.74 -26.31
N ALA A 247 -14.33 -33.24 -27.46
CA ALA A 247 -13.13 -33.76 -28.13
C ALA A 247 -11.92 -33.18 -27.45
N LEU A 248 -12.06 -31.94 -26.99
CA LEU A 248 -11.04 -31.30 -26.16
C LEU A 248 -10.83 -32.09 -24.86
N ASP A 249 -11.93 -32.52 -24.25
CA ASP A 249 -11.90 -33.34 -23.04
C ASP A 249 -11.21 -34.69 -23.32
N ASP A 250 -11.44 -35.26 -24.51
CA ASP A 250 -10.69 -36.45 -24.96
C ASP A 250 -9.19 -36.19 -25.11
N GLN A 251 -8.83 -35.03 -25.64
CA GLN A 251 -7.43 -34.65 -25.81
C GLN A 251 -6.71 -34.54 -24.46
N GLU A 252 -7.36 -33.85 -23.52
CA GLU A 252 -6.81 -33.71 -22.17
C GLU A 252 -6.71 -35.06 -21.46
N ALA A 253 -7.66 -35.96 -21.70
CA ALA A 253 -7.58 -37.29 -21.14
C ALA A 253 -6.27 -37.96 -21.56
N GLY A 254 -5.77 -37.62 -22.75
CA GLY A 254 -4.46 -38.11 -23.22
C GLY A 254 -3.27 -37.69 -22.37
N TYR A 255 -3.49 -36.73 -21.46
CA TYR A 255 -2.43 -36.32 -20.53
C TYR A 255 -2.74 -36.63 -19.08
N ARG A 256 -4.02 -36.72 -18.73
CA ARG A 256 -4.44 -36.67 -17.33
C ARG A 256 -5.05 -37.93 -16.77
N THR A 257 -5.52 -38.84 -17.61
CA THR A 257 -5.91 -40.16 -17.12
C THR A 257 -4.67 -40.88 -16.51
N GLY A 258 -4.93 -41.79 -15.59
CA GLY A 258 -3.89 -42.46 -14.81
C GLY A 258 -2.71 -43.00 -15.59
N PRO A 259 -2.96 -43.88 -16.58
CA PRO A 259 -1.86 -44.44 -17.36
C PRO A 259 -1.13 -43.39 -18.14
N ARG A 260 -1.85 -42.43 -18.70
CA ARG A 260 -1.21 -41.39 -19.48
C ARG A 260 -0.43 -40.37 -18.65
N PHE A 261 -0.95 -40.07 -17.46
CA PHE A 261 -0.23 -39.19 -16.53
C PHE A 261 1.06 -39.88 -16.04
N ASP A 262 0.93 -41.16 -15.70
CA ASP A 262 2.08 -41.96 -15.24
C ASP A 262 3.15 -41.91 -16.31
N ASP A 263 2.73 -42.02 -17.58
CA ASP A 263 3.68 -41.97 -18.68
C ASP A 263 4.32 -40.62 -18.86
N ALA A 264 3.55 -39.54 -18.72
CA ALA A 264 4.12 -38.21 -18.86
C ALA A 264 5.15 -37.98 -17.76
N VAL A 265 4.86 -38.43 -16.54
CA VAL A 265 5.78 -38.29 -15.41
C VAL A 265 7.08 -39.10 -15.69
N ARG A 266 6.92 -40.29 -16.22
CA ARG A 266 8.08 -41.15 -16.57
C ARG A 266 8.94 -40.40 -17.55
N ARG A 267 8.29 -39.92 -18.62
CA ARG A 267 9.02 -39.19 -19.65
C ARG A 267 9.65 -37.95 -19.13
N MET A 268 9.03 -37.29 -18.16
CA MET A 268 9.65 -36.08 -17.60
C MET A 268 10.91 -36.49 -16.85
N GLY A 269 10.78 -37.56 -16.08
CA GLY A 269 11.89 -38.07 -15.28
C GLY A 269 13.02 -38.48 -16.17
N GLU A 270 12.69 -39.20 -17.25
CA GLU A 270 13.73 -39.65 -18.18
C GLU A 270 14.52 -38.51 -18.67
N PHE A 271 13.82 -37.45 -19.08
CA PHE A 271 14.50 -36.27 -19.54
C PHE A 271 15.42 -35.65 -18.49
N LEU A 272 14.91 -35.47 -17.29
CA LEU A 272 15.68 -34.77 -16.25
C LEU A 272 16.88 -35.63 -15.76
N ALA A 273 16.72 -36.94 -15.84
CA ALA A 273 17.73 -37.91 -15.42
C ALA A 273 18.84 -38.12 -16.43
N LYS A 274 18.70 -37.51 -17.62
CA LYS A 274 19.61 -37.69 -18.76
C LYS A 274 21.02 -37.26 -18.42
N LYS A 275 21.14 -36.03 -17.94
CA LYS A 275 22.41 -35.49 -17.48
C LYS A 275 22.36 -35.24 -15.97
N PRO A 276 23.53 -35.04 -15.35
CA PRO A 276 23.48 -34.46 -14.01
C PRO A 276 22.85 -33.07 -14.07
N ILE A 277 22.22 -32.64 -12.97
CA ILE A 277 21.69 -31.28 -12.86
C ILE A 277 22.68 -30.37 -12.15
N ARG A 278 23.04 -29.26 -12.79
CA ARG A 278 24.07 -28.36 -12.28
C ARG A 278 23.57 -27.49 -11.12
N LEU A 279 23.96 -27.83 -9.90
CA LEU A 279 23.63 -27.00 -8.74
C LEU A 279 24.57 -25.80 -8.70
N ALA A 280 25.84 -26.08 -8.94
CA ALA A 280 26.84 -25.05 -9.17
C ALA A 280 27.86 -25.65 -10.14
N ASP A 281 28.85 -24.86 -10.57
CA ASP A 281 29.77 -25.34 -11.64
C ASP A 281 30.68 -26.53 -11.22
N ASN A 282 30.68 -26.87 -9.94
CA ASN A 282 31.42 -28.00 -9.39
C ASN A 282 30.56 -28.95 -8.56
N ILE A 283 29.25 -28.69 -8.53
CA ILE A 283 28.31 -29.42 -7.67
C ILE A 283 27.11 -29.87 -8.50
N ASN A 284 26.80 -31.15 -8.47
CA ASN A 284 25.72 -31.70 -9.29
C ASN A 284 24.70 -32.50 -8.49
N ALA A 285 23.51 -32.66 -9.08
CA ALA A 285 22.47 -33.50 -8.53
C ALA A 285 22.04 -34.51 -9.58
N GLN A 286 21.32 -35.52 -9.15
CA GLN A 286 20.83 -36.53 -10.06
C GLN A 286 19.44 -36.95 -9.71
N VAL A 287 18.58 -36.94 -10.73
CA VAL A 287 17.23 -37.40 -10.60
C VAL A 287 17.18 -38.92 -10.61
N GLY A 288 16.64 -39.51 -9.54
CA GLY A 288 16.71 -40.94 -9.31
C GLY A 288 15.44 -41.72 -9.51
N ASP A 289 15.23 -42.74 -8.69
CA ASP A 289 14.06 -43.60 -8.82
C ASP A 289 12.77 -42.79 -8.53
N ARG A 290 11.67 -43.24 -9.14
CA ARG A 290 10.34 -42.79 -8.79
C ARG A 290 10.09 -43.08 -7.32
N ILE A 291 9.56 -42.08 -6.63
CA ILE A 291 9.22 -42.23 -5.23
C ILE A 291 7.96 -43.05 -5.05
N VAL A 292 8.04 -43.98 -4.10
CA VAL A 292 6.99 -44.87 -3.90
C VAL A 292 6.57 -44.82 -2.42
N PHE A 293 5.37 -45.30 -2.14
CA PHE A 293 4.86 -45.47 -0.80
C PHE A 293 4.58 -46.94 -0.60
N SER A 294 5.46 -47.56 0.18
CA SER A 294 5.36 -48.98 0.48
C SER A 294 5.78 -49.30 1.90
N ASN A 295 5.59 -50.55 2.29
CA ASN A 295 6.11 -51.08 3.56
C ASN A 295 7.28 -52.07 3.36
N GLU A 296 7.99 -51.92 2.24
CA GLU A 296 9.24 -52.64 2.03
C GLU A 296 10.35 -52.11 2.95
N GLY A 297 11.10 -53.03 3.56
CA GLY A 297 12.29 -52.68 4.35
C GLY A 297 11.95 -52.09 5.71
N GLN A 298 12.63 -51.00 6.05
CA GLN A 298 12.34 -50.20 7.24
C GLN A 298 11.15 -49.22 7.07
N ALA A 299 10.57 -49.12 5.88
CA ALA A 299 9.49 -48.15 5.59
C ALA A 299 8.12 -48.68 5.94
N ARG A 300 7.31 -47.85 6.60
CA ARG A 300 5.90 -48.18 6.86
C ARG A 300 5.05 -46.99 6.38
N ASN A 301 4.78 -46.98 5.08
CA ASN A 301 4.33 -45.77 4.38
C ASN A 301 3.02 -45.84 3.66
N VAL A 302 2.36 -46.97 3.72
CA VAL A 302 1.06 -47.06 3.11
C VAL A 302 0.18 -47.96 3.94
N ARG A 303 -1.03 -47.49 4.21
CA ARG A 303 -2.06 -48.36 4.70
C ARG A 303 -3.36 -48.11 3.97
N LEU A 304 -4.27 -49.02 4.19
CA LEU A 304 -5.58 -48.95 3.64
C LEU A 304 -6.52 -48.92 4.81
N ALA A 305 -7.18 -47.79 5.02
CA ALA A 305 -8.22 -47.73 6.01
C ALA A 305 -9.35 -48.68 5.64
N PRO A 306 -9.99 -49.27 6.63
CA PRO A 306 -11.20 -50.04 6.35
C PRO A 306 -12.30 -49.22 5.66
N LYS A 307 -13.22 -49.91 5.01
CA LYS A 307 -14.31 -49.21 4.35
C LYS A 307 -15.15 -48.53 5.43
N VAL A 308 -15.56 -47.29 5.18
CA VAL A 308 -16.48 -46.59 6.08
C VAL A 308 -17.81 -47.33 6.15
N GLU A 309 -18.41 -47.41 7.33
CA GLU A 309 -19.74 -47.99 7.44
C GLU A 309 -20.77 -46.91 7.75
N TYR A 310 -21.83 -46.89 6.96
CA TYR A 310 -22.99 -46.07 7.25
C TYR A 310 -23.87 -46.80 8.25
N VAL A 311 -24.12 -46.19 9.41
CA VAL A 311 -24.88 -46.89 10.45
C VAL A 311 -26.25 -46.26 10.74
N PHE A 312 -27.22 -47.15 10.94
CA PHE A 312 -28.62 -46.80 11.02
C PHE A 312 -29.30 -47.23 12.32
N ASP A 313 -28.51 -47.66 13.29
CA ASP A 313 -29.01 -47.76 14.63
C ASP A 313 -27.87 -47.70 15.63
N ARG A 314 -28.22 -47.64 16.90
CA ARG A 314 -27.24 -47.63 18.00
C ARG A 314 -26.63 -49.02 18.25
N THR A 315 -27.29 -50.07 17.78
CA THR A 315 -26.81 -51.46 17.96
C THR A 315 -25.63 -51.82 17.06
N GLY A 316 -25.28 -50.95 16.11
CA GLY A 316 -24.28 -51.26 15.09
C GLY A 316 -24.77 -52.24 14.03
N ALA A 317 -25.77 -53.05 14.40
CA ALA A 317 -26.23 -54.19 13.57
C ALA A 317 -26.77 -53.78 12.20
N LYS A 318 -27.41 -52.60 12.13
CA LYS A 318 -27.93 -52.07 10.88
C LYS A 318 -26.89 -51.15 10.26
N SER A 319 -26.06 -51.69 9.38
CA SER A 319 -25.01 -50.92 8.71
C SER A 319 -24.91 -51.33 7.25
N ALA A 320 -24.32 -50.47 6.43
CA ALA A 320 -24.24 -50.68 4.99
C ALA A 320 -23.04 -49.94 4.46
N GLU A 321 -22.44 -50.44 3.38
CA GLU A 321 -21.28 -49.81 2.75
C GLU A 321 -21.63 -48.49 2.03
N TYR A 322 -22.92 -48.29 1.76
CA TYR A 322 -23.40 -47.15 0.96
C TYR A 322 -24.63 -46.56 1.63
N ALA A 323 -24.70 -45.22 1.64
CA ALA A 323 -25.79 -44.50 2.29
C ALA A 323 -27.20 -44.88 1.80
N TRP A 324 -27.43 -44.85 0.50
CA TRP A 324 -28.78 -45.10 -0.01
C TRP A 324 -29.25 -46.57 0.28
N ARG A 325 -28.45 -47.55 -0.11
CA ARG A 325 -28.71 -48.95 0.21
C ARG A 325 -29.13 -49.10 1.67
N GLY A 326 -28.37 -48.46 2.55
CA GLY A 326 -28.66 -48.55 3.98
C GLY A 326 -29.96 -47.86 4.32
N LEU A 327 -30.15 -46.66 3.78
CA LEU A 327 -31.35 -45.89 4.09
C LEU A 327 -32.60 -46.65 3.61
N SER A 328 -32.59 -47.06 2.34
CA SER A 328 -33.66 -47.91 1.78
C SER A 328 -34.01 -49.12 2.67
N GLN A 329 -33.00 -49.90 3.03
CA GLN A 329 -33.20 -51.12 3.80
C GLN A 329 -33.71 -50.79 5.19
N PHE A 330 -33.04 -49.86 5.85
CA PHE A 330 -33.25 -49.68 7.28
C PHE A 330 -34.17 -48.53 7.65
N GLY A 331 -34.30 -47.53 6.79
CA GLY A 331 -34.84 -46.22 7.20
C GLY A 331 -33.81 -45.50 8.08
N PRO A 332 -34.16 -44.31 8.60
CA PRO A 332 -33.13 -43.46 9.25
C PRO A 332 -32.69 -43.89 10.64
N PHE A 333 -31.46 -43.52 10.95
CA PHE A 333 -30.86 -43.77 12.26
C PHE A 333 -31.77 -43.39 13.43
N ASP A 334 -32.55 -42.32 13.31
CA ASP A 334 -33.38 -41.88 14.42
C ASP A 334 -34.88 -42.19 14.31
N ARG A 335 -35.29 -43.09 13.42
CA ARG A 335 -36.74 -43.27 13.25
C ARG A 335 -37.45 -43.68 14.53
N PRO A 336 -36.85 -44.54 15.37
CA PRO A 336 -37.59 -44.85 16.60
C PRO A 336 -38.01 -43.61 17.44
N SER A 337 -37.20 -42.56 17.45
CA SER A 337 -37.49 -41.39 18.28
C SER A 337 -38.01 -40.18 17.50
N PHE A 338 -38.00 -40.23 16.18
CA PHE A 338 -38.35 -39.05 15.40
C PHE A 338 -39.71 -38.49 15.81
N ALA A 339 -39.69 -37.34 16.48
CA ALA A 339 -40.88 -36.75 17.08
C ALA A 339 -42.01 -36.38 16.11
N ASN A 340 -41.67 -35.80 14.96
CA ASN A 340 -42.69 -35.18 14.09
C ASN A 340 -43.08 -36.01 12.85
N ARG A 341 -43.95 -36.97 13.05
CA ARG A 341 -44.29 -37.92 12.00
C ARG A 341 -45.32 -37.40 10.98
N SER A 342 -45.94 -36.25 11.24
CA SER A 342 -46.80 -35.63 10.23
C SER A 342 -46.43 -34.16 9.98
N PRO A 343 -45.30 -33.92 9.31
CA PRO A 343 -44.87 -32.57 8.98
C PRO A 343 -45.81 -31.82 8.01
N ARG A 344 -46.01 -30.54 8.28
CA ARG A 344 -46.64 -29.58 7.37
C ARG A 344 -45.60 -28.76 6.64
N ILE A 345 -45.61 -28.84 5.31
CA ILE A 345 -44.57 -28.20 4.52
C ILE A 345 -45.17 -27.16 3.61
N LEU A 346 -44.72 -25.92 3.79
CA LEU A 346 -45.09 -24.81 2.93
C LEU A 346 -44.42 -24.92 1.56
N VAL A 347 -45.18 -24.86 0.47
CA VAL A 347 -44.57 -24.91 -0.85
C VAL A 347 -44.82 -23.62 -1.56
N VAL A 348 -43.75 -22.89 -1.81
CA VAL A 348 -43.77 -21.59 -2.38
C VAL A 348 -43.27 -21.70 -3.82
N TYR A 349 -44.11 -21.30 -4.78
CA TYR A 349 -43.74 -21.48 -6.20
C TYR A 349 -44.49 -20.47 -7.09
N PRO A 350 -43.89 -20.10 -8.24
CA PRO A 350 -44.60 -19.19 -9.15
C PRO A 350 -45.87 -19.88 -9.66
N SER A 351 -46.97 -19.14 -9.69
CA SER A 351 -48.30 -19.72 -10.00
C SER A 351 -48.32 -20.53 -11.32
N SER A 352 -47.57 -20.09 -12.32
CA SER A 352 -47.53 -20.80 -13.62
C SER A 352 -46.80 -22.17 -13.67
N THR A 353 -46.15 -22.57 -12.59
CA THR A 353 -45.43 -23.83 -12.54
C THR A 353 -46.22 -24.86 -11.77
N GLN A 354 -47.41 -24.47 -11.34
CA GLN A 354 -48.31 -25.28 -10.53
C GLN A 354 -48.34 -26.77 -10.87
N GLY A 355 -48.58 -27.09 -12.15
CA GLY A 355 -48.64 -28.46 -12.59
C GLY A 355 -47.30 -29.18 -12.45
N LYS A 356 -46.24 -28.56 -12.88
CA LYS A 356 -44.90 -29.14 -12.79
C LYS A 356 -44.48 -29.37 -11.30
N VAL A 357 -44.86 -28.42 -10.46
CA VAL A 357 -44.61 -28.50 -9.02
C VAL A 357 -45.38 -29.64 -8.38
N GLU A 358 -46.68 -29.76 -8.70
CA GLU A 358 -47.47 -30.86 -8.12
C GLU A 358 -46.90 -32.22 -8.48
N ASN A 359 -46.45 -32.38 -9.71
CA ASN A 359 -45.87 -33.67 -10.11
C ASN A 359 -44.62 -33.99 -9.29
N PHE A 360 -43.77 -32.99 -9.17
CA PHE A 360 -42.52 -33.09 -8.41
C PHE A 360 -42.82 -33.47 -6.96
N LEU A 361 -43.80 -32.78 -6.37
CA LEU A 361 -44.24 -33.05 -5.00
C LEU A 361 -44.77 -34.46 -4.80
N SER A 362 -45.56 -34.93 -5.78
CA SER A 362 -46.08 -36.28 -5.71
C SER A 362 -44.97 -37.31 -5.76
N ALA A 363 -44.05 -37.13 -6.69
CA ALA A 363 -42.87 -37.98 -6.81
C ALA A 363 -42.06 -37.95 -5.53
N PHE A 364 -41.92 -36.78 -4.92
CA PHE A 364 -41.20 -36.64 -3.66
C PHE A 364 -41.84 -37.37 -2.49
N ARG A 365 -43.11 -37.05 -2.23
CA ARG A 365 -43.80 -37.56 -1.07
C ARG A 365 -44.15 -39.05 -1.22
N ASP A 366 -44.62 -39.40 -2.40
CA ASP A 366 -45.26 -40.71 -2.64
C ASP A 366 -44.40 -41.62 -3.53
N GLY A 367 -43.24 -41.13 -3.95
CA GLY A 367 -42.27 -41.94 -4.66
C GLY A 367 -42.64 -42.05 -6.13
N MET A 368 -41.70 -42.54 -6.91
CA MET A 368 -41.82 -42.61 -8.36
C MET A 368 -42.30 -43.97 -8.88
N GLY A 369 -42.47 -44.93 -7.96
CA GLY A 369 -42.91 -46.27 -8.29
C GLY A 369 -41.80 -47.24 -8.67
N SER A 370 -42.17 -48.52 -8.85
CA SER A 370 -41.21 -49.59 -9.05
C SER A 370 -40.45 -49.53 -10.37
N ASN A 371 -40.88 -48.69 -11.33
CA ASN A 371 -40.08 -48.44 -12.52
C ASN A 371 -38.80 -47.62 -12.28
N TYR A 372 -38.74 -46.93 -11.14
CA TYR A 372 -37.58 -46.08 -10.81
C TYR A 372 -37.12 -46.47 -9.44
N SER A 373 -36.35 -47.57 -9.43
CA SER A 373 -35.88 -48.24 -8.22
C SER A 373 -35.04 -47.29 -7.34
N GLY A 374 -34.44 -46.27 -7.95
CA GLY A 374 -33.71 -45.25 -7.22
C GLY A 374 -34.56 -44.40 -6.28
N PHE A 375 -35.86 -44.30 -6.55
CA PHE A 375 -36.74 -43.56 -5.66
C PHE A 375 -38.19 -44.04 -5.71
N SER A 376 -38.42 -45.26 -5.24
CA SER A 376 -39.72 -45.92 -5.40
C SER A 376 -40.72 -45.52 -4.35
N LYS A 377 -40.25 -45.56 -3.12
CA LYS A 377 -41.12 -45.51 -1.95
C LYS A 377 -41.69 -44.14 -1.70
N GLY A 378 -40.92 -43.10 -2.02
CA GLY A 378 -41.27 -41.76 -1.58
C GLY A 378 -40.87 -41.44 -0.15
N PHE A 379 -40.78 -40.14 0.10
CA PHE A 379 -40.31 -39.57 1.36
C PHE A 379 -40.98 -40.16 2.57
N VAL A 380 -42.31 -40.20 2.55
CA VAL A 380 -43.06 -40.63 3.73
C VAL A 380 -42.67 -42.05 4.16
N ASP A 381 -42.60 -42.96 3.20
CA ASP A 381 -42.25 -44.35 3.46
C ASP A 381 -40.75 -44.53 3.66
N LEU A 382 -39.97 -43.76 2.92
CA LEU A 382 -38.52 -43.79 3.02
C LEU A 382 -38.12 -43.48 4.47
N MET A 383 -38.65 -42.39 5.02
CA MET A 383 -38.27 -41.92 6.36
C MET A 383 -39.08 -42.49 7.53
N GLY A 384 -40.08 -43.31 7.23
CA GLY A 384 -40.90 -43.89 8.28
C GLY A 384 -41.82 -42.89 8.94
N LEU A 385 -42.37 -41.98 8.13
CA LEU A 385 -43.32 -40.98 8.61
C LEU A 385 -44.75 -41.46 8.34
N THR A 386 -45.72 -40.79 8.96
CA THR A 386 -47.12 -41.11 8.76
C THR A 386 -47.68 -40.39 7.53
N LYS A 387 -47.34 -39.11 7.38
CA LYS A 387 -47.74 -38.36 6.19
C LYS A 387 -47.02 -37.04 6.10
N VAL A 388 -47.16 -36.39 4.95
CA VAL A 388 -46.74 -35.01 4.77
C VAL A 388 -47.89 -34.16 4.24
N GLU A 389 -48.20 -33.10 4.96
CA GLU A 389 -49.21 -32.15 4.51
C GLU A 389 -48.53 -31.00 3.83
N PHE A 390 -48.90 -30.72 2.60
CA PHE A 390 -48.40 -29.56 1.87
C PHE A 390 -49.36 -28.40 2.02
N VAL A 391 -48.79 -27.20 2.20
CA VAL A 391 -49.55 -25.94 2.25
C VAL A 391 -49.06 -25.10 1.09
N MET A 392 -49.91 -24.98 0.08
CA MET A 392 -49.48 -24.45 -1.20
C MET A 392 -49.49 -22.95 -1.14
N CYS A 393 -48.43 -22.33 -1.65
CA CYS A 393 -48.28 -20.90 -1.64
C CYS A 393 -47.85 -20.39 -3.00
N PRO A 394 -48.80 -20.41 -3.96
CA PRO A 394 -48.46 -19.81 -5.23
C PRO A 394 -48.14 -18.32 -5.12
N VAL A 395 -47.22 -17.87 -5.97
CA VAL A 395 -46.80 -16.51 -6.04
C VAL A 395 -47.03 -16.00 -7.46
N GLU A 396 -47.63 -14.80 -7.56
CA GLU A 396 -47.87 -14.12 -8.84
C GLU A 396 -46.62 -13.43 -9.37
N VAL A 397 -45.78 -14.19 -10.04
CA VAL A 397 -44.49 -13.67 -10.42
C VAL A 397 -44.02 -14.32 -11.71
N SER A 398 -43.39 -13.55 -12.56
CA SER A 398 -42.87 -14.11 -13.81
C SER A 398 -41.36 -14.11 -13.83
N SER A 399 -40.82 -15.07 -14.58
CA SER A 399 -39.38 -15.22 -14.71
C SER A 399 -38.73 -13.98 -15.27
N ALA A 400 -39.49 -13.24 -16.06
CA ALA A 400 -38.94 -12.01 -16.65
C ALA A 400 -38.80 -10.88 -15.63
N ASP A 401 -39.55 -10.95 -14.53
CA ASP A 401 -39.47 -9.96 -13.45
C ASP A 401 -38.13 -10.08 -12.73
N ARG A 402 -37.27 -9.09 -12.86
CA ARG A 402 -35.95 -9.12 -12.26
C ARG A 402 -35.81 -8.28 -11.03
N ASN A 403 -36.77 -7.45 -10.75
CA ASN A 403 -36.60 -6.43 -9.72
C ASN A 403 -37.54 -6.53 -8.53
N GLY A 404 -38.69 -7.17 -8.71
CA GLY A 404 -39.63 -7.25 -7.61
C GLY A 404 -39.97 -8.67 -7.22
N ALA A 405 -39.24 -9.67 -7.76
CA ALA A 405 -39.60 -11.08 -7.50
C ALA A 405 -39.53 -11.44 -6.00
N HIS A 406 -38.51 -10.92 -5.34
CA HIS A 406 -38.28 -11.23 -3.92
C HIS A 406 -39.39 -10.65 -3.04
N THR A 407 -39.79 -9.42 -3.35
CA THR A 407 -40.93 -8.77 -2.68
C THR A 407 -42.19 -9.62 -2.83
N LYS A 408 -42.44 -10.12 -4.05
CA LYS A 408 -43.63 -10.91 -4.30
C LYS A 408 -43.60 -12.22 -3.57
N TYR A 409 -42.46 -12.89 -3.54
CA TYR A 409 -42.38 -14.16 -2.81
C TYR A 409 -42.67 -13.93 -1.32
N ASN A 410 -41.99 -12.95 -0.73
CA ASN A 410 -42.13 -12.66 0.69
C ASN A 410 -43.52 -12.18 1.10
N SER A 411 -44.20 -11.39 0.24
CA SER A 411 -45.58 -11.00 0.58
C SER A 411 -46.45 -12.18 0.61
N ALA A 412 -46.27 -13.09 -0.36
CA ALA A 412 -47.10 -14.27 -0.44
C ALA A 412 -46.90 -15.15 0.75
N ILE A 413 -45.63 -15.31 1.15
CA ILE A 413 -45.34 -16.16 2.32
C ILE A 413 -46.02 -15.58 3.57
N GLU A 414 -45.83 -14.29 3.81
CA GLU A 414 -46.40 -13.64 4.96
C GLU A 414 -47.92 -13.80 4.98
N ASP A 415 -48.55 -13.54 3.84
CA ASP A 415 -49.99 -13.64 3.76
C ASP A 415 -50.48 -15.03 4.04
N LYS A 416 -49.82 -16.03 3.47
CA LYS A 416 -50.21 -17.42 3.64
C LYS A 416 -50.01 -17.92 5.06
N LEU A 417 -48.93 -17.49 5.71
CA LEU A 417 -48.61 -18.00 7.03
C LEU A 417 -49.49 -17.42 8.13
N ALA A 418 -49.88 -16.16 7.96
CA ALA A 418 -50.77 -15.49 8.92
C ALA A 418 -52.06 -16.28 9.17
N GLY A 419 -52.61 -16.87 8.11
CA GLY A 419 -53.77 -17.77 8.26
C GLY A 419 -53.50 -19.25 8.53
N ALA A 420 -52.33 -19.76 8.16
CA ALA A 420 -52.14 -21.21 8.01
C ALA A 420 -51.54 -21.97 9.20
N GLY A 421 -51.59 -21.41 10.40
CA GLY A 421 -50.96 -22.03 11.58
C GLY A 421 -49.46 -22.38 11.39
N GLU A 422 -48.97 -23.38 12.12
CA GLU A 422 -47.52 -23.69 12.15
C GLU A 422 -47.08 -24.63 11.01
N VAL A 423 -46.09 -24.18 10.22
CA VAL A 423 -45.44 -25.06 9.26
C VAL A 423 -44.07 -25.49 9.83
N HIS A 424 -43.57 -26.64 9.44
CA HIS A 424 -42.31 -27.16 9.99
C HIS A 424 -41.16 -27.05 9.04
N ALA A 425 -41.46 -26.82 7.77
CA ALA A 425 -40.47 -26.62 6.76
C ALA A 425 -41.10 -25.95 5.54
N GLY A 426 -40.26 -25.53 4.62
CA GLY A 426 -40.70 -24.95 3.37
C GLY A 426 -39.90 -25.48 2.22
N ILE A 427 -40.56 -25.52 1.07
CA ILE A 427 -39.92 -25.77 -0.18
C ILE A 427 -40.18 -24.52 -1.02
N VAL A 428 -39.14 -23.96 -1.60
CA VAL A 428 -39.23 -22.74 -2.39
C VAL A 428 -38.73 -23.05 -3.77
N VAL A 429 -39.61 -22.84 -4.75
CA VAL A 429 -39.31 -23.12 -6.14
C VAL A 429 -38.94 -21.82 -6.81
N LEU A 430 -37.82 -21.83 -7.48
CA LEU A 430 -37.23 -20.65 -8.06
C LEU A 430 -37.03 -20.82 -9.55
N PHE A 431 -37.18 -19.72 -10.28
CA PHE A 431 -36.88 -19.70 -11.69
C PHE A 431 -35.39 -19.58 -11.81
N GLU A 432 -34.83 -20.25 -12.81
CA GLU A 432 -33.40 -20.18 -13.05
C GLU A 432 -32.99 -18.75 -13.26
N ASP A 433 -33.82 -17.93 -13.92
CA ASP A 433 -33.43 -16.51 -14.13
C ASP A 433 -33.36 -15.64 -12.86
N HIS A 434 -33.90 -16.13 -11.75
CA HIS A 434 -33.88 -15.42 -10.46
C HIS A 434 -32.77 -15.93 -9.50
N ALA A 435 -32.27 -17.13 -9.75
CA ALA A 435 -31.39 -17.87 -8.83
C ALA A 435 -30.16 -17.10 -8.42
N ARG A 436 -29.53 -16.40 -9.35
CA ARG A 436 -28.32 -15.67 -9.03
C ARG A 436 -28.41 -14.16 -9.26
N LEU A 437 -29.59 -13.61 -9.07
CA LEU A 437 -29.69 -12.17 -9.00
C LEU A 437 -28.89 -11.68 -7.78
N PRO A 438 -28.45 -10.41 -7.83
CA PRO A 438 -27.81 -9.75 -6.70
C PRO A 438 -28.66 -9.89 -5.47
N ASP A 439 -28.04 -9.97 -4.29
CA ASP A 439 -28.81 -10.32 -3.11
C ASP A 439 -29.89 -9.34 -2.72
N ASP A 440 -29.78 -8.07 -3.10
CA ASP A 440 -30.86 -7.14 -2.74
C ASP A 440 -32.20 -7.51 -3.44
N ARG A 441 -32.17 -8.37 -4.46
CA ARG A 441 -33.40 -8.69 -5.19
C ARG A 441 -33.49 -10.19 -5.45
N ASN A 442 -32.75 -10.98 -4.66
CA ASN A 442 -32.63 -12.41 -4.87
C ASN A 442 -33.64 -13.16 -4.02
N PRO A 443 -34.57 -13.83 -4.68
CA PRO A 443 -35.59 -14.55 -3.93
C PRO A 443 -35.09 -15.77 -3.11
N TYR A 444 -34.02 -16.43 -3.53
CA TYR A 444 -33.48 -17.54 -2.71
C TYR A 444 -33.17 -16.95 -1.32
N ILE A 445 -32.36 -15.90 -1.31
CA ILE A 445 -31.78 -15.42 -0.02
C ILE A 445 -32.88 -14.71 0.78
N HIS A 446 -33.79 -13.99 0.08
CA HIS A 446 -34.86 -13.32 0.78
C HIS A 446 -35.84 -14.28 1.39
N THR A 447 -36.20 -15.37 0.72
CA THR A 447 -37.12 -16.32 1.31
C THR A 447 -36.40 -17.14 2.39
N LYS A 448 -35.15 -17.45 2.14
CA LYS A 448 -34.31 -18.15 3.16
C LYS A 448 -34.34 -17.30 4.42
N SER A 449 -34.11 -16.01 4.28
CA SER A 449 -34.07 -15.09 5.41
C SER A 449 -35.36 -15.04 6.15
N LEU A 450 -36.46 -14.75 5.47
CA LEU A 450 -37.74 -14.66 6.11
C LEU A 450 -38.15 -15.93 6.81
N LEU A 451 -37.96 -17.07 6.16
CA LEU A 451 -38.43 -18.26 6.80
C LEU A 451 -37.51 -18.73 7.97
N LEU A 452 -36.20 -18.57 7.83
CA LEU A 452 -35.28 -18.90 8.97
C LEU A 452 -35.57 -17.94 10.13
N THR A 453 -35.90 -16.66 9.84
CA THR A 453 -36.27 -15.72 10.91
C THR A 453 -37.42 -16.29 11.72
N LEU A 454 -38.40 -16.86 11.02
CA LEU A 454 -39.61 -17.40 11.59
C LEU A 454 -39.43 -18.83 12.16
N GLY A 455 -38.24 -19.38 12.00
CA GLY A 455 -37.91 -20.71 12.50
C GLY A 455 -38.29 -21.88 11.64
N VAL A 456 -38.37 -21.63 10.34
CA VAL A 456 -38.83 -22.59 9.36
C VAL A 456 -37.68 -22.82 8.39
N PRO A 457 -37.08 -24.03 8.40
CA PRO A 457 -36.00 -24.36 7.52
C PRO A 457 -36.59 -24.52 6.14
N THR A 458 -35.83 -24.17 5.11
CA THR A 458 -36.29 -24.41 3.72
C THR A 458 -35.33 -25.25 2.90
N GLN A 459 -35.93 -25.97 1.96
CA GLN A 459 -35.20 -26.67 0.92
C GLN A 459 -35.63 -26.04 -0.40
N GLN A 460 -34.75 -25.31 -1.03
CA GLN A 460 -35.06 -24.60 -2.25
C GLN A 460 -34.69 -25.44 -3.45
N VAL A 461 -35.23 -25.07 -4.61
CA VAL A 461 -35.12 -25.91 -5.79
C VAL A 461 -35.46 -25.05 -6.98
N ARG A 462 -34.65 -25.18 -8.02
CA ARG A 462 -34.74 -24.36 -9.24
C ARG A 462 -35.59 -25.15 -10.27
N MET A 463 -36.26 -24.41 -11.14
CA MET A 463 -37.18 -25.08 -12.09
C MET A 463 -36.54 -26.17 -12.96
N PRO A 464 -35.30 -25.95 -13.49
CA PRO A 464 -34.62 -27.06 -14.25
C PRO A 464 -34.51 -28.39 -13.50
N THR A 465 -34.41 -28.31 -12.17
CA THR A 465 -34.38 -29.49 -11.32
C THR A 465 -35.75 -30.09 -11.20
N VAL A 466 -36.74 -29.23 -11.05
CA VAL A 466 -38.11 -29.66 -11.00
C VAL A 466 -38.51 -30.42 -12.31
N LEU A 467 -37.95 -30.02 -13.42
CA LEU A 467 -38.27 -30.60 -14.73
C LEU A 467 -37.38 -31.77 -15.14
N LEU A 468 -36.51 -32.25 -14.26
CA LEU A 468 -35.57 -33.30 -14.67
C LEU A 468 -36.24 -34.56 -15.23
N GLU A 469 -35.61 -35.18 -16.23
CA GLU A 469 -36.01 -36.52 -16.71
C GLU A 469 -36.02 -37.51 -15.56
N PRO A 470 -36.97 -38.45 -15.58
CA PRO A 470 -37.08 -39.41 -14.46
C PRO A 470 -35.78 -40.12 -14.02
N LYS A 471 -34.89 -40.50 -14.93
CA LYS A 471 -33.66 -41.20 -14.57
C LYS A 471 -32.77 -40.33 -13.69
N SER A 472 -32.71 -39.04 -14.00
CA SER A 472 -31.98 -38.06 -13.19
C SER A 472 -32.75 -37.64 -11.95
N LEU A 473 -34.07 -37.49 -12.08
CA LEU A 473 -34.90 -37.08 -10.98
C LEU A 473 -34.77 -37.98 -9.75
N GLN A 474 -34.66 -39.29 -9.94
CA GLN A 474 -34.58 -40.18 -8.78
C GLN A 474 -33.39 -39.84 -7.82
N TYR A 475 -32.25 -39.48 -8.35
CA TYR A 475 -31.04 -39.17 -7.54
C TYR A 475 -31.22 -37.83 -6.83
N THR A 476 -31.71 -36.87 -7.57
CA THR A 476 -32.19 -35.64 -6.98
C THR A 476 -33.11 -35.82 -5.79
N LEU A 477 -34.08 -36.72 -5.86
CA LEU A 477 -35.02 -36.88 -4.82
C LEU A 477 -34.39 -37.60 -3.64
N GLN A 478 -33.40 -38.44 -3.92
CA GLN A 478 -32.67 -39.09 -2.83
C GLN A 478 -32.04 -37.98 -1.96
N ASN A 479 -31.36 -37.06 -2.60
CA ASN A 479 -30.58 -36.01 -1.91
C ASN A 479 -31.47 -34.94 -1.29
N PHE A 480 -32.48 -34.53 -2.04
CA PHE A 480 -33.53 -33.61 -1.57
C PHE A 480 -34.24 -34.17 -0.35
N SER A 481 -34.49 -35.47 -0.33
CA SER A 481 -35.10 -36.15 0.83
C SER A 481 -34.20 -36.22 2.08
N ILE A 482 -32.93 -36.53 1.86
CA ILE A 482 -31.97 -36.63 2.94
C ILE A 482 -31.85 -35.24 3.61
N ALA A 483 -31.66 -34.19 2.83
CA ALA A 483 -31.50 -32.83 3.39
C ALA A 483 -32.78 -32.35 4.07
N THR A 484 -33.92 -32.64 3.44
CA THR A 484 -35.19 -32.28 3.99
C THR A 484 -35.49 -32.91 5.33
N TYR A 485 -35.20 -34.20 5.49
CA TYR A 485 -35.42 -34.90 6.76
C TYR A 485 -34.52 -34.31 7.83
N ALA A 486 -33.28 -34.02 7.47
CA ALA A 486 -32.33 -33.39 8.43
C ALA A 486 -32.77 -31.95 8.78
N LYS A 487 -33.32 -31.24 7.79
CA LYS A 487 -33.94 -29.95 8.07
C LYS A 487 -35.09 -30.01 9.04
N LEU A 488 -35.73 -31.16 9.15
CA LEU A 488 -36.85 -31.37 10.04
C LEU A 488 -36.35 -31.98 11.37
N ASN A 489 -35.03 -31.94 11.54
CA ASN A 489 -34.31 -32.37 12.74
C ASN A 489 -33.90 -33.84 12.69
N GLY A 490 -34.07 -34.46 11.53
CA GLY A 490 -33.72 -35.86 11.35
C GLY A 490 -32.22 -36.10 11.32
N THR A 491 -31.82 -37.29 11.75
CA THR A 491 -30.48 -37.85 11.56
C THR A 491 -30.65 -39.10 10.65
N PRO A 492 -30.45 -38.94 9.31
CA PRO A 492 -30.53 -39.98 8.28
C PRO A 492 -29.57 -41.15 8.49
N TRP A 493 -28.32 -40.86 8.85
CA TRP A 493 -27.34 -41.90 9.14
C TRP A 493 -26.16 -41.30 9.90
N THR A 494 -25.42 -42.19 10.54
CA THR A 494 -24.22 -41.89 11.26
C THR A 494 -23.14 -42.71 10.61
N VAL A 495 -21.89 -42.53 11.03
CA VAL A 495 -20.80 -43.37 10.55
C VAL A 495 -20.13 -44.05 11.71
N ASN A 496 -19.60 -45.23 11.42
CA ASN A 496 -19.08 -46.12 12.42
C ASN A 496 -17.89 -45.53 13.12
N HIS A 497 -17.86 -45.76 14.41
CA HIS A 497 -16.75 -45.33 15.23
C HIS A 497 -16.37 -46.42 16.25
N ASP A 498 -15.09 -46.80 16.26
CA ASP A 498 -14.58 -47.77 17.24
C ASP A 498 -14.30 -47.08 18.57
N LYS A 499 -15.17 -47.34 19.55
CA LYS A 499 -15.06 -46.77 20.90
C LYS A 499 -13.65 -46.96 21.45
N ALA A 500 -12.85 -45.89 21.42
CA ALA A 500 -11.47 -45.92 21.91
C ALA A 500 -11.36 -45.30 23.31
N ILE A 501 -11.36 -43.96 23.35
CA ILE A 501 -11.16 -43.20 24.60
C ILE A 501 -12.50 -42.79 25.22
N ASN A 502 -12.43 -42.18 26.41
CA ASN A 502 -13.63 -41.78 27.17
C ASN A 502 -14.52 -40.71 26.54
N ASP A 503 -14.02 -40.05 25.51
CA ASP A 503 -14.80 -39.09 24.77
C ASP A 503 -13.94 -38.45 23.68
N GLU A 504 -14.59 -37.98 22.64
CA GLU A 504 -13.83 -37.41 21.56
C GLU A 504 -14.69 -36.36 20.93
N LEU A 505 -14.12 -35.18 20.72
CA LEU A 505 -14.84 -34.05 20.10
C LEU A 505 -14.07 -33.62 18.86
N VAL A 506 -14.79 -33.28 17.78
CA VAL A 506 -14.13 -32.76 16.62
C VAL A 506 -14.82 -31.45 16.21
N VAL A 507 -14.05 -30.39 16.14
CA VAL A 507 -14.60 -29.11 15.73
C VAL A 507 -13.98 -28.67 14.45
N GLY A 508 -14.79 -28.11 13.58
CA GLY A 508 -14.26 -27.58 12.34
C GLY A 508 -14.68 -26.14 12.10
N MET A 509 -13.85 -25.43 11.34
CA MET A 509 -14.12 -24.08 10.95
C MET A 509 -14.02 -24.04 9.43
N GLY A 510 -14.85 -23.19 8.87
CA GLY A 510 -14.94 -23.01 7.43
C GLY A 510 -15.12 -21.56 7.13
N LEU A 511 -14.64 -21.17 5.94
CA LEU A 511 -14.54 -19.77 5.49
C LEU A 511 -15.47 -19.53 4.25
N ALA A 512 -16.09 -18.38 4.22
CA ALA A 512 -16.77 -17.88 3.00
C ALA A 512 -16.26 -16.45 2.78
N GLU A 513 -16.21 -16.01 1.51
CA GLU A 513 -15.66 -14.73 1.16
C GLU A 513 -16.68 -14.09 0.22
N LEU A 514 -17.33 -13.01 0.66
CA LEU A 514 -18.49 -12.49 -0.02
C LEU A 514 -18.29 -11.08 -0.57
N SER A 515 -18.77 -10.86 -1.80
CA SER A 515 -18.87 -9.51 -2.38
C SER A 515 -19.96 -9.55 -3.42
N GLY A 516 -20.46 -8.38 -3.82
CA GLY A 516 -21.46 -8.28 -4.90
C GLY A 516 -20.90 -8.49 -6.30
N SER A 517 -19.60 -8.29 -6.46
CA SER A 517 -18.94 -8.39 -7.75
C SER A 517 -17.44 -8.60 -7.60
N ARG A 518 -16.78 -8.86 -8.73
CA ARG A 518 -15.34 -9.03 -8.73
C ARG A 518 -14.54 -7.76 -8.48
N THR A 519 -15.15 -6.59 -8.62
CA THR A 519 -14.46 -5.32 -8.33
C THR A 519 -14.40 -5.03 -6.84
N GLU A 520 -15.25 -5.71 -6.06
CA GLU A 520 -15.54 -5.36 -4.68
C GLU A 520 -14.79 -6.28 -3.72
N LYS A 521 -14.02 -5.71 -2.79
CA LYS A 521 -13.19 -6.51 -1.84
C LYS A 521 -14.05 -7.59 -1.16
N ARG A 522 -13.62 -8.84 -1.23
CA ARG A 522 -14.40 -9.94 -0.63
C ARG A 522 -14.29 -9.93 0.91
N GLN A 523 -15.41 -9.99 1.61
CA GLN A 523 -15.44 -9.91 3.09
C GLN A 523 -15.50 -11.35 3.66
N ARG A 524 -14.72 -11.65 4.68
CA ARG A 524 -14.64 -13.03 5.17
C ARG A 524 -15.65 -13.29 6.27
N PHE A 525 -16.19 -14.49 6.28
CA PHE A 525 -17.09 -14.92 7.28
C PHE A 525 -16.71 -16.33 7.69
N VAL A 526 -17.07 -16.71 8.89
CA VAL A 526 -16.81 -18.07 9.32
C VAL A 526 -18.01 -18.84 9.81
N GLY A 527 -17.83 -20.17 9.85
CA GLY A 527 -18.76 -21.05 10.47
C GLY A 527 -18.00 -22.08 11.32
N ILE A 528 -18.71 -22.66 12.26
CA ILE A 528 -18.14 -23.67 13.18
C ILE A 528 -19.09 -24.81 13.32
N THR A 529 -18.58 -26.03 13.12
CA THR A 529 -19.38 -27.24 13.24
C THR A 529 -18.70 -28.16 14.25
N THR A 530 -19.51 -28.90 15.00
CA THR A 530 -19.05 -29.89 15.99
C THR A 530 -19.59 -31.29 15.73
N VAL A 531 -18.72 -32.29 15.90
CA VAL A 531 -19.07 -33.70 15.79
C VAL A 531 -18.54 -34.36 17.05
N PHE A 532 -19.34 -35.22 17.69
CA PHE A 532 -18.94 -35.95 18.93
C PHE A 532 -18.87 -37.42 18.63
N ALA A 533 -17.94 -38.14 19.26
CA ALA A 533 -18.01 -39.61 19.28
C ALA A 533 -19.23 -40.06 20.08
N GLY A 534 -19.91 -41.08 19.57
CA GLY A 534 -20.97 -41.78 20.30
C GLY A 534 -20.50 -43.21 20.52
N ASP A 535 -21.41 -44.07 20.94
CA ASP A 535 -21.07 -45.49 21.03
C ASP A 535 -21.31 -46.10 19.67
N GLY A 536 -20.21 -46.50 19.05
CA GLY A 536 -20.26 -47.06 17.71
C GLY A 536 -20.48 -46.02 16.63
N SER A 537 -20.55 -44.73 17.01
CA SER A 537 -21.09 -43.69 16.10
C SER A 537 -20.55 -42.27 16.28
N TYR A 538 -20.42 -41.53 15.18
CA TYR A 538 -20.13 -40.08 15.23
C TYR A 538 -21.43 -39.28 15.02
N LEU A 539 -21.71 -38.38 15.96
CA LEU A 539 -22.95 -37.63 16.03
C LEU A 539 -22.70 -36.15 15.82
N LEU A 540 -23.61 -35.51 15.10
CA LEU A 540 -23.44 -34.10 14.82
C LEU A 540 -23.95 -33.31 15.98
N GLY A 541 -23.16 -32.33 16.41
CA GLY A 541 -23.52 -31.48 17.52
C GLY A 541 -24.06 -30.16 16.99
N ASN A 542 -23.93 -29.12 17.81
CA ASN A 542 -24.46 -27.78 17.50
C ASN A 542 -23.52 -27.01 16.59
N VAL A 543 -24.06 -25.96 16.00
CA VAL A 543 -23.41 -25.29 14.94
C VAL A 543 -23.40 -23.83 15.35
N SER A 544 -22.46 -23.04 14.85
CA SER A 544 -22.37 -21.61 15.17
C SER A 544 -23.60 -20.85 14.66
N LYS A 545 -23.93 -19.76 15.34
CA LYS A 545 -24.92 -18.80 14.84
C LYS A 545 -24.30 -17.42 14.54
N GLU A 546 -23.05 -17.20 14.93
CA GLU A 546 -22.30 -15.99 14.62
C GLU A 546 -21.17 -16.31 13.62
N CYS A 547 -20.92 -15.39 12.68
CA CYS A 547 -20.14 -15.68 11.49
C CYS A 547 -18.96 -14.70 11.23
N GLU A 548 -18.80 -13.77 12.17
CA GLU A 548 -17.59 -13.07 12.56
C GLU A 548 -16.19 -13.54 12.17
N TYR A 549 -15.51 -13.03 11.14
CA TYR A 549 -14.10 -13.45 10.91
C TYR A 549 -13.10 -12.95 11.96
N GLU A 550 -13.17 -11.65 12.25
CA GLU A 550 -12.40 -11.06 13.34
C GLU A 550 -12.80 -11.78 14.62
N GLY A 551 -11.82 -12.29 15.34
CA GLY A 551 -12.10 -13.00 16.58
C GLY A 551 -12.46 -14.47 16.43
N TYR A 552 -12.26 -15.05 15.24
CA TYR A 552 -12.63 -16.45 15.05
C TYR A 552 -11.90 -17.37 16.02
N SER A 553 -10.67 -17.07 16.39
CA SER A 553 -9.95 -17.95 17.34
C SER A 553 -10.67 -18.06 18.69
N ASP A 554 -11.20 -16.93 19.16
CA ASP A 554 -11.98 -16.87 20.41
C ASP A 554 -13.22 -17.72 20.25
N ALA A 555 -13.85 -17.63 19.08
CA ALA A 555 -15.05 -18.39 18.82
C ALA A 555 -14.78 -19.90 18.85
N ILE A 556 -13.64 -20.33 18.34
CA ILE A 556 -13.27 -21.77 18.33
C ILE A 556 -13.11 -22.25 19.79
N ARG A 557 -12.32 -21.48 20.52
CA ARG A 557 -12.11 -21.66 21.99
C ARG A 557 -13.44 -21.81 22.71
N GLU A 558 -14.29 -20.78 22.58
CA GLU A 558 -15.61 -20.72 23.21
C GLU A 558 -16.46 -21.93 22.88
N SER A 559 -16.44 -22.32 21.62
CA SER A 559 -17.18 -23.48 21.22
C SER A 559 -16.65 -24.76 21.92
N MET A 560 -15.35 -24.94 21.87
CA MET A 560 -14.72 -26.14 22.40
C MET A 560 -14.99 -26.24 23.90
N THR A 561 -14.68 -25.17 24.64
CA THR A 561 -14.83 -25.25 26.10
C THR A 561 -16.29 -25.45 26.54
N GLY A 562 -17.22 -24.81 25.83
CA GLY A 562 -18.64 -24.96 26.15
C GLY A 562 -19.09 -26.39 26.00
N ILE A 563 -18.68 -26.98 24.90
CA ILE A 563 -18.98 -28.35 24.59
C ILE A 563 -18.29 -29.37 25.50
N LEU A 564 -17.02 -29.12 25.83
CA LEU A 564 -16.32 -29.98 26.79
C LEU A 564 -17.07 -30.02 28.10
N ARG A 565 -17.52 -28.86 28.58
CA ARG A 565 -18.35 -28.78 29.78
C ARG A 565 -19.60 -29.69 29.74
N GLU A 566 -20.36 -29.62 28.64
CA GLU A 566 -21.53 -30.46 28.39
C GLU A 566 -21.27 -31.96 28.27
N LEU A 567 -20.16 -32.32 27.63
CA LEU A 567 -19.78 -33.70 27.49
C LEU A 567 -19.42 -34.32 28.85
N LYS A 568 -18.74 -33.55 29.67
CA LYS A 568 -18.35 -34.02 31.00
C LYS A 568 -19.59 -34.24 31.86
N LYS A 569 -20.55 -33.32 31.80
CA LYS A 569 -21.82 -33.51 32.53
C LYS A 569 -22.59 -34.71 32.00
N ARG A 570 -22.74 -34.82 30.69
CA ARG A 570 -23.49 -35.94 30.12
C ARG A 570 -22.83 -37.29 30.47
N ASN A 571 -21.52 -37.39 30.26
CA ASN A 571 -20.86 -38.66 30.41
C ASN A 571 -20.24 -38.91 31.79
N ASN A 572 -20.13 -37.87 32.60
CA ASN A 572 -19.64 -38.00 33.96
C ASN A 572 -18.26 -38.68 33.90
N TRP A 573 -17.30 -37.98 33.35
CA TRP A 573 -16.00 -38.61 33.09
C TRP A 573 -15.39 -39.04 34.44
N ARG A 574 -14.75 -40.19 34.43
CA ARG A 574 -14.02 -40.67 35.62
C ARG A 574 -12.57 -40.18 35.65
N PRO A 575 -12.03 -39.99 36.88
CA PRO A 575 -10.61 -39.65 37.03
C PRO A 575 -9.76 -40.62 36.24
N GLY A 576 -8.89 -40.09 35.39
CA GLY A 576 -7.98 -40.89 34.60
C GLY A 576 -8.44 -41.07 33.16
N ASP A 577 -9.72 -40.82 32.89
CA ASP A 577 -10.24 -40.91 31.52
C ASP A 577 -9.48 -39.94 30.59
N THR A 578 -9.39 -40.29 29.33
CA THR A 578 -8.74 -39.42 28.37
C THR A 578 -9.80 -38.81 27.45
N VAL A 579 -9.68 -37.52 27.20
CA VAL A 579 -10.56 -36.79 26.27
C VAL A 579 -9.73 -36.35 25.08
N ARG A 580 -10.24 -36.55 23.87
CA ARG A 580 -9.53 -36.14 22.68
C ARG A 580 -10.34 -35.10 21.90
N VAL A 581 -9.67 -33.98 21.58
CA VAL A 581 -10.25 -32.88 20.78
C VAL A 581 -9.43 -32.72 19.54
N VAL A 582 -10.14 -32.73 18.39
CA VAL A 582 -9.53 -32.61 17.11
C VAL A 582 -10.15 -31.33 16.46
N PHE A 583 -9.31 -30.53 15.84
CA PHE A 583 -9.78 -29.39 15.05
C PHE A 583 -9.45 -29.63 13.58
N HIS A 584 -10.40 -29.27 12.69
CA HIS A 584 -10.25 -29.39 11.26
C HIS A 584 -10.46 -28.02 10.59
N ALA A 585 -9.59 -27.69 9.67
CA ALA A 585 -9.81 -26.54 8.77
C ALA A 585 -8.99 -26.68 7.51
N HIS A 586 -9.32 -25.88 6.49
CA HIS A 586 -8.53 -25.90 5.30
C HIS A 586 -7.26 -25.08 5.37
N ARG A 587 -7.03 -24.39 6.50
CA ARG A 587 -5.78 -23.70 6.71
C ARG A 587 -5.27 -23.96 8.13
N PRO A 588 -3.96 -23.85 8.34
CA PRO A 588 -3.39 -24.11 9.68
C PRO A 588 -3.59 -22.95 10.65
N LEU A 589 -3.75 -23.29 11.93
CA LEU A 589 -3.91 -22.26 12.94
C LEU A 589 -2.52 -21.70 13.34
N LYS A 590 -2.53 -20.46 13.79
CA LYS A 590 -1.32 -19.84 14.35
C LYS A 590 -0.91 -20.61 15.59
N ARG A 591 0.38 -20.64 15.84
CA ARG A 591 0.91 -21.24 17.07
C ARG A 591 0.31 -20.61 18.31
N VAL A 592 0.15 -19.28 18.33
CA VAL A 592 -0.38 -18.57 19.49
C VAL A 592 -1.83 -18.97 19.76
N ASP A 593 -2.61 -19.23 18.71
CA ASP A 593 -3.98 -19.65 18.88
C ASP A 593 -4.07 -21.10 19.31
N VAL A 594 -3.25 -21.99 18.78
CA VAL A 594 -3.21 -23.35 19.27
C VAL A 594 -2.90 -23.30 20.80
N ALA A 595 -1.90 -22.49 21.16
CA ALA A 595 -1.53 -22.36 22.56
C ALA A 595 -2.70 -21.93 23.45
N SER A 596 -3.41 -20.90 23.04
CA SER A 596 -4.55 -20.40 23.74
C SER A 596 -5.69 -21.43 23.84
N ILE A 597 -5.98 -22.15 22.75
CA ILE A 597 -7.00 -23.20 22.73
C ILE A 597 -6.68 -24.35 23.65
N VAL A 598 -5.44 -24.82 23.58
CA VAL A 598 -4.99 -25.90 24.45
C VAL A 598 -5.10 -25.44 25.88
N PHE A 599 -4.64 -24.23 26.13
CA PHE A 599 -4.61 -23.70 27.50
C PHE A 599 -6.01 -23.76 28.11
N GLU A 600 -6.97 -23.23 27.38
CA GLU A 600 -8.33 -23.13 27.85
C GLU A 600 -9.09 -24.42 27.94
N CYS A 601 -8.91 -25.33 26.98
CA CYS A 601 -9.53 -26.63 27.05
C CYS A 601 -8.96 -27.40 28.23
N THR A 602 -7.66 -27.23 28.44
CA THR A 602 -7.00 -27.96 29.50
C THR A 602 -7.56 -27.53 30.84
N ARG A 603 -7.80 -26.24 30.97
CA ARG A 603 -8.29 -25.69 32.22
C ARG A 603 -9.72 -26.13 32.42
N GLU A 604 -10.53 -26.01 31.36
CA GLU A 604 -11.92 -26.35 31.45
C GLU A 604 -12.13 -27.80 31.87
N ILE A 605 -11.38 -28.75 31.33
CA ILE A 605 -11.64 -30.13 31.68
C ILE A 605 -11.03 -30.51 33.05
N GLY A 606 -9.95 -29.84 33.44
CA GLY A 606 -9.36 -29.99 34.77
C GLY A 606 -8.35 -31.10 34.92
N SER A 607 -7.79 -31.21 36.12
CA SER A 607 -6.66 -32.11 36.41
C SER A 607 -7.02 -33.60 36.56
N ASP A 608 -8.30 -33.87 36.77
CA ASP A 608 -8.77 -35.24 36.85
C ASP A 608 -8.68 -36.03 35.58
N GLN A 609 -8.75 -35.36 34.41
CA GLN A 609 -8.60 -36.08 33.14
C GLN A 609 -7.38 -35.69 32.32
N ASN A 610 -7.07 -36.58 31.40
CA ASN A 610 -5.99 -36.39 30.47
C ASN A 610 -6.61 -35.84 29.20
N ILE A 611 -5.92 -34.91 28.53
CA ILE A 611 -6.38 -34.31 27.28
C ILE A 611 -5.39 -34.59 26.20
N GLN A 612 -5.88 -34.90 25.00
CA GLN A 612 -5.05 -35.07 23.83
C GLN A 612 -5.69 -34.12 22.81
N MET A 613 -4.90 -33.35 22.09
CA MET A 613 -5.45 -32.39 21.08
C MET A 613 -4.69 -32.43 19.77
N ALA A 614 -5.43 -32.38 18.65
CA ALA A 614 -4.81 -32.39 17.37
C ALA A 614 -5.43 -31.25 16.53
N PHE A 615 -4.63 -30.62 15.71
CA PHE A 615 -5.07 -29.49 14.88
C PHE A 615 -4.67 -29.89 13.51
N VAL A 616 -5.67 -30.02 12.63
CA VAL A 616 -5.43 -30.65 11.38
C VAL A 616 -5.80 -29.67 10.25
N THR A 617 -4.93 -29.60 9.23
CA THR A 617 -5.36 -29.00 7.94
C THR A 617 -5.52 -30.01 6.86
N VAL A 618 -6.58 -29.76 6.08
CA VAL A 618 -6.92 -30.57 4.94
C VAL A 618 -6.73 -29.71 3.71
N SER A 619 -5.88 -30.18 2.81
CA SER A 619 -5.47 -29.45 1.59
C SER A 619 -5.91 -30.22 0.34
N HIS A 620 -6.49 -29.50 -0.60
CA HIS A 620 -6.94 -30.06 -1.87
C HIS A 620 -5.99 -29.74 -2.99
N ASP A 621 -5.25 -28.65 -2.86
CA ASP A 621 -4.39 -28.07 -3.90
C ASP A 621 -2.86 -28.10 -3.64
N HIS A 622 -2.23 -29.25 -3.79
CA HIS A 622 -0.82 -29.45 -3.40
C HIS A 622 -0.21 -30.25 -4.55
N PRO A 623 1.11 -30.52 -4.56
CA PRO A 623 1.71 -31.15 -5.75
C PRO A 623 1.84 -32.68 -5.80
N PHE A 624 1.18 -33.36 -4.89
CA PHE A 624 1.23 -34.81 -4.82
C PHE A 624 0.13 -35.54 -5.57
N VAL A 625 0.47 -36.66 -6.20
CA VAL A 625 -0.56 -37.56 -6.67
C VAL A 625 -0.13 -39.02 -6.51
N LEU A 626 -1.11 -39.87 -6.31
CA LEU A 626 -0.86 -41.27 -6.05
C LEU A 626 -1.38 -42.09 -7.17
N ILE A 627 -0.59 -43.08 -7.57
CA ILE A 627 -0.87 -43.91 -8.70
C ILE A 627 -0.83 -45.37 -8.24
N ASP A 628 -1.86 -46.13 -8.55
CA ASP A 628 -1.92 -47.56 -8.21
C ASP A 628 -1.92 -48.35 -9.51
N ARG A 629 -0.75 -48.83 -9.92
CA ARG A 629 -0.61 -49.53 -11.21
C ARG A 629 -1.38 -50.83 -11.31
N SER A 630 -1.80 -51.37 -10.17
CA SER A 630 -2.55 -52.60 -10.16
C SER A 630 -4.03 -52.36 -10.34
N GLU A 631 -4.45 -51.10 -10.31
CA GLU A 631 -5.87 -50.82 -10.42
C GLU A 631 -6.17 -50.78 -11.90
N ARG A 632 -6.97 -51.73 -12.38
CA ARG A 632 -7.27 -51.86 -13.81
C ARG A 632 -8.38 -50.89 -14.26
N GLY A 633 -9.17 -50.39 -13.30
CA GLY A 633 -10.23 -49.44 -13.58
C GLY A 633 -11.52 -50.22 -13.73
N LEU A 634 -12.60 -49.51 -14.03
CA LEU A 634 -13.92 -50.12 -14.16
C LEU A 634 -14.49 -49.72 -15.50
N GLU A 635 -15.55 -50.43 -15.93
CA GLU A 635 -16.38 -50.05 -17.06
C GLU A 635 -16.93 -48.64 -16.90
N ALA A 636 -16.55 -47.74 -17.82
CA ALA A 636 -17.02 -46.36 -17.79
C ALA A 636 -18.53 -46.36 -17.64
N TYR A 637 -19.16 -47.22 -18.44
CA TYR A 637 -20.52 -47.67 -18.25
C TYR A 637 -20.59 -49.07 -18.87
N LYS A 638 -21.31 -49.99 -18.22
CA LYS A 638 -21.39 -51.37 -18.70
C LYS A 638 -21.94 -51.40 -20.13
N GLY A 639 -21.35 -52.16 -21.05
CA GLY A 639 -20.14 -52.96 -20.82
C GLY A 639 -19.07 -52.53 -21.81
N SER A 640 -18.66 -51.27 -21.70
CA SER A 640 -17.86 -50.62 -22.75
C SER A 640 -16.37 -50.97 -22.67
N THR A 641 -15.69 -50.91 -23.83
CA THR A 641 -14.24 -51.14 -23.91
C THR A 641 -13.45 -50.13 -23.07
N ALA A 642 -14.00 -48.92 -22.94
CA ALA A 642 -13.38 -47.83 -22.16
C ALA A 642 -13.50 -48.05 -20.67
N ARG A 643 -12.46 -47.62 -19.96
CA ARG A 643 -12.37 -47.80 -18.54
C ARG A 643 -12.35 -46.41 -17.89
N LYS A 644 -12.76 -46.35 -16.64
CA LYS A 644 -12.67 -45.15 -15.81
C LYS A 644 -11.98 -45.58 -14.51
N GLY A 645 -11.21 -44.66 -13.92
CA GLY A 645 -10.52 -44.93 -12.66
C GLY A 645 -9.27 -45.78 -12.76
N VAL A 646 -8.76 -45.94 -13.99
CA VAL A 646 -7.57 -46.75 -14.25
C VAL A 646 -6.40 -46.13 -13.47
N PHE A 647 -5.77 -46.95 -12.61
CA PHE A 647 -4.65 -46.53 -11.77
C PHE A 647 -5.09 -45.68 -10.55
N ALA A 648 -6.38 -45.57 -10.28
CA ALA A 648 -6.85 -44.76 -9.13
C ALA A 648 -6.70 -45.56 -7.85
N PRO A 649 -6.02 -45.00 -6.84
CA PRO A 649 -5.96 -45.77 -5.62
C PRO A 649 -7.33 -46.01 -4.98
N PRO A 650 -7.45 -47.05 -4.14
CA PRO A 650 -8.72 -47.27 -3.45
C PRO A 650 -9.01 -46.14 -2.43
N ARG A 651 -10.29 -45.90 -2.20
CA ARG A 651 -10.76 -44.97 -1.18
C ARG A 651 -10.28 -45.43 0.18
N GLY A 652 -9.62 -44.55 0.91
CA GLY A 652 -9.11 -44.92 2.21
C GLY A 652 -7.66 -45.32 2.21
N ALA A 653 -7.03 -45.37 1.04
CA ALA A 653 -5.60 -45.49 0.98
C ALA A 653 -5.00 -44.29 1.66
N ILE A 654 -4.05 -44.54 2.57
CA ILE A 654 -3.38 -43.46 3.30
C ILE A 654 -1.90 -43.67 3.18
N SER A 655 -1.21 -42.68 2.60
CA SER A 655 0.23 -42.72 2.39
C SER A 655 0.97 -41.73 3.26
N ARG A 656 2.13 -42.12 3.71
CA ARG A 656 2.93 -41.25 4.55
C ARG A 656 3.92 -40.48 3.73
N VAL A 657 3.89 -39.15 3.85
CA VAL A 657 4.82 -38.28 3.19
C VAL A 657 5.91 -37.85 4.14
N GLY A 658 5.52 -37.55 5.37
CA GLY A 658 6.42 -37.06 6.40
C GLY A 658 5.79 -37.26 7.78
N ARG A 659 6.52 -36.88 8.82
CA ARG A 659 6.03 -37.11 10.18
C ARG A 659 4.61 -36.52 10.42
N LEU A 660 4.36 -35.36 9.83
CA LEU A 660 3.15 -34.63 10.10
C LEU A 660 2.09 -34.76 8.99
N THR A 661 2.38 -35.47 7.91
CA THR A 661 1.58 -35.36 6.70
C THR A 661 1.26 -36.73 6.12
N ARG A 662 0.01 -36.88 5.72
CA ARG A 662 -0.48 -38.06 5.05
C ARG A 662 -1.25 -37.63 3.83
N LEU A 663 -1.24 -38.50 2.83
CA LEU A 663 -2.06 -38.34 1.65
C LEU A 663 -3.22 -39.33 1.79
N LEU A 664 -4.45 -38.86 1.57
CA LEU A 664 -5.63 -39.64 1.70
C LEU A 664 -6.37 -39.75 0.37
N ALA A 665 -6.55 -40.96 -0.16
CA ALA A 665 -7.33 -41.16 -1.37
C ALA A 665 -8.79 -41.24 -1.05
N VAL A 666 -9.58 -40.47 -1.81
CA VAL A 666 -11.00 -40.37 -1.54
C VAL A 666 -11.89 -40.86 -2.71
N ASN A 667 -11.48 -40.58 -3.92
CA ASN A 667 -12.26 -40.92 -5.11
C ASN A 667 -11.72 -42.18 -5.79
N SER A 668 -12.30 -43.28 -5.40
CA SER A 668 -11.96 -44.59 -5.98
C SER A 668 -12.58 -44.72 -7.38
N PRO A 669 -12.22 -45.79 -8.13
CA PRO A 669 -12.83 -45.96 -9.46
C PRO A 669 -14.35 -45.99 -9.40
N GLN A 670 -14.88 -46.59 -8.35
CA GLN A 670 -16.31 -46.67 -8.15
C GLN A 670 -17.00 -45.30 -8.11
N LEU A 671 -16.30 -44.31 -7.53
CA LEU A 671 -16.84 -42.94 -7.36
C LEU A 671 -16.54 -42.02 -8.53
N ILE A 672 -15.60 -42.41 -9.37
CA ILE A 672 -15.22 -41.66 -10.58
C ILE A 672 -16.35 -41.79 -11.59
N LYS A 673 -16.53 -40.74 -12.38
CA LYS A 673 -17.77 -40.53 -13.10
C LYS A 673 -17.64 -41.05 -14.51
N ARG A 674 -16.47 -40.82 -15.09
CA ARG A 674 -16.24 -40.87 -16.53
C ARG A 674 -14.89 -41.42 -16.89
N ALA A 675 -14.81 -42.04 -18.06
CA ALA A 675 -13.53 -42.51 -18.56
C ALA A 675 -12.51 -41.38 -18.72
N ASN A 676 -12.97 -40.20 -19.05
CA ASN A 676 -12.08 -39.04 -19.29
C ASN A 676 -11.66 -38.27 -18.02
N THR A 677 -12.16 -38.68 -16.87
CA THR A 677 -11.89 -37.99 -15.61
C THR A 677 -10.41 -38.18 -15.28
N PRO A 678 -9.65 -37.09 -15.06
CA PRO A 678 -8.27 -37.33 -14.67
C PRO A 678 -8.09 -38.23 -13.45
N LEU A 679 -6.88 -38.76 -13.31
CA LEU A 679 -6.47 -39.47 -12.11
C LEU A 679 -6.67 -38.46 -10.97
N PRO A 680 -7.36 -38.89 -9.90
CA PRO A 680 -7.73 -37.95 -8.86
C PRO A 680 -6.54 -37.52 -8.05
N THR A 681 -6.63 -36.32 -7.50
CA THR A 681 -5.60 -35.87 -6.59
C THR A 681 -6.09 -36.21 -5.17
N PRO A 682 -5.21 -36.79 -4.34
CA PRO A 682 -5.63 -37.14 -3.00
C PRO A 682 -5.73 -35.87 -2.09
N LEU A 683 -6.33 -36.00 -0.91
CA LEU A 683 -6.25 -34.95 0.13
C LEU A 683 -4.93 -35.03 0.83
N LEU A 684 -4.35 -33.86 1.14
CA LEU A 684 -3.21 -33.78 2.01
C LEU A 684 -3.65 -33.43 3.42
N VAL A 685 -3.37 -34.30 4.38
CA VAL A 685 -3.81 -34.13 5.75
C VAL A 685 -2.56 -33.78 6.56
N SER A 686 -2.53 -32.61 7.17
CA SER A 686 -1.32 -32.08 7.86
C SER A 686 -1.58 -31.77 9.33
N LEU A 687 -0.74 -32.30 10.20
CA LEU A 687 -0.87 -32.07 11.66
C LEU A 687 -0.07 -30.88 12.08
N HIS A 688 -0.67 -29.96 12.82
CA HIS A 688 0.00 -28.81 13.38
C HIS A 688 1.11 -29.32 14.34
N PRO A 689 2.31 -28.79 14.24
CA PRO A 689 3.39 -29.42 15.04
C PRO A 689 3.24 -29.30 16.55
N ASP A 690 2.38 -28.40 17.02
CA ASP A 690 2.17 -28.26 18.45
C ASP A 690 1.05 -29.15 18.99
N SER A 691 0.46 -30.01 18.14
CA SER A 691 -0.53 -30.97 18.55
C SER A 691 0.05 -31.94 19.58
N THR A 692 -0.72 -32.22 20.63
CA THR A 692 -0.32 -33.19 21.66
C THR A 692 -0.77 -34.58 21.33
N PHE A 693 -1.75 -34.69 20.44
CA PHE A 693 -2.13 -35.94 19.84
C PHE A 693 -1.53 -36.06 18.45
N LYS A 694 -0.80 -37.15 18.19
CA LYS A 694 0.15 -37.20 17.07
C LYS A 694 -0.14 -38.24 15.96
N ASP A 695 -1.21 -39.01 16.05
CA ASP A 695 -1.42 -40.14 15.16
C ASP A 695 -2.15 -39.66 13.90
N VAL A 696 -1.40 -39.25 12.91
CA VAL A 696 -1.98 -38.60 11.73
C VAL A 696 -2.62 -39.62 10.82
N ASP A 697 -2.24 -40.89 10.93
CA ASP A 697 -2.99 -41.96 10.30
C ASP A 697 -4.44 -42.07 10.80
N TYR A 698 -4.64 -42.06 12.12
CA TYR A 698 -5.97 -42.11 12.69
C TYR A 698 -6.74 -40.85 12.22
N LEU A 699 -6.06 -39.72 12.27
CA LEU A 699 -6.73 -38.43 11.85
C LEU A 699 -7.12 -38.43 10.37
N ALA A 700 -6.29 -39.02 9.50
CA ALA A 700 -6.63 -39.12 8.10
C ALA A 700 -7.81 -40.06 7.91
N GLU A 701 -7.85 -41.17 8.66
CA GLU A 701 -8.99 -42.04 8.58
C GLU A 701 -10.25 -41.35 9.08
N GLN A 702 -10.09 -40.53 10.11
CA GLN A 702 -11.24 -39.85 10.69
C GLN A 702 -11.80 -38.83 9.67
N ALA A 703 -10.90 -38.11 9.01
CA ALA A 703 -11.31 -37.14 7.98
C ALA A 703 -12.10 -37.83 6.87
N LEU A 704 -11.62 -39.02 6.48
CA LEU A 704 -12.32 -39.78 5.47
C LEU A 704 -13.75 -40.16 5.86
N LYS A 705 -13.91 -40.68 7.06
CA LYS A 705 -15.23 -41.03 7.53
C LYS A 705 -16.18 -39.83 7.52
N PHE A 706 -15.63 -38.67 7.87
CA PHE A 706 -16.44 -37.46 8.00
C PHE A 706 -16.86 -36.96 6.62
N THR A 707 -16.22 -37.43 5.56
CA THR A 707 -16.71 -37.15 4.21
C THR A 707 -18.02 -37.86 3.91
N SER A 708 -18.26 -38.99 4.59
CA SER A 708 -19.44 -39.83 4.37
C SER A 708 -20.58 -39.38 5.27
N LEU A 709 -20.31 -38.38 6.10
CA LEU A 709 -21.31 -37.87 7.00
C LEU A 709 -22.25 -36.80 6.38
N SER A 710 -22.00 -36.37 5.15
CA SER A 710 -22.79 -35.28 4.59
C SER A 710 -24.22 -35.68 4.33
N TRP A 711 -25.16 -34.90 4.84
CA TRP A 711 -26.54 -35.10 4.54
C TRP A 711 -27.04 -34.20 3.42
N ARG A 712 -26.13 -33.61 2.66
CA ARG A 712 -26.53 -32.90 1.45
C ARG A 712 -26.72 -33.88 0.32
N SER A 713 -26.11 -35.06 0.42
CA SER A 713 -26.19 -36.02 -0.66
C SER A 713 -25.94 -37.43 -0.19
N THR A 714 -26.36 -38.34 -1.04
CA THR A 714 -26.13 -39.73 -0.84
C THR A 714 -24.62 -40.05 -1.07
N LEU A 715 -24.04 -39.41 -2.09
CA LEU A 715 -22.60 -39.55 -2.43
C LEU A 715 -21.79 -38.78 -1.38
N PRO A 716 -20.55 -39.21 -1.10
CA PRO A 716 -19.74 -38.51 -0.14
C PRO A 716 -19.24 -37.15 -0.59
N ALA A 717 -18.91 -36.32 0.41
CA ALA A 717 -18.41 -34.96 0.18
C ALA A 717 -16.90 -34.85 -0.02
N ALA A 718 -16.46 -33.70 -0.54
CA ALA A 718 -15.07 -33.49 -0.92
C ALA A 718 -14.17 -33.21 0.26
N THR A 719 -14.77 -32.86 1.39
CA THR A 719 -14.04 -32.51 2.61
C THR A 719 -14.87 -32.93 3.80
N PRO A 720 -14.25 -33.18 4.95
CA PRO A 720 -15.07 -33.65 6.10
C PRO A 720 -16.13 -32.63 6.48
N VAL A 721 -17.29 -33.07 6.96
CA VAL A 721 -18.45 -32.18 7.25
C VAL A 721 -18.19 -31.09 8.28
N THR A 722 -17.24 -31.36 9.17
CA THR A 722 -16.72 -30.39 10.07
C THR A 722 -16.29 -29.10 9.36
N ILE A 723 -15.67 -29.21 8.19
CA ILE A 723 -15.27 -28.07 7.43
C ILE A 723 -16.41 -27.68 6.43
N PHE A 724 -16.95 -28.68 5.76
CA PHE A 724 -17.96 -28.45 4.69
C PHE A 724 -19.22 -27.74 5.19
N TYR A 725 -19.85 -28.26 6.23
CA TYR A 725 -21.01 -27.62 6.84
C TYR A 725 -20.69 -26.19 7.29
N SER A 726 -19.48 -25.98 7.83
CA SER A 726 -19.06 -24.69 8.33
C SER A 726 -18.98 -23.65 7.19
N GLU A 727 -18.53 -24.09 6.02
CA GLU A 727 -18.50 -23.27 4.82
C GLU A 727 -19.92 -22.87 4.39
N ARG A 728 -20.84 -23.83 4.44
CA ARG A 728 -22.24 -23.56 4.01
C ARG A 728 -22.87 -22.54 4.95
N ILE A 729 -22.58 -22.72 6.24
CA ILE A 729 -23.05 -21.81 7.28
C ILE A 729 -22.44 -20.41 7.15
N ALA A 730 -21.13 -20.32 6.95
CA ALA A 730 -20.43 -19.08 6.76
C ALA A 730 -21.05 -18.26 5.57
N GLU A 731 -21.29 -18.92 4.46
CA GLU A 731 -21.88 -18.27 3.29
C GLU A 731 -23.31 -17.85 3.60
N LEU A 732 -24.15 -18.73 4.13
CA LEU A 732 -25.52 -18.33 4.40
C LEU A 732 -25.60 -17.17 5.41
N LEU A 733 -24.93 -17.30 6.57
CA LEU A 733 -24.98 -16.27 7.58
C LEU A 733 -24.38 -14.98 7.13
N GLY A 734 -23.34 -15.06 6.34
CA GLY A 734 -22.67 -13.87 5.87
C GLY A 734 -23.56 -13.13 4.88
N ARG A 735 -24.24 -13.89 4.04
CA ARG A 735 -25.18 -13.24 3.07
C ARG A 735 -26.36 -12.64 3.82
N LEU A 736 -26.88 -13.38 4.78
CA LEU A 736 -28.04 -12.97 5.53
C LEU A 736 -27.80 -11.73 6.35
N LYS A 737 -26.56 -11.51 6.76
CA LYS A 737 -26.19 -10.34 7.53
C LYS A 737 -26.63 -9.03 6.84
N SER A 738 -26.68 -9.02 5.52
CA SER A 738 -27.06 -7.86 4.74
C SER A 738 -28.55 -7.79 4.32
N ILE A 739 -29.39 -8.72 4.73
CA ILE A 739 -30.78 -8.82 4.21
C ILE A 739 -31.65 -8.12 5.23
N PRO A 740 -32.41 -7.09 4.81
CA PRO A 740 -33.25 -6.47 5.82
C PRO A 740 -34.24 -7.42 6.45
N ASN A 741 -34.47 -7.22 7.75
CA ASN A 741 -35.45 -7.97 8.51
C ASN A 741 -35.03 -9.39 8.91
N TRP A 742 -33.81 -9.75 8.56
CA TRP A 742 -33.18 -11.02 9.02
C TRP A 742 -32.95 -10.91 10.51
N SER A 743 -33.33 -11.92 11.28
CA SER A 743 -32.83 -12.09 12.69
C SER A 743 -32.40 -13.54 12.91
N SER A 744 -31.27 -13.72 13.56
CA SER A 744 -30.80 -15.04 13.89
C SER A 744 -31.45 -15.58 15.14
N ALA A 745 -32.43 -14.87 15.71
CA ALA A 745 -33.03 -15.29 16.98
C ALA A 745 -33.52 -16.75 17.05
N ASN A 746 -34.05 -17.32 15.95
CA ASN A 746 -34.52 -18.68 16.00
C ASN A 746 -33.50 -19.79 15.75
N LEU A 747 -32.28 -19.40 15.38
CA LEU A 747 -31.25 -20.37 15.01
C LEU A 747 -30.92 -21.29 16.17
N ASN A 748 -30.97 -20.77 17.39
CA ASN A 748 -30.72 -21.55 18.61
C ASN A 748 -31.98 -21.83 19.39
N ILE A 749 -33.13 -21.61 18.78
CA ILE A 749 -34.41 -21.95 19.37
C ILE A 749 -35.20 -22.98 18.53
N LYS A 750 -36.11 -22.54 17.65
CA LYS A 750 -36.80 -23.50 16.79
C LYS A 750 -35.86 -24.30 15.89
N LEU A 751 -34.77 -23.71 15.47
CA LEU A 751 -33.88 -24.33 14.53
C LEU A 751 -32.67 -25.04 15.19
N LYS A 752 -32.69 -25.20 16.50
CA LYS A 752 -31.49 -25.65 17.20
C LYS A 752 -31.00 -27.03 16.72
N TRP A 753 -31.95 -27.92 16.41
CA TRP A 753 -31.64 -29.28 15.91
C TRP A 753 -31.89 -29.47 14.40
N SER A 754 -32.28 -28.39 13.71
CA SER A 754 -32.46 -28.41 12.27
C SER A 754 -31.13 -28.25 11.58
N ARG A 755 -30.84 -29.12 10.62
CA ARG A 755 -29.74 -28.93 9.72
C ARG A 755 -30.08 -27.99 8.57
N TRP A 756 -30.32 -26.73 8.95
CA TRP A 756 -30.91 -25.67 8.06
C TRP A 756 -29.98 -25.16 7.00
N PHE A 757 -28.70 -25.48 7.17
CA PHE A 757 -27.63 -25.04 6.30
C PHE A 757 -27.34 -25.99 5.13
N LEU A 758 -27.97 -27.14 5.07
CA LEU A 758 -27.61 -28.16 4.07
C LEU A 758 -28.01 -27.75 2.62
N ARG C 1 22.07 0.65 7.26
CA ARG C 1 21.68 2.01 6.78
C ARG C 1 22.87 2.71 6.09
N GLN C 2 22.62 3.22 4.87
CA GLN C 2 23.63 3.99 4.14
C GLN C 2 23.04 5.02 3.16
N LEU C 3 23.47 6.28 3.32
CA LEU C 3 23.07 7.34 2.39
C LEU C 3 24.31 7.91 1.68
N VAL C 4 24.21 8.05 0.37
CA VAL C 4 25.28 8.59 -0.47
C VAL C 4 25.13 10.12 -0.62
N SER C 5 26.24 10.83 -0.62
CA SER C 5 26.24 12.27 -0.84
C SER C 5 26.48 12.61 -2.30
N ASN C 6 26.42 13.91 -2.60
CA ASN C 6 26.85 14.46 -3.89
C ASN C 6 28.31 14.95 -3.89
N GLY C 7 29.13 14.44 -3.00
CA GLY C 7 30.52 14.82 -2.96
C GLY C 7 31.51 13.68 -2.94
N PHE C 8 32.75 14.07 -3.18
CA PHE C 8 33.88 13.16 -3.28
C PHE C 8 34.95 13.55 -2.29
N GLU C 9 35.62 12.56 -1.73
CA GLU C 9 36.77 12.82 -0.93
C GLU C 9 37.86 13.47 -1.79
N VAL C 10 38.65 14.34 -1.18
CA VAL C 10 39.80 14.91 -1.84
C VAL C 10 41.01 14.53 -1.00
N ASN C 11 41.95 13.83 -1.63
CA ASN C 11 43.17 13.49 -0.92
C ASN C 11 44.15 14.60 -1.02
N LEU C 12 44.49 15.16 0.12
CA LEU C 12 45.32 16.34 0.16
C LEU C 12 46.64 15.94 0.72
N PRO C 13 47.69 16.65 0.36
CA PRO C 13 48.92 16.38 1.07
C PRO C 13 48.76 16.60 2.58
N ASP C 14 49.42 15.74 3.35
CA ASP C 14 49.53 15.86 4.80
C ASP C 14 49.76 17.29 5.24
N GLN C 15 50.57 17.98 4.45
CA GLN C 15 51.20 19.20 4.88
C GLN C 15 51.63 20.02 3.69
N VAL C 16 51.75 21.32 3.90
CA VAL C 16 52.21 22.24 2.89
C VAL C 16 53.10 23.29 3.56
N GLU C 17 54.24 23.59 2.93
CA GLU C 17 55.12 24.67 3.40
C GLU C 17 54.60 26.03 2.92
N VAL C 18 54.54 26.96 3.85
CA VAL C 18 53.97 28.25 3.64
C VAL C 18 54.88 29.34 4.20
N ILE C 19 54.77 30.57 3.68
CA ILE C 19 55.31 31.73 4.36
C ILE C 19 54.14 32.49 4.96
N VAL C 20 54.28 32.85 6.24
CA VAL C 20 53.24 33.55 6.99
C VAL C 20 53.84 34.83 7.47
N ARG C 21 53.21 35.95 7.19
CA ARG C 21 53.66 37.18 7.81
C ARG C 21 52.50 37.84 8.49
N ASP C 22 52.81 38.63 9.51
CA ASP C 22 51.81 39.38 10.25
C ASP C 22 51.21 40.42 9.31
N LEU C 23 49.88 40.52 9.30
CA LEU C 23 49.19 41.50 8.45
C LEU C 23 47.89 41.89 9.18
N PRO C 24 48.02 42.75 10.22
CA PRO C 24 46.85 43.09 11.05
C PRO C 24 45.79 43.85 10.28
N ASP C 25 46.18 44.59 9.23
CA ASP C 25 45.25 45.38 8.45
C ASP C 25 44.87 44.73 7.11
N PRO C 26 43.60 44.26 7.00
CA PRO C 26 43.21 43.50 5.82
C PRO C 26 43.20 44.35 4.56
N SER C 27 43.26 45.67 4.74
CA SER C 27 43.31 46.65 3.65
C SER C 27 44.47 46.43 2.71
N LYS C 28 45.57 45.88 3.23
CA LYS C 28 46.79 45.65 2.45
C LYS C 28 46.75 44.30 1.69
N VAL C 29 45.74 43.46 1.92
CA VAL C 29 45.75 42.12 1.36
C VAL C 29 45.67 42.18 -0.16
N LYS C 30 44.81 43.05 -0.69
CA LYS C 30 44.50 43.10 -2.14
C LYS C 30 45.73 43.43 -3.01
N GLU C 31 46.46 44.46 -2.60
CA GLU C 31 47.70 44.87 -3.27
C GLU C 31 48.71 43.76 -3.28
N GLU C 32 48.79 43.02 -2.17
CA GLU C 32 49.73 41.91 -2.06
C GLU C 32 49.33 40.71 -2.94
N ARG C 33 48.04 40.37 -2.97
CA ARG C 33 47.59 39.27 -3.83
C ARG C 33 47.93 39.66 -5.27
N THR C 34 47.71 40.92 -5.62
CA THR C 34 47.97 41.37 -6.97
C THR C 34 49.47 41.34 -7.29
N ARG C 35 50.30 41.80 -6.35
CA ARG C 35 51.78 41.74 -6.52
C ARG C 35 52.26 40.34 -6.81
N LEU C 36 51.69 39.36 -6.10
CA LEU C 36 52.15 38.00 -6.13
C LEU C 36 51.39 37.10 -7.07
N MET C 37 50.51 37.71 -7.87
CA MET C 37 49.62 36.97 -8.76
C MET C 37 50.40 36.02 -9.64
N GLY C 38 49.92 34.79 -9.72
CA GLY C 38 50.52 33.79 -10.57
C GLY C 38 51.58 32.94 -9.87
N TYR C 39 52.28 33.52 -8.90
CA TYR C 39 53.41 32.83 -8.23
C TYR C 39 53.04 32.30 -6.86
N TRP C 40 52.12 32.99 -6.20
CA TRP C 40 51.70 32.63 -4.88
C TRP C 40 50.21 32.57 -4.78
N PHE C 41 49.71 31.63 -3.98
CA PHE C 41 48.33 31.69 -3.53
C PHE C 41 48.41 32.38 -2.18
N VAL C 42 47.54 33.34 -1.93
CA VAL C 42 47.63 34.16 -0.74
C VAL C 42 46.28 34.04 -0.03
N HIS C 43 46.27 34.04 1.30
CA HIS C 43 45.04 33.89 2.07
C HIS C 43 45.19 34.52 3.42
N TRP C 44 44.28 35.41 3.75
CA TRP C 44 44.33 36.14 5.00
C TRP C 44 43.43 35.46 6.07
N PHE C 45 43.96 35.29 7.27
CA PHE C 45 43.24 34.56 8.31
C PHE C 45 43.85 34.96 9.63
N ASP C 46 43.02 35.52 10.52
CA ASP C 46 43.39 35.77 11.91
C ASP C 46 44.59 36.71 12.02
N GLY C 47 44.58 37.77 11.21
CA GLY C 47 45.62 38.80 11.23
C GLY C 47 46.95 38.38 10.62
N LYS C 48 46.94 37.30 9.83
CA LYS C 48 48.14 36.79 9.17
C LYS C 48 47.88 36.57 7.72
N LEU C 49 48.92 36.77 6.91
CA LEU C 49 48.78 36.49 5.49
C LEU C 49 49.56 35.23 5.20
N PHE C 50 48.86 34.23 4.70
CA PHE C 50 49.45 32.97 4.34
C PHE C 50 49.77 32.92 2.86
N HIS C 51 50.99 32.52 2.55
CA HIS C 51 51.47 32.45 1.16
C HIS C 51 51.90 31.02 0.82
N LEU C 52 51.27 30.45 -0.20
CA LEU C 52 51.64 29.16 -0.75
C LEU C 52 52.19 29.35 -2.15
N ARG C 53 53.45 28.95 -2.35
CA ARG C 53 54.08 29.11 -3.64
C ARG C 53 53.44 28.19 -4.66
N ILE C 54 53.00 28.77 -5.78
CA ILE C 54 52.39 27.98 -6.84
C ILE C 54 53.27 27.78 -8.06
N LYS C 55 54.27 28.62 -8.24
CA LYS C 55 55.28 28.42 -9.29
C LYS C 55 56.61 28.98 -8.78
N ALA C 56 57.73 28.42 -9.25
CA ALA C 56 59.05 28.95 -8.88
C ALA C 56 59.21 30.29 -9.58
N GLY C 57 60.09 31.14 -9.07
CA GLY C 57 60.30 32.47 -9.68
C GLY C 57 59.76 33.57 -8.78
N GLY C 58 60.37 34.76 -8.84
CA GLY C 58 60.05 35.88 -7.93
C GLY C 58 58.72 36.37 -8.40
N PRO C 59 58.09 37.29 -7.67
CA PRO C 59 58.45 38.09 -6.51
C PRO C 59 58.69 37.32 -5.22
N ASN C 60 59.51 37.92 -4.36
CA ASN C 60 59.81 37.36 -3.06
C ASN C 60 58.85 37.85 -1.98
N VAL C 61 58.70 37.00 -0.98
CA VAL C 61 57.78 37.25 0.09
C VAL C 61 58.53 37.19 1.40
N ASP C 62 58.23 38.11 2.32
CA ASP C 62 58.80 38.06 3.67
C ASP C 62 57.91 37.38 4.69
N GLY C 63 58.55 36.69 5.65
CA GLY C 63 57.87 36.14 6.81
C GLY C 63 58.43 34.81 7.28
N GLU C 64 57.77 34.19 8.25
CA GLU C 64 58.19 32.90 8.81
C GLU C 64 57.84 31.72 7.89
N HIS C 65 58.82 30.87 7.61
CA HIS C 65 58.55 29.65 6.84
C HIS C 65 57.98 28.57 7.78
N ARG C 66 56.79 28.06 7.46
CA ARG C 66 56.02 27.24 8.40
C ARG C 66 55.30 26.11 7.65
N ALA C 67 55.26 24.91 8.23
CA ALA C 67 54.46 23.84 7.66
C ALA C 67 53.03 24.00 8.17
N ILE C 68 52.04 23.82 7.30
CA ILE C 68 50.61 23.85 7.74
C ILE C 68 50.06 22.47 7.52
N ARG C 69 49.72 21.80 8.61
CA ARG C 69 49.18 20.48 8.53
C ARG C 69 47.68 20.51 8.20
N THR C 70 47.32 19.77 7.15
CA THR C 70 45.97 19.78 6.59
C THR C 70 44.93 19.30 7.60
N ALA C 71 45.31 18.36 8.47
CA ALA C 71 44.37 17.82 9.49
C ALA C 71 44.01 18.84 10.54
N GLU C 72 44.95 19.71 10.90
CA GLU C 72 44.75 20.75 11.90
C GLU C 72 44.16 22.04 11.29
N HIS C 73 44.53 22.38 10.06
CA HIS C 73 44.18 23.68 9.46
C HIS C 73 43.66 23.53 8.03
N PRO C 74 42.54 22.78 7.85
CA PRO C 74 42.05 22.49 6.50
C PRO C 74 41.55 23.72 5.70
N TRP C 75 41.34 24.86 6.35
CA TRP C 75 40.85 26.08 5.68
C TRP C 75 41.79 26.57 4.55
N LEU C 76 43.09 26.29 4.68
CA LEU C 76 44.06 26.77 3.70
C LEU C 76 43.90 26.07 2.37
N LEU C 77 43.98 24.74 2.37
CA LEU C 77 43.77 23.98 1.15
C LEU C 77 42.30 23.93 0.68
N ARG C 78 41.33 24.06 1.58
CA ARG C 78 39.96 24.21 1.13
C ARG C 78 39.81 25.47 0.21
N ALA C 79 40.42 26.56 0.62
CA ALA C 79 40.38 27.83 -0.12
C ALA C 79 41.18 27.74 -1.42
N ARG C 80 42.35 27.12 -1.38
CA ARG C 80 43.13 26.93 -2.59
C ARG C 80 42.39 26.08 -3.61
N LEU C 81 41.68 25.08 -3.14
CA LEU C 81 40.92 24.20 -4.01
C LEU C 81 39.87 24.99 -4.80
N ASP C 82 39.33 26.06 -4.20
CA ASP C 82 38.38 26.89 -4.94
C ASP C 82 38.98 27.32 -6.27
N ASP C 83 40.18 27.89 -6.21
CA ASP C 83 40.91 28.38 -7.42
C ASP C 83 41.39 27.23 -8.27
N ALA C 84 41.84 26.16 -7.63
CA ALA C 84 42.44 25.06 -8.36
C ALA C 84 41.42 24.29 -9.14
N LEU C 85 40.19 24.20 -8.63
CA LEU C 85 39.15 23.48 -9.38
C LEU C 85 38.86 24.24 -10.68
N GLU C 86 38.95 25.56 -10.63
CA GLU C 86 38.70 26.40 -11.79
C GLU C 86 39.80 26.18 -12.81
N GLU C 87 41.04 26.19 -12.33
CA GLU C 87 42.22 25.93 -13.18
C GLU C 87 42.25 24.50 -13.72
N ALA C 88 41.61 23.58 -13.03
CA ALA C 88 41.58 22.19 -13.46
C ALA C 88 40.59 21.91 -14.59
N LEU C 89 39.70 22.86 -14.88
CA LEU C 89 38.67 22.70 -15.92
C LEU C 89 38.72 23.88 -16.90
N PRO C 90 39.87 24.08 -17.56
CA PRO C 90 40.05 25.31 -18.34
C PRO C 90 39.12 25.42 -19.56
N LYS C 91 38.57 24.31 -20.01
CA LYS C 91 37.60 24.31 -21.11
C LYS C 91 36.19 24.75 -20.66
N TYR C 92 35.97 24.88 -19.36
CA TYR C 92 34.72 25.38 -18.80
C TYR C 92 34.95 26.66 -18.04
N ALA C 93 34.62 27.77 -18.67
CA ALA C 93 34.69 29.10 -18.07
C ALA C 93 33.70 29.24 -16.92
N ALA C 94 34.15 29.89 -15.87
CA ALA C 94 33.33 30.14 -14.68
C ALA C 94 32.30 31.20 -14.99
N VAL C 95 31.06 30.93 -14.68
CA VAL C 95 30.04 31.98 -14.63
C VAL C 95 30.01 32.59 -13.22
N LYS C 96 30.57 31.88 -12.23
CA LYS C 96 30.75 32.39 -10.86
C LYS C 96 31.94 31.70 -10.22
N LYS C 97 32.48 32.29 -9.16
CA LYS C 97 33.58 31.66 -8.41
C LYS C 97 33.22 31.48 -6.93
N ARG C 98 33.96 30.60 -6.24
CA ARG C 98 33.77 30.44 -4.79
C ARG C 98 32.29 30.31 -4.42
N PRO C 99 31.60 29.25 -4.87
CA PRO C 99 32.06 28.10 -5.62
C PRO C 99 32.13 28.29 -7.14
N PHE C 100 33.11 27.63 -7.74
CA PHE C 100 33.26 27.54 -9.18
C PHE C 100 31.98 26.99 -9.78
N THR C 101 31.40 27.78 -10.69
CA THR C 101 30.13 27.47 -11.35
C THR C 101 30.31 27.60 -12.89
N PHE C 102 29.78 26.63 -13.63
CA PHE C 102 30.01 26.62 -15.05
C PHE C 102 28.86 25.95 -15.76
N LEU C 103 28.82 26.14 -17.07
CA LEU C 103 27.73 25.67 -17.91
C LEU C 103 28.16 24.48 -18.72
N ALA C 104 27.23 23.56 -18.98
CA ALA C 104 27.46 22.54 -20.00
C ALA C 104 27.79 23.21 -21.33
N GLN C 105 28.67 22.57 -22.07
CA GLN C 105 29.28 23.15 -23.27
C GLN C 105 28.33 23.04 -24.44
N LYS C 106 27.68 21.88 -24.56
CA LYS C 106 26.72 21.63 -25.63
C LYS C 106 25.30 21.90 -25.18
N ASP C 107 24.82 21.10 -24.22
CA ASP C 107 23.37 20.92 -23.98
C ASP C 107 22.58 22.22 -23.93
N GLU C 108 21.43 22.25 -24.61
CA GLU C 108 20.53 23.41 -24.63
C GLU C 108 19.09 22.90 -24.75
N LEU C 109 18.40 22.86 -23.60
CA LEU C 109 17.25 21.98 -23.44
C LEU C 109 15.98 22.43 -24.15
N ILE C 110 15.91 23.71 -24.53
CA ILE C 110 14.77 24.27 -25.25
C ILE C 110 14.69 23.68 -26.66
N ASP C 111 15.86 23.48 -27.24
CA ASP C 111 16.01 22.95 -28.58
C ASP C 111 15.50 21.51 -28.63
N ALA C 112 16.00 20.70 -27.70
CA ALA C 112 15.65 19.29 -27.58
C ALA C 112 14.22 19.07 -27.11
N ALA C 113 13.69 20.03 -26.33
CA ALA C 113 12.31 19.99 -25.87
C ALA C 113 11.39 20.32 -27.02
N ALA C 114 11.75 21.33 -27.80
CA ALA C 114 11.03 21.65 -29.03
C ALA C 114 10.96 20.44 -30.00
N THR C 115 12.00 19.62 -30.02
CA THR C 115 12.08 18.46 -30.91
C THR C 115 11.34 17.24 -30.34
N ALA C 116 11.55 16.97 -29.05
CA ALA C 116 10.80 15.90 -28.36
C ALA C 116 9.29 16.16 -28.44
N ALA C 117 8.90 17.42 -28.31
CA ALA C 117 7.48 17.81 -28.37
C ALA C 117 7.01 17.89 -29.80
N GLY C 118 7.92 18.27 -30.69
CA GLY C 118 7.61 18.46 -32.10
C GLY C 118 6.91 19.79 -32.34
N LEU C 119 7.62 20.88 -32.07
CA LEU C 119 7.11 22.24 -32.26
C LEU C 119 8.27 23.13 -32.70
N SER C 120 7.99 24.36 -33.12
CA SER C 120 9.01 25.20 -33.72
C SER C 120 8.62 26.67 -33.82
N HIS C 121 9.63 27.52 -33.89
CA HIS C 121 9.48 28.96 -34.13
C HIS C 121 10.86 29.53 -34.44
N ARG C 122 10.89 30.62 -35.20
CA ARG C 122 12.15 31.21 -35.65
C ARG C 122 13.04 31.49 -34.44
N LEU C 123 12.52 32.33 -33.53
CA LEU C 123 13.25 32.87 -32.39
C LEU C 123 13.55 31.85 -31.29
N LEU C 124 12.74 30.80 -31.19
CA LEU C 124 12.90 29.74 -30.18
C LEU C 124 14.39 29.47 -29.79
N ASN C 125 15.28 29.54 -30.78
CA ASN C 125 16.72 29.33 -30.58
C ASN C 125 17.39 30.33 -29.64
N SER C 126 16.88 31.55 -29.56
CA SER C 126 17.46 32.58 -28.67
C SER C 126 16.92 32.55 -27.23
N PHE C 127 16.15 31.50 -26.90
CA PHE C 127 15.76 31.19 -25.54
C PHE C 127 16.60 30.03 -25.02
N LYS C 128 17.52 30.32 -24.11
CA LYS C 128 18.44 29.29 -23.69
C LYS C 128 18.14 28.76 -22.28
N VAL C 129 18.10 27.45 -22.19
CA VAL C 129 18.13 26.73 -20.93
C VAL C 129 19.34 25.79 -20.93
N ILE C 130 20.37 26.13 -20.15
CA ILE C 130 21.64 25.43 -20.14
C ILE C 130 21.96 24.87 -18.74
N PRO C 131 22.25 23.57 -18.64
CA PRO C 131 22.63 22.98 -17.37
C PRO C 131 23.85 23.66 -16.76
N ARG C 132 23.81 23.86 -15.44
CA ARG C 132 24.80 24.66 -14.70
C ARG C 132 25.28 23.85 -13.50
N PHE C 133 26.58 23.63 -13.44
CA PHE C 133 27.21 22.83 -12.40
C PHE C 133 27.95 23.74 -11.47
N ALA C 134 28.02 23.37 -10.20
CA ALA C 134 28.89 24.06 -9.27
C ALA C 134 29.68 23.03 -8.45
N LEU C 135 30.91 23.37 -8.08
CA LEU C 135 31.78 22.50 -7.29
C LEU C 135 32.21 23.25 -6.04
N SER C 136 31.69 22.80 -4.90
CA SER C 136 31.93 23.44 -3.63
C SER C 136 32.83 22.55 -2.77
N PRO C 137 34.03 23.00 -2.50
CA PRO C 137 34.89 22.33 -1.50
C PRO C 137 34.41 22.65 -0.12
N LYS C 138 34.16 21.63 0.69
CA LYS C 138 33.60 21.85 2.01
C LYS C 138 34.34 20.98 3.03
N ILE C 139 34.52 21.52 4.24
CA ILE C 139 35.11 20.77 5.36
C ILE C 139 33.96 19.95 5.99
N TYR C 140 34.23 18.68 6.21
CA TYR C 140 33.27 17.79 6.84
C TYR C 140 34.05 16.86 7.76
N GLU C 141 33.34 16.07 8.54
CA GLU C 141 33.99 15.13 9.48
C GLU C 141 33.61 13.68 9.21
N PRO C 142 34.52 12.88 8.63
CA PRO C 142 34.22 11.45 8.54
C PRO C 142 33.84 10.79 9.88
N VAL C 143 34.45 11.24 10.97
CA VAL C 143 34.14 10.77 12.32
C VAL C 143 34.49 11.91 13.26
N ASP C 144 33.91 11.89 14.45
CA ASP C 144 34.07 12.99 15.40
C ASP C 144 35.55 13.25 15.61
N GLY C 145 35.92 14.51 15.64
CA GLY C 145 37.29 14.91 15.92
C GLY C 145 38.24 14.96 14.73
N THR C 146 37.87 14.35 13.61
CA THR C 146 38.71 14.36 12.39
C THR C 146 38.06 15.12 11.23
N THR C 147 38.81 16.02 10.60
CA THR C 147 38.29 16.79 9.47
C THR C 147 38.84 16.34 8.12
N ARG C 148 38.03 16.46 7.08
CA ARG C 148 38.49 16.29 5.72
C ARG C 148 37.80 17.35 4.84
N VAL C 149 38.22 17.39 3.58
CA VAL C 149 37.72 18.33 2.60
C VAL C 149 37.14 17.50 1.49
N GLY C 150 35.89 17.78 1.14
CA GLY C 150 35.24 17.13 0.05
C GLY C 150 34.80 18.12 -1.02
N VAL C 151 34.58 17.64 -2.24
CA VAL C 151 34.03 18.50 -3.27
C VAL C 151 32.63 18.03 -3.58
N PHE C 152 31.69 18.94 -3.35
CA PHE C 152 30.27 18.68 -3.52
C PHE C 152 29.74 19.29 -4.80
N VAL C 153 29.04 18.46 -5.55
CA VAL C 153 28.61 18.81 -6.89
C VAL C 153 27.13 19.09 -6.84
N THR C 154 26.74 20.26 -7.36
CA THR C 154 25.34 20.58 -7.51
C THR C 154 24.99 20.97 -8.94
N ILE C 155 23.71 20.81 -9.26
CA ILE C 155 23.21 21.08 -10.60
C ILE C 155 21.95 21.96 -10.59
N GLY C 156 21.96 22.99 -11.42
CA GLY C 156 20.76 23.76 -11.70
C GLY C 156 20.68 24.07 -13.19
N MET C 157 19.82 25.02 -13.55
CA MET C 157 19.58 25.37 -14.94
C MET C 157 19.66 26.85 -15.14
N ARG C 158 20.49 27.28 -16.08
CA ARG C 158 20.54 28.67 -16.46
C ARG C 158 19.44 28.99 -17.44
N TYR C 159 18.63 30.00 -17.14
CA TYR C 159 17.60 30.51 -18.09
C TYR C 159 18.02 31.89 -18.56
N ASP C 160 18.10 32.07 -19.88
CA ASP C 160 18.56 33.32 -20.45
C ASP C 160 17.79 33.54 -21.77
N ILE C 161 17.18 34.72 -21.91
CA ILE C 161 16.56 35.18 -23.14
C ILE C 161 17.60 36.11 -23.77
N GLU C 162 18.37 35.57 -24.73
CA GLU C 162 19.48 36.29 -25.38
C GLU C 162 18.99 37.23 -26.48
N ALA C 163 17.79 36.97 -27.00
CA ALA C 163 17.18 37.71 -28.12
C ALA C 163 17.20 39.23 -27.97
N SER C 164 17.03 39.93 -29.09
CA SER C 164 16.94 41.40 -29.08
C SER C 164 15.51 41.80 -28.67
N LEU C 165 15.39 42.94 -28.00
CA LEU C 165 14.08 43.44 -27.59
C LEU C 165 13.13 43.55 -28.80
N ARG C 166 13.65 44.10 -29.89
CA ARG C 166 12.83 44.43 -31.07
C ARG C 166 12.09 43.24 -31.66
N ASP C 167 12.81 42.14 -31.91
CA ASP C 167 12.24 40.95 -32.55
C ASP C 167 11.01 40.46 -31.82
N LEU C 168 11.04 40.61 -30.50
CA LEU C 168 9.97 40.14 -29.63
C LEU C 168 8.76 41.04 -29.77
N LEU C 169 8.99 42.35 -29.90
CA LEU C 169 7.89 43.30 -30.15
C LEU C 169 7.25 43.03 -31.52
N GLU C 170 8.09 42.83 -32.54
CA GLU C 170 7.62 42.51 -33.90
C GLU C 170 6.86 41.18 -33.98
N ALA C 171 7.22 40.24 -33.12
CA ALA C 171 6.53 38.96 -33.07
C ALA C 171 5.24 39.04 -32.24
N GLY C 172 4.86 40.25 -31.84
CA GLY C 172 3.62 40.49 -31.09
C GLY C 172 3.81 40.50 -29.59
N ILE C 173 5.07 40.33 -29.16
CA ILE C 173 5.39 40.29 -27.74
C ILE C 173 5.25 41.70 -27.15
N ASP C 174 4.26 41.86 -26.28
CA ASP C 174 4.04 43.11 -25.56
C ASP C 174 5.03 43.27 -24.39
N LEU C 175 5.94 44.23 -24.54
CA LEU C 175 6.97 44.50 -23.54
C LEU C 175 6.60 45.65 -22.56
N ARG C 176 5.32 45.99 -22.48
CA ARG C 176 4.88 46.99 -21.51
C ARG C 176 5.01 46.42 -20.10
N GLY C 177 6.10 46.77 -19.40
CA GLY C 177 6.26 46.42 -17.99
C GLY C 177 7.12 45.20 -17.68
N MET C 178 7.75 44.62 -18.69
CA MET C 178 8.67 43.51 -18.49
C MET C 178 9.96 44.02 -17.87
N TYR C 179 10.55 43.23 -16.98
CA TYR C 179 11.83 43.59 -16.40
C TYR C 179 12.98 43.31 -17.36
N VAL C 180 13.96 44.22 -17.32
CA VAL C 180 15.10 44.20 -18.17
C VAL C 180 16.40 44.27 -17.37
N VAL C 181 17.45 43.64 -17.88
CA VAL C 181 18.72 43.50 -17.18
C VAL C 181 19.90 43.76 -18.14
N ARG C 182 21.08 44.08 -17.60
CA ARG C 182 22.28 44.28 -18.43
C ARG C 182 22.72 42.98 -19.10
N ARG C 183 23.35 43.12 -20.28
CA ARG C 183 23.94 41.97 -21.00
C ARG C 183 25.35 41.70 -20.49
N LYS C 184 26.05 42.77 -20.16
CA LYS C 184 27.38 42.68 -19.57
C LYS C 184 27.33 43.43 -18.25
N ARG C 185 27.52 42.70 -17.14
CA ARG C 185 27.60 43.30 -15.80
C ARG C 185 29.03 43.79 -15.58
N GLN C 186 29.17 45.08 -15.31
CA GLN C 186 30.48 45.75 -15.16
C GLN C 186 31.50 44.92 -14.36
N ARG C 190 24.91 46.53 -9.84
CA ARG C 190 23.61 45.95 -10.10
C ARG C 190 23.49 45.53 -11.59
N GLY C 191 22.74 44.46 -11.83
CA GLY C 191 22.36 44.02 -13.17
C GLY C 191 20.95 44.49 -13.55
N LEU C 192 20.04 44.58 -12.58
CA LEU C 192 18.66 44.95 -12.88
C LEU C 192 18.60 46.43 -13.23
N LEU C 193 17.84 46.76 -14.28
CA LEU C 193 17.76 48.13 -14.84
C LEU C 193 16.46 48.81 -14.57
N GLY C 194 15.37 48.08 -14.76
CA GLY C 194 14.08 48.64 -14.51
C GLY C 194 13.04 47.90 -15.28
N ARG C 195 11.89 48.55 -15.42
CA ARG C 195 10.76 48.07 -16.19
C ARG C 195 10.70 48.82 -17.54
N VAL C 196 10.26 48.14 -18.59
CA VAL C 196 10.16 48.75 -19.90
C VAL C 196 8.91 49.63 -20.00
N ARG C 197 9.11 50.93 -20.25
CA ARG C 197 7.99 51.84 -20.49
C ARG C 197 7.65 51.83 -21.98
N ALA C 198 8.65 52.15 -22.79
CA ALA C 198 8.50 52.12 -24.25
C ALA C 198 9.88 51.94 -24.86
N ILE C 199 9.92 51.53 -26.13
CA ILE C 199 11.15 51.51 -26.91
C ILE C 199 11.08 52.65 -27.93
N SER C 200 11.94 53.65 -27.77
CA SER C 200 11.86 54.88 -28.57
C SER C 200 12.21 54.60 -30.03
N ASP C 201 13.50 54.70 -30.35
CA ASP C 201 14.00 54.31 -31.66
C ASP C 201 14.95 53.14 -31.41
N ASP C 202 16.19 53.46 -31.05
CA ASP C 202 17.17 52.47 -30.60
C ASP C 202 17.45 52.65 -29.10
N MET C 203 16.42 52.98 -28.32
CA MET C 203 16.54 53.29 -26.90
C MET C 203 15.32 52.78 -26.13
N VAL C 204 15.56 52.29 -24.90
CA VAL C 204 14.48 51.83 -24.03
C VAL C 204 14.17 52.89 -22.97
N GLN C 205 12.92 53.30 -22.90
CA GLN C 205 12.47 54.17 -21.82
C GLN C 205 12.10 53.25 -20.65
N LEU C 206 12.57 53.59 -19.44
CA LEU C 206 12.36 52.77 -18.25
C LEU C 206 11.54 53.50 -17.20
N PHE C 207 10.65 52.76 -16.54
CA PHE C 207 10.07 53.20 -15.26
C PHE C 207 10.50 52.21 -14.17
N GLU C 208 10.19 52.53 -12.91
CA GLU C 208 10.70 51.74 -11.78
C GLU C 208 12.19 51.48 -11.98
N GLU C 209 12.89 52.50 -12.44
CA GLU C 209 14.29 52.36 -12.80
C GLU C 209 15.14 52.26 -11.53
N THR C 210 16.28 51.59 -11.61
CA THR C 210 17.21 51.39 -10.49
C THR C 210 18.29 52.46 -10.47
N ASP C 211 18.73 52.87 -11.67
CA ASP C 211 19.63 54.02 -11.81
C ASP C 211 19.10 54.99 -12.89
N LEU C 212 19.48 54.81 -14.16
CA LEU C 212 19.04 55.71 -15.26
C LEU C 212 17.62 55.42 -15.73
N ALA C 213 16.96 56.42 -16.31
CA ALA C 213 15.59 56.25 -16.85
C ALA C 213 15.54 55.69 -18.28
N SER C 214 16.71 55.51 -18.90
CA SER C 214 16.76 54.87 -20.22
C SER C 214 18.11 54.21 -20.45
N VAL C 215 18.16 53.35 -21.45
CA VAL C 215 19.36 52.58 -21.76
C VAL C 215 19.29 52.18 -23.21
N ASN C 216 20.46 52.08 -23.84
CA ASN C 216 20.56 51.63 -25.21
C ASN C 216 20.09 50.19 -25.30
N VAL C 217 19.05 49.94 -26.10
CA VAL C 217 18.46 48.60 -26.28
C VAL C 217 19.50 47.51 -26.61
N ASN C 218 20.67 47.92 -27.12
CA ASN C 218 21.82 47.03 -27.33
C ASN C 218 22.49 46.54 -26.04
N ASP C 219 22.48 47.37 -25.01
CA ASP C 219 23.11 47.02 -23.72
C ASP C 219 22.29 46.01 -22.91
N ALA C 220 20.96 46.12 -22.99
CA ALA C 220 20.05 45.36 -22.13
C ALA C 220 19.53 44.07 -22.75
N LYS C 221 18.85 43.27 -21.91
CA LYS C 221 18.05 42.11 -22.32
C LYS C 221 16.94 41.88 -21.30
N LEU C 222 15.95 41.08 -21.67
CA LEU C 222 14.92 40.68 -20.71
C LEU C 222 15.55 39.81 -19.62
N GLU C 223 15.14 39.99 -18.37
CA GLU C 223 15.69 39.11 -17.32
C GLU C 223 15.13 37.75 -17.56
N GLY C 224 15.91 36.72 -17.19
CA GLY C 224 15.60 35.33 -17.46
C GLY C 224 14.67 34.64 -16.48
N SER C 225 13.62 35.36 -16.10
CA SER C 225 12.64 34.87 -15.15
C SER C 225 11.69 33.91 -15.85
N LYS C 226 11.06 33.04 -15.07
CA LYS C 226 9.97 32.21 -15.56
C LYS C 226 8.85 33.07 -16.14
N GLU C 227 8.55 34.22 -15.52
CA GLU C 227 7.56 35.18 -16.09
C GLU C 227 7.92 35.64 -17.50
N ASN C 228 9.13 36.13 -17.68
CA ASN C 228 9.52 36.56 -19.00
C ASN C 228 9.52 35.39 -19.97
N PHE C 229 9.82 34.18 -19.50
CA PHE C 229 9.72 32.99 -20.36
C PHE C 229 8.28 32.67 -20.79
N THR C 230 7.40 32.44 -19.82
CA THR C 230 6.03 32.00 -20.13
C THR C 230 5.13 33.16 -20.56
N ARG C 231 5.69 34.35 -20.74
CA ARG C 231 5.03 35.43 -21.46
C ARG C 231 5.52 35.45 -22.90
N CYS C 232 6.84 35.44 -23.06
CA CYS C 232 7.45 35.44 -24.38
C CYS C 232 7.11 34.20 -25.21
N LEU C 233 6.97 33.04 -24.58
CA LEU C 233 6.73 31.79 -25.32
C LEU C 233 5.25 31.50 -25.57
N SER C 234 4.41 31.63 -24.54
CA SER C 234 2.97 31.32 -24.65
C SER C 234 2.33 32.17 -25.73
N ALA C 235 2.86 33.38 -25.92
CA ALA C 235 2.53 34.23 -27.06
C ALA C 235 2.84 33.52 -28.37
N LEU C 236 4.10 33.18 -28.58
CA LEU C 236 4.59 32.64 -29.87
C LEU C 236 4.19 31.19 -30.15
N LEU C 237 3.44 30.55 -29.26
CA LEU C 237 3.07 29.14 -29.40
C LEU C 237 1.63 28.80 -28.94
N GLY C 238 1.31 29.12 -27.68
CA GLY C 238 0.10 28.64 -26.98
C GLY C 238 -1.17 28.75 -27.80
N HIS C 239 -2.04 27.74 -27.82
CA HIS C 239 -2.07 26.58 -26.91
C HIS C 239 -0.78 25.76 -26.76
N ASN C 240 -0.28 25.22 -27.88
CA ASN C 240 0.88 24.32 -27.91
C ASN C 240 2.03 24.52 -26.87
N TYR C 241 2.20 25.73 -26.37
CA TYR C 241 3.33 26.05 -25.46
C TYR C 241 3.30 25.28 -24.12
N LYS C 242 2.13 24.78 -23.71
CA LYS C 242 2.05 23.87 -22.56
C LYS C 242 2.90 22.64 -22.86
N LYS C 243 2.66 22.05 -24.02
CA LYS C 243 3.39 20.89 -24.51
C LYS C 243 4.91 21.09 -24.43
N LEU C 244 5.35 22.30 -24.72
CA LEU C 244 6.77 22.62 -24.65
C LEU C 244 7.24 22.55 -23.20
N LEU C 245 6.73 23.42 -22.35
CA LEU C 245 7.10 23.43 -20.94
C LEU C 245 7.21 22.03 -20.37
N ASN C 246 6.20 21.20 -20.64
CA ASN C 246 6.22 19.84 -20.18
C ASN C 246 7.35 19.02 -20.80
N ALA C 247 7.64 19.26 -22.07
CA ALA C 247 8.81 18.63 -22.72
C ALA C 247 10.11 19.16 -22.10
N LEU C 248 10.21 20.47 -21.99
CA LEU C 248 11.34 21.11 -21.28
C LEU C 248 11.50 20.62 -19.83
N ASP C 249 10.38 20.36 -19.17
CA ASP C 249 10.38 19.78 -17.85
C ASP C 249 10.99 18.37 -17.88
N ASP C 250 10.51 17.56 -18.83
CA ASP C 250 11.08 16.24 -19.10
C ASP C 250 12.56 16.30 -19.31
N GLN C 251 13.01 17.31 -20.04
CA GLN C 251 14.43 17.47 -20.33
C GLN C 251 15.25 17.71 -19.08
N GLU C 252 14.73 18.53 -18.15
CA GLU C 252 15.45 18.80 -16.92
C GLU C 252 15.42 17.55 -16.07
N ALA C 253 14.29 16.87 -16.02
CA ALA C 253 14.19 15.62 -15.26
C ALA C 253 15.34 14.64 -15.58
N GLY C 254 15.93 14.77 -16.76
CA GLY C 254 17.07 13.95 -17.14
C GLY C 254 18.38 14.30 -16.45
N TYR C 255 18.42 15.47 -15.79
CA TYR C 255 19.61 15.88 -15.03
C TYR C 255 19.39 15.88 -13.51
N ARG C 256 18.13 15.96 -13.09
CA ARG C 256 17.80 16.30 -11.72
C ARG C 256 17.03 15.27 -10.92
N THR C 257 16.42 14.27 -11.58
CA THR C 257 15.86 13.16 -10.83
C THR C 257 17.03 12.37 -10.22
N GLY C 258 16.78 11.67 -9.13
CA GLY C 258 17.81 10.96 -8.36
C GLY C 258 18.84 10.19 -9.19
N PRO C 259 18.38 9.19 -9.97
CA PRO C 259 19.32 8.33 -10.71
C PRO C 259 20.16 9.13 -11.70
N ARG C 260 19.49 10.00 -12.43
CA ARG C 260 20.12 10.88 -13.39
C ARG C 260 21.06 11.85 -12.68
N PHE C 261 20.69 12.30 -11.48
CA PHE C 261 21.54 13.23 -10.71
C PHE C 261 22.79 12.52 -10.21
N ASP C 262 22.57 11.34 -9.64
CA ASP C 262 23.63 10.50 -9.11
C ASP C 262 24.63 10.19 -10.21
N ASP C 263 24.11 9.92 -11.42
CA ASP C 263 24.96 9.58 -12.58
C ASP C 263 25.80 10.76 -13.11
N ALA C 264 25.17 11.94 -13.21
CA ALA C 264 25.91 13.19 -13.49
C ALA C 264 27.00 13.45 -12.46
N VAL C 265 26.66 13.28 -11.19
CA VAL C 265 27.64 13.44 -10.10
C VAL C 265 28.78 12.42 -10.30
N ARG C 266 28.41 11.15 -10.54
CA ARG C 266 29.39 10.07 -10.79
C ARG C 266 30.36 10.47 -11.88
N ARG C 267 29.83 10.93 -13.02
CA ARG C 267 30.65 11.36 -14.15
C ARG C 267 31.51 12.59 -13.86
N MET C 268 31.03 13.48 -13.02
CA MET C 268 31.80 14.62 -12.63
C MET C 268 33.01 14.15 -11.80
N GLY C 269 32.77 13.24 -10.88
CA GLY C 269 33.83 12.67 -10.05
C GLY C 269 34.92 11.98 -10.86
N GLU C 270 34.53 11.37 -11.98
CA GLU C 270 35.44 10.58 -12.81
C GLU C 270 36.30 11.53 -13.60
N PHE C 271 35.64 12.52 -14.18
CA PHE C 271 36.33 13.60 -14.85
C PHE C 271 37.37 14.28 -13.93
N LEU C 272 37.00 14.58 -12.70
CA LEU C 272 37.89 15.27 -11.76
C LEU C 272 39.06 14.44 -11.23
N ALA C 273 38.82 13.15 -10.99
CA ALA C 273 39.83 12.19 -10.56
C ALA C 273 40.83 11.77 -11.64
N LYS C 274 40.45 11.92 -12.91
CA LYS C 274 41.29 11.48 -14.05
C LYS C 274 42.75 11.95 -14.02
N LYS C 275 42.99 13.19 -13.57
CA LYS C 275 44.33 13.74 -13.39
C LYS C 275 44.49 14.24 -11.95
N PRO C 276 45.73 14.40 -11.45
CA PRO C 276 45.84 15.15 -10.21
C PRO C 276 45.53 16.62 -10.45
N ILE C 277 44.93 17.25 -9.44
CA ILE C 277 44.64 18.68 -9.47
C ILE C 277 45.83 19.38 -8.85
N ARG C 278 46.48 20.23 -9.61
CA ARG C 278 47.61 20.99 -9.08
C ARG C 278 47.12 22.01 -8.05
N LEU C 279 47.64 21.91 -6.82
CA LEU C 279 47.48 22.94 -5.78
C LEU C 279 48.62 23.94 -5.83
N ALA C 280 49.78 23.48 -6.27
CA ALA C 280 50.94 24.32 -6.49
C ALA C 280 51.79 23.58 -7.50
N ASP C 281 52.66 24.28 -8.25
CA ASP C 281 53.48 23.67 -9.35
C ASP C 281 53.81 22.16 -9.24
N ASN C 282 54.17 21.73 -8.03
CA ASN C 282 54.64 20.36 -7.71
C ASN C 282 53.78 19.59 -6.68
N ILE C 283 52.70 20.23 -6.21
CA ILE C 283 51.91 19.73 -5.08
C ILE C 283 50.50 19.49 -5.61
N ASN C 284 49.98 18.30 -5.39
CA ASN C 284 48.76 17.82 -6.02
C ASN C 284 47.73 17.31 -5.03
N ALA C 285 46.48 17.43 -5.44
CA ALA C 285 45.37 16.73 -4.82
C ALA C 285 44.79 15.68 -5.76
N GLN C 286 44.23 14.65 -5.14
CA GLN C 286 43.62 13.56 -5.86
C GLN C 286 42.20 13.36 -5.33
N VAL C 287 41.25 13.55 -6.22
CA VAL C 287 39.85 13.30 -5.92
C VAL C 287 39.65 11.82 -5.78
N GLY C 288 38.88 11.43 -4.77
CA GLY C 288 38.72 10.04 -4.37
C GLY C 288 37.31 9.52 -4.52
N ASP C 289 36.93 8.64 -3.60
CA ASP C 289 35.63 7.96 -3.60
C ASP C 289 34.52 8.92 -3.20
N ARG C 290 33.30 8.59 -3.62
CA ARG C 290 32.12 9.29 -3.15
C ARG C 290 32.09 9.24 -1.65
N ILE C 291 31.77 10.38 -1.07
CA ILE C 291 31.50 10.47 0.32
C ILE C 291 30.12 9.90 0.64
N VAL C 292 30.09 9.13 1.73
CA VAL C 292 28.92 8.41 2.17
C VAL C 292 28.61 8.71 3.64
N PHE C 293 27.34 8.57 4.02
CA PHE C 293 26.94 8.67 5.42
C PHE C 293 26.43 7.32 5.87
N SER C 294 27.15 6.72 6.81
CA SER C 294 26.82 5.36 7.25
C SER C 294 27.29 5.15 8.66
N ASN C 295 27.02 3.95 9.16
CA ASN C 295 27.49 3.56 10.48
C ASN C 295 28.52 2.41 10.43
N GLU C 296 29.09 2.16 9.24
CA GLU C 296 30.15 1.15 9.05
C GLU C 296 31.47 1.60 9.68
N GLY C 297 32.15 0.66 10.36
CA GLY C 297 33.41 0.95 11.04
C GLY C 297 33.24 1.83 12.26
N GLN C 298 34.13 2.81 12.41
CA GLN C 298 34.03 3.82 13.48
C GLN C 298 32.99 4.93 13.20
N ALA C 299 32.36 4.90 12.03
CA ALA C 299 31.40 5.95 11.62
C ALA C 299 30.03 5.77 12.29
N ARG C 300 29.50 6.87 12.85
CA ARG C 300 28.14 6.92 13.39
C ARG C 300 27.42 8.12 12.74
N ASN C 301 27.25 8.05 11.44
CA ASN C 301 26.93 9.20 10.60
C ASN C 301 25.53 9.19 9.99
N VAL C 302 24.66 8.32 10.46
CA VAL C 302 23.29 8.33 9.93
C VAL C 302 22.30 7.69 10.88
N ARG C 303 21.19 8.37 11.14
CA ARG C 303 20.05 7.75 11.79
C ARG C 303 18.74 8.12 11.12
N LEU C 304 17.72 7.29 11.34
CA LEU C 304 16.38 7.57 10.89
C LEU C 304 15.53 7.88 12.11
N ALA C 305 14.97 9.09 12.12
CA ALA C 305 14.06 9.49 13.19
C ALA C 305 12.77 8.74 12.98
N PRO C 306 12.12 8.36 14.08
CA PRO C 306 10.83 7.71 13.93
C PRO C 306 9.83 8.67 13.31
N LYS C 307 8.79 8.11 12.72
CA LYS C 307 7.73 8.90 12.13
C LYS C 307 7.08 9.81 13.19
N VAL C 308 6.77 11.04 12.77
CA VAL C 308 6.10 12.00 13.65
C VAL C 308 4.66 11.49 13.89
N GLU C 309 4.17 11.62 15.11
CA GLU C 309 2.80 11.26 15.41
C GLU C 309 1.97 12.53 15.55
N TYR C 310 0.96 12.66 14.69
CA TYR C 310 -0.08 13.67 14.86
C TYR C 310 -0.98 13.23 15.99
N VAL C 311 -1.03 14.01 17.07
CA VAL C 311 -1.74 13.62 18.30
C VAL C 311 -3.00 14.44 18.54
N PHE C 312 -4.04 13.76 19.03
CA PHE C 312 -5.38 14.34 19.10
C PHE C 312 -6.04 14.22 20.48
N ASP C 313 -5.26 13.90 21.52
CA ASP C 313 -5.69 14.11 22.91
C ASP C 313 -4.52 14.44 23.84
N ARG C 314 -4.84 14.88 25.05
CA ARG C 314 -3.82 15.22 26.06
C ARG C 314 -3.13 13.98 26.65
N THR C 315 -3.77 12.82 26.56
CA THR C 315 -3.19 11.55 27.01
C THR C 315 -2.07 11.10 26.06
N GLY C 316 -2.29 11.33 24.76
CA GLY C 316 -1.37 10.90 23.71
C GLY C 316 -1.81 9.64 22.96
N ALA C 317 -2.88 9.02 23.43
CA ALA C 317 -3.30 7.70 22.93
C ALA C 317 -3.95 7.76 21.54
N LYS C 318 -4.81 8.77 21.34
CA LYS C 318 -5.43 9.03 20.04
C LYS C 318 -4.40 9.70 19.14
N SER C 319 -4.05 9.06 18.01
CA SER C 319 -2.93 9.53 17.20
C SER C 319 -2.92 8.92 15.79
N ALA C 320 -2.23 9.58 14.85
CA ALA C 320 -2.17 9.13 13.47
C ALA C 320 -0.86 9.51 12.84
N GLU C 321 -0.62 8.95 11.66
CA GLU C 321 0.60 9.18 10.89
C GLU C 321 0.42 10.34 9.88
N TYR C 322 -0.85 10.63 9.57
CA TYR C 322 -1.25 11.71 8.71
C TYR C 322 -2.25 12.61 9.44
N ALA C 323 -2.12 13.92 9.23
CA ALA C 323 -2.94 14.93 9.90
C ALA C 323 -4.43 14.74 9.67
N TRP C 324 -4.80 14.57 8.41
CA TRP C 324 -6.17 14.56 7.98
C TRP C 324 -6.88 13.27 8.40
N ARG C 325 -6.18 12.14 8.24
CA ARG C 325 -6.71 10.84 8.66
C ARG C 325 -7.01 10.88 10.15
N GLY C 326 -6.11 11.48 10.94
CA GLY C 326 -6.31 11.62 12.37
C GLY C 326 -7.40 12.60 12.71
N LEU C 327 -7.48 13.69 11.93
CA LEU C 327 -8.51 14.71 12.18
C LEU C 327 -9.90 14.11 11.96
N SER C 328 -10.08 13.40 10.85
CA SER C 328 -11.36 12.74 10.54
C SER C 328 -11.72 11.65 11.57
N GLN C 329 -10.76 10.78 11.89
CA GLN C 329 -10.99 9.70 12.85
C GLN C 329 -11.30 10.18 14.27
N PHE C 330 -10.66 11.26 14.72
CA PHE C 330 -10.79 11.67 16.13
C PHE C 330 -11.40 13.05 16.37
N GLY C 331 -11.59 13.86 15.33
CA GLY C 331 -11.84 15.30 15.54
C GLY C 331 -10.68 15.98 16.25
N PRO C 332 -10.81 17.28 16.56
CA PRO C 332 -9.67 18.10 17.02
C PRO C 332 -9.17 17.88 18.46
N PHE C 333 -7.86 18.06 18.63
CA PHE C 333 -7.15 17.85 19.89
C PHE C 333 -7.85 18.54 21.05
N ASP C 334 -8.50 19.67 20.79
CA ASP C 334 -9.15 20.41 21.88
C ASP C 334 -10.69 20.35 21.87
N ARG C 335 -11.27 19.38 21.18
CA ARG C 335 -12.73 19.34 21.04
C ARG C 335 -13.48 19.50 22.37
N PRO C 336 -13.03 18.80 23.43
CA PRO C 336 -13.74 18.88 24.71
C PRO C 336 -13.74 20.26 25.39
N SER C 337 -12.68 21.02 25.22
CA SER C 337 -12.57 22.31 25.87
C SER C 337 -12.94 23.47 24.94
N PHE C 338 -13.24 23.17 23.68
CA PHE C 338 -13.32 24.23 22.65
C PHE C 338 -14.50 25.14 22.91
N ALA C 339 -14.26 26.43 22.93
CA ALA C 339 -15.18 27.39 23.51
C ALA C 339 -16.12 28.10 22.51
N ASN C 340 -15.85 28.02 21.22
CA ASN C 340 -16.76 28.66 20.28
C ASN C 340 -17.44 27.67 19.34
N ARG C 341 -18.36 26.90 19.90
CA ARG C 341 -18.99 25.84 19.17
C ARG C 341 -20.09 26.36 18.22
N SER C 342 -20.58 27.57 18.47
CA SER C 342 -21.53 28.24 17.55
C SER C 342 -20.98 29.52 16.90
N PRO C 343 -19.99 29.40 15.99
CA PRO C 343 -19.42 30.61 15.44
C PRO C 343 -20.32 31.34 14.45
N ARG C 344 -20.23 32.66 14.46
CA ARG C 344 -20.88 33.55 13.52
C ARG C 344 -19.80 34.13 12.64
N ILE C 345 -19.83 33.79 11.36
CA ILE C 345 -18.78 34.22 10.44
C ILE C 345 -19.35 35.17 9.41
N LEU C 346 -18.79 36.38 9.38
CA LEU C 346 -19.08 37.38 8.34
C LEU C 346 -18.50 36.92 7.03
N VAL C 347 -19.29 36.98 5.95
CA VAL C 347 -18.76 36.64 4.61
C VAL C 347 -18.83 37.88 3.75
N VAL C 348 -17.69 38.37 3.30
CA VAL C 348 -17.59 39.62 2.58
C VAL C 348 -17.24 39.24 1.18
N TYR C 349 -18.07 39.58 0.20
CA TYR C 349 -17.82 39.12 -1.17
C TYR C 349 -18.41 40.11 -2.19
N PRO C 350 -17.87 40.15 -3.43
CA PRO C 350 -18.47 41.09 -4.40
C PRO C 350 -19.91 40.62 -4.71
N SER C 351 -20.86 41.55 -4.82
CA SER C 351 -22.28 41.17 -4.91
C SER C 351 -22.55 40.23 -6.10
N SER C 352 -21.84 40.42 -7.21
CA SER C 352 -21.98 39.54 -8.40
C SER C 352 -21.54 38.07 -8.25
N THR C 353 -20.88 37.70 -7.15
CA THR C 353 -20.38 36.34 -6.94
C THR C 353 -21.31 35.52 -6.06
N GLN C 354 -22.50 36.06 -5.81
CA GLN C 354 -23.39 35.52 -4.80
C GLN C 354 -23.52 34.01 -4.87
N GLY C 355 -24.05 33.49 -5.99
CA GLY C 355 -24.31 32.04 -6.11
C GLY C 355 -23.05 31.20 -5.97
N LYS C 356 -21.99 31.66 -6.60
CA LYS C 356 -20.69 31.00 -6.52
C LYS C 356 -20.17 30.94 -5.08
N VAL C 357 -20.38 32.02 -4.34
CA VAL C 357 -19.99 32.05 -2.93
C VAL C 357 -20.85 31.12 -2.08
N GLU C 358 -22.18 31.17 -2.27
CA GLU C 358 -23.07 30.25 -1.55
C GLU C 358 -22.65 28.78 -1.76
N ASN C 359 -22.30 28.43 -3.00
CA ASN C 359 -21.87 27.07 -3.30
C ASN C 359 -20.65 26.69 -2.48
N PHE C 360 -19.63 27.53 -2.56
CA PHE C 360 -18.42 27.40 -1.73
C PHE C 360 -18.77 27.17 -0.26
N LEU C 361 -19.57 28.06 0.31
CA LEU C 361 -19.88 27.99 1.73
C LEU C 361 -20.63 26.72 2.11
N SER C 362 -21.56 26.30 1.26
CA SER C 362 -22.29 25.04 1.52
C SER C 362 -21.30 23.88 1.59
N ALA C 363 -20.45 23.79 0.58
CA ALA C 363 -19.42 22.75 0.51
C ALA C 363 -18.53 22.83 1.75
N PHE C 364 -18.16 24.04 2.12
CA PHE C 364 -17.31 24.26 3.28
C PHE C 364 -17.96 23.77 4.57
N ARG C 365 -19.17 24.27 4.83
CA ARG C 365 -19.84 24.00 6.08
C ARG C 365 -20.47 22.60 6.16
N ASP C 366 -21.07 22.16 5.05
CA ASP C 366 -21.95 20.98 5.04
C ASP C 366 -21.32 19.75 4.42
N GLY C 367 -20.32 19.96 3.59
CA GLY C 367 -19.53 18.87 3.05
C GLY C 367 -19.77 18.72 1.57
N MET C 368 -18.93 17.91 0.95
CA MET C 368 -19.12 17.54 -0.46
C MET C 368 -19.65 16.09 -0.58
N GLY C 369 -19.93 15.43 0.54
CA GLY C 369 -20.48 14.08 0.55
C GLY C 369 -19.43 13.00 0.34
N SER C 370 -19.86 11.74 0.30
CA SER C 370 -18.92 10.61 0.27
C SER C 370 -18.26 10.35 -1.11
N ASN C 371 -18.71 11.07 -2.15
CA ASN C 371 -18.03 11.05 -3.44
C ASN C 371 -16.74 11.84 -3.44
N TYR C 372 -16.55 12.66 -2.41
CA TYR C 372 -15.32 13.41 -2.22
C TYR C 372 -14.82 13.14 -0.80
N SER C 373 -14.25 11.94 -0.65
CA SER C 373 -13.73 11.42 0.61
C SER C 373 -12.78 12.39 1.31
N GLY C 374 -12.04 13.14 0.51
CA GLY C 374 -11.15 14.15 1.03
C GLY C 374 -11.83 15.27 1.82
N PHE C 375 -13.08 15.57 1.49
CA PHE C 375 -13.85 16.53 2.29
C PHE C 375 -15.34 16.17 2.30
N SER C 376 -15.64 15.08 3.02
CA SER C 376 -16.97 14.49 3.07
C SER C 376 -17.92 15.27 3.92
N LYS C 377 -17.52 15.51 5.16
CA LYS C 377 -18.43 15.80 6.25
C LYS C 377 -18.77 17.28 6.40
N GLY C 378 -17.83 18.16 6.09
CA GLY C 378 -18.05 19.58 6.29
C GLY C 378 -17.53 20.07 7.63
N PHE C 379 -17.29 21.38 7.70
CA PHE C 379 -16.63 22.03 8.83
C PHE C 379 -17.26 21.68 10.17
N VAL C 380 -18.58 21.76 10.23
CA VAL C 380 -19.30 21.55 11.47
C VAL C 380 -19.06 20.15 12.04
N ASP C 381 -19.23 19.15 11.19
CA ASP C 381 -19.10 17.75 11.60
C ASP C 381 -17.64 17.35 11.78
N LEU C 382 -16.74 17.97 11.01
CA LEU C 382 -15.29 17.72 11.12
C LEU C 382 -14.75 18.13 12.48
N MET C 383 -15.10 19.36 12.90
CA MET C 383 -14.58 19.94 14.13
C MET C 383 -15.45 19.78 15.38
N GLY C 384 -16.52 19.01 15.28
CA GLY C 384 -17.44 18.84 16.40
C GLY C 384 -18.17 20.12 16.81
N LEU C 385 -18.49 20.97 15.84
CA LEU C 385 -19.19 22.20 16.12
C LEU C 385 -20.70 21.90 16.22
N THR C 386 -21.45 22.73 16.95
CA THR C 386 -22.91 22.64 16.95
C THR C 386 -23.45 23.20 15.63
N LYS C 387 -23.13 24.46 15.34
CA LYS C 387 -23.35 25.00 13.99
C LYS C 387 -22.64 26.32 13.72
N VAL C 388 -22.60 26.68 12.45
CA VAL C 388 -21.96 27.89 11.98
C VAL C 388 -23.02 28.78 11.33
N GLU C 389 -23.14 30.02 11.78
CA GLU C 389 -24.01 30.98 11.10
C GLU C 389 -23.22 31.97 10.27
N PHE C 390 -23.49 32.00 8.97
CA PHE C 390 -22.93 32.98 8.09
C PHE C 390 -23.72 34.28 8.06
N VAL C 391 -22.99 35.39 8.16
CA VAL C 391 -23.53 36.72 8.06
C VAL C 391 -23.06 37.32 6.74
N MET C 392 -23.98 37.41 5.78
CA MET C 392 -23.63 37.83 4.42
C MET C 392 -23.46 39.33 4.27
N CYS C 393 -22.34 39.68 3.66
CA CYS C 393 -21.96 41.06 3.49
C CYS C 393 -21.57 41.29 2.06
N PRO C 394 -22.57 41.37 1.15
CA PRO C 394 -22.24 41.69 -0.22
C PRO C 394 -21.65 43.09 -0.36
N VAL C 395 -20.72 43.23 -1.28
CA VAL C 395 -20.12 44.52 -1.64
C VAL C 395 -20.45 44.83 -3.08
N GLU C 396 -20.94 46.04 -3.34
CA GLU C 396 -21.12 46.57 -4.72
C GLU C 396 -19.80 46.96 -5.31
N VAL C 397 -19.11 46.02 -5.93
CA VAL C 397 -17.79 46.32 -6.48
C VAL C 397 -17.50 45.47 -7.72
N SER C 398 -16.82 46.05 -8.69
CA SER C 398 -16.40 45.32 -9.89
C SER C 398 -14.88 45.11 -9.92
N SER C 399 -14.46 43.99 -10.53
CA SER C 399 -13.04 43.66 -10.70
C SER C 399 -12.27 44.72 -11.49
N ALA C 400 -12.96 45.38 -12.42
CA ALA C 400 -12.37 46.48 -13.19
C ALA C 400 -11.98 47.70 -12.37
N ASP C 401 -12.60 47.86 -11.20
CA ASP C 401 -12.26 48.97 -10.30
C ASP C 401 -10.91 48.64 -9.68
N ARG C 402 -9.96 49.54 -9.82
CA ARG C 402 -8.66 49.29 -9.21
C ARG C 402 -8.31 50.33 -8.18
N ASN C 403 -9.11 51.36 -8.04
CA ASN C 403 -8.75 52.45 -7.17
C ASN C 403 -9.64 52.60 -5.95
N GLY C 404 -10.83 52.02 -5.97
CA GLY C 404 -11.75 52.24 -4.86
C GLY C 404 -12.32 50.95 -4.32
N ALA C 405 -11.71 49.83 -4.68
CA ALA C 405 -12.20 48.54 -4.26
C ALA C 405 -12.05 48.37 -2.71
N HIS C 406 -10.91 48.74 -2.21
CA HIS C 406 -10.67 48.63 -0.76
C HIS C 406 -11.68 49.48 0.04
N THR C 407 -11.99 50.67 -0.46
CA THR C 407 -12.90 51.58 0.25
C THR C 407 -14.30 51.02 0.30
N LYS C 408 -14.73 50.39 -0.80
CA LYS C 408 -16.07 49.77 -0.84
C LYS C 408 -16.14 48.61 0.10
N TYR C 409 -15.10 47.80 0.11
CA TYR C 409 -15.12 46.63 1.00
C TYR C 409 -15.26 47.05 2.45
N ASN C 410 -14.39 47.97 2.87
CA ASN C 410 -14.40 48.43 4.29
C ASN C 410 -15.68 49.14 4.67
N SER C 411 -16.25 49.92 3.76
CA SER C 411 -17.52 50.60 4.07
C SER C 411 -18.64 49.61 4.28
N ALA C 412 -18.65 48.53 3.49
CA ALA C 412 -19.68 47.52 3.58
C ALA C 412 -19.56 46.76 4.89
N ILE C 413 -18.33 46.46 5.27
CA ILE C 413 -18.09 45.78 6.57
C ILE C 413 -18.57 46.62 7.75
N GLU C 414 -18.16 47.87 7.74
CA GLU C 414 -18.49 48.81 8.81
C GLU C 414 -20.02 48.93 8.93
N ASP C 415 -20.69 49.19 7.82
CA ASP C 415 -22.17 49.23 7.82
C ASP C 415 -22.80 47.93 8.32
N LYS C 416 -22.31 46.78 7.88
CA LYS C 416 -22.90 45.52 8.32
C LYS C 416 -22.67 45.22 9.79
N LEU C 417 -21.46 45.48 10.27
CA LEU C 417 -21.20 45.09 11.63
C LEU C 417 -21.87 46.02 12.62
N ALA C 418 -22.10 47.27 12.26
CA ALA C 418 -22.69 48.22 13.20
C ALA C 418 -24.06 47.78 13.72
N GLY C 419 -24.85 47.12 12.88
CA GLY C 419 -26.09 46.47 13.34
C GLY C 419 -26.06 45.02 12.92
N ALA C 420 -25.38 44.18 13.70
CA ALA C 420 -25.24 42.74 13.36
C ALA C 420 -24.78 41.80 14.49
N GLY C 421 -24.46 42.33 15.69
CA GLY C 421 -24.06 41.47 16.81
C GLY C 421 -22.61 40.99 16.74
N GLU C 422 -22.20 40.16 17.69
CA GLU C 422 -20.81 39.69 17.73
C GLU C 422 -20.54 38.82 16.53
N VAL C 423 -19.42 39.05 15.82
CA VAL C 423 -18.97 38.05 14.88
C VAL C 423 -17.60 37.54 15.33
N HIS C 424 -17.37 36.25 15.10
CA HIS C 424 -16.22 35.55 15.61
C HIS C 424 -15.12 35.37 14.59
N ALA C 425 -15.47 35.45 13.31
CA ALA C 425 -14.50 35.42 12.23
C ALA C 425 -15.10 36.01 10.96
N GLY C 426 -14.23 36.20 9.96
CA GLY C 426 -14.65 36.63 8.62
C GLY C 426 -14.03 35.79 7.52
N ILE C 427 -14.75 35.70 6.40
CA ILE C 427 -14.29 35.11 5.18
C ILE C 427 -14.44 36.26 4.20
N VAL C 428 -13.36 36.62 3.54
CA VAL C 428 -13.36 37.70 2.57
C VAL C 428 -13.02 37.14 1.21
N VAL C 429 -13.94 37.34 0.25
CA VAL C 429 -13.73 36.91 -1.12
C VAL C 429 -13.21 38.04 -2.03
N LEU C 430 -12.11 37.76 -2.73
CA LEU C 430 -11.42 38.73 -3.53
C LEU C 430 -11.39 38.30 -5.01
N PHE C 431 -11.44 39.31 -5.87
CA PHE C 431 -11.17 39.11 -7.31
C PHE C 431 -9.68 38.96 -7.51
N GLU C 432 -9.28 38.05 -8.40
CA GLU C 432 -7.85 37.87 -8.72
C GLU C 432 -7.20 39.18 -9.08
N ASP C 433 -7.93 40.00 -9.83
CA ASP C 433 -7.48 41.35 -10.25
C ASP C 433 -7.22 42.38 -9.13
N HIS C 434 -7.76 42.14 -7.94
CA HIS C 434 -7.50 43.04 -6.79
C HIS C 434 -6.43 42.49 -5.83
N ALA C 435 -6.14 41.20 -5.96
CA ALA C 435 -5.32 40.44 -5.00
C ALA C 435 -3.96 41.07 -4.76
N ARG C 436 -3.31 41.52 -5.81
CA ARG C 436 -1.93 41.99 -5.70
C ARG C 436 -1.75 43.44 -6.14
N LEU C 437 -2.80 44.23 -5.95
CA LEU C 437 -2.70 45.68 -6.06
C LEU C 437 -1.75 46.21 -5.00
N PRO C 438 -1.18 47.39 -5.24
CA PRO C 438 -0.41 48.08 -4.20
C PRO C 438 -1.19 48.18 -2.91
N ASP C 439 -0.49 48.12 -1.78
CA ASP C 439 -1.16 48.07 -0.50
C ASP C 439 -2.05 49.26 -0.19
N ASP C 440 -1.75 50.44 -0.72
CA ASP C 440 -2.62 51.58 -0.52
C ASP C 440 -4.03 51.37 -1.12
N ARG C 441 -4.23 50.39 -1.99
CA ARG C 441 -5.62 50.14 -2.46
C ARG C 441 -5.95 48.66 -2.51
N ASN C 442 -5.25 47.88 -1.72
CA ASN C 442 -5.40 46.47 -1.80
C ASN C 442 -6.46 46.02 -0.83
N PRO C 443 -7.50 45.36 -1.35
CA PRO C 443 -8.57 44.97 -0.45
C PRO C 443 -8.22 43.84 0.56
N TYR C 444 -7.30 42.95 0.19
CA TYR C 444 -6.89 41.87 1.12
C TYR C 444 -6.41 42.54 2.41
N ILE C 445 -5.47 43.46 2.25
CA ILE C 445 -4.78 44.03 3.43
C ILE C 445 -5.66 45.01 4.17
N HIS C 446 -6.51 45.74 3.45
CA HIS C 446 -7.42 46.70 4.09
C HIS C 446 -8.51 46.06 4.92
N THR C 447 -9.14 45.00 4.38
CA THR C 447 -10.10 44.24 5.16
C THR C 447 -9.46 43.44 6.26
N LYS C 448 -8.28 42.91 5.99
CA LYS C 448 -7.53 42.25 7.07
C LYS C 448 -7.29 43.24 8.24
N SER C 449 -6.85 44.45 7.93
CA SER C 449 -6.55 45.51 8.89
C SER C 449 -7.78 45.90 9.66
N LEU C 450 -8.86 46.24 8.94
CA LEU C 450 -10.08 46.56 9.65
C LEU C 450 -10.56 45.48 10.56
N LEU C 451 -10.69 44.26 10.07
CA LEU C 451 -11.24 43.22 10.89
C LEU C 451 -10.33 42.84 12.05
N LEU C 452 -9.02 42.76 11.81
CA LEU C 452 -8.07 42.48 12.91
C LEU C 452 -8.12 43.57 14.01
N THR C 453 -8.33 44.83 13.63
CA THR C 453 -8.44 45.94 14.57
C THR C 453 -9.60 45.72 15.51
N LEU C 454 -10.70 45.23 14.92
CA LEU C 454 -11.94 44.96 15.62
C LEU C 454 -11.86 43.64 16.39
N GLY C 455 -10.78 42.87 16.21
CA GLY C 455 -10.62 41.63 16.93
C GLY C 455 -11.25 40.44 16.28
N VAL C 456 -11.41 40.52 14.96
CA VAL C 456 -12.03 39.51 14.16
C VAL C 456 -11.01 38.95 13.13
N PRO C 457 -10.64 37.68 13.29
CA PRO C 457 -9.70 37.07 12.34
C PRO C 457 -10.38 36.75 11.03
N THR C 458 -9.64 36.83 9.93
CA THR C 458 -10.22 36.47 8.65
C THR C 458 -9.49 35.36 7.94
N GLN C 459 -10.25 34.54 7.24
CA GLN C 459 -9.69 33.65 6.25
C GLN C 459 -10.10 34.20 4.90
N GLN C 460 -9.16 34.71 4.11
CA GLN C 460 -9.50 35.24 2.81
C GLN C 460 -9.37 34.19 1.73
N VAL C 461 -9.95 34.49 0.57
CA VAL C 461 -9.99 33.53 -0.54
C VAL C 461 -10.22 34.28 -1.86
N ARG C 462 -9.53 33.85 -2.90
CA ARG C 462 -9.63 34.47 -4.22
C ARG C 462 -10.67 33.70 -5.07
N MET C 463 -11.35 34.41 -5.96
CA MET C 463 -12.43 33.80 -6.72
C MET C 463 -12.01 32.52 -7.52
N PRO C 464 -10.82 32.49 -8.11
CA PRO C 464 -10.42 31.25 -8.79
C PRO C 464 -10.37 30.06 -7.84
N THR C 465 -10.04 30.30 -6.58
CA THR C 465 -10.12 29.24 -5.61
C THR C 465 -11.57 28.86 -5.34
N VAL C 466 -12.43 29.86 -5.30
CA VAL C 466 -13.87 29.62 -5.08
C VAL C 466 -14.41 28.76 -6.22
N LEU C 467 -13.80 28.88 -7.40
CA LEU C 467 -14.31 28.26 -8.63
C LEU C 467 -13.62 27.00 -9.06
N LEU C 468 -12.77 26.46 -8.20
CA LEU C 468 -12.07 25.22 -8.50
C LEU C 468 -13.09 24.10 -8.66
N GLU C 469 -12.86 23.22 -9.64
CA GLU C 469 -13.66 22.01 -9.77
C GLU C 469 -13.40 21.11 -8.55
N PRO C 470 -14.33 20.19 -8.23
CA PRO C 470 -14.37 19.43 -6.98
C PRO C 470 -13.14 18.61 -6.58
N LYS C 471 -12.47 17.99 -7.55
CA LYS C 471 -11.25 17.20 -7.30
C LYS C 471 -10.18 18.03 -6.57
N SER C 472 -10.02 19.30 -6.98
CA SER C 472 -9.14 20.24 -6.29
C SER C 472 -9.78 20.92 -5.07
N LEU C 473 -11.08 21.19 -5.15
CA LEU C 473 -11.78 21.91 -4.09
C LEU C 473 -11.71 21.17 -2.77
N GLN C 474 -11.83 19.85 -2.76
CA GLN C 474 -11.88 19.16 -1.48
C GLN C 474 -10.59 19.41 -0.69
N TYR C 475 -9.47 19.48 -1.40
CA TYR C 475 -8.18 19.66 -0.74
C TYR C 475 -8.06 21.11 -0.22
N THR C 476 -8.45 22.06 -1.07
CA THR C 476 -8.64 23.42 -0.65
C THR C 476 -9.46 23.55 0.64
N LEU C 477 -10.60 22.86 0.74
CA LEU C 477 -11.45 23.03 1.92
C LEU C 477 -10.86 22.34 3.13
N GLN C 478 -10.07 21.29 2.93
CA GLN C 478 -9.31 20.70 4.04
C GLN C 478 -8.45 21.79 4.68
N ASN C 479 -7.69 22.48 3.86
CA ASN C 479 -6.71 23.46 4.37
C ASN C 479 -7.36 24.70 4.99
N PHE C 480 -8.38 25.20 4.28
CA PHE C 480 -9.25 26.30 4.70
C PHE C 480 -9.89 25.99 6.05
N SER C 481 -10.36 24.77 6.23
CA SER C 481 -10.99 24.39 7.49
C SER C 481 -10.02 24.35 8.64
N ILE C 482 -8.83 23.79 8.42
CA ILE C 482 -7.83 23.73 9.48
C ILE C 482 -7.49 25.16 9.94
N ALA C 483 -7.27 26.07 8.97
CA ALA C 483 -6.83 27.43 9.31
C ALA C 483 -7.95 28.20 10.02
N THR C 484 -9.17 28.03 9.51
CA THR C 484 -10.29 28.73 10.09
C THR C 484 -10.55 28.30 11.50
N TYR C 485 -10.55 27.00 11.76
CA TYR C 485 -10.66 26.48 13.14
C TYR C 485 -9.59 27.08 14.05
N ALA C 486 -8.34 27.15 13.57
CA ALA C 486 -7.28 27.76 14.38
C ALA C 486 -7.51 29.27 14.57
N LYS C 487 -8.03 29.93 13.53
CA LYS C 487 -8.40 31.34 13.64
C LYS C 487 -9.49 31.55 14.70
N LEU C 488 -10.35 30.55 14.89
CA LEU C 488 -11.37 30.59 15.92
C LEU C 488 -10.84 30.18 17.31
N ASN C 489 -9.52 30.16 17.47
CA ASN C 489 -8.84 29.73 18.71
C ASN C 489 -8.67 28.21 18.84
N GLY C 490 -8.95 27.45 17.78
CA GLY C 490 -8.82 25.99 17.84
C GLY C 490 -7.38 25.45 17.82
N THR C 491 -7.20 24.22 18.28
CA THR C 491 -5.93 23.48 18.17
C THR C 491 -6.32 22.18 17.51
N PRO C 492 -6.13 22.06 16.18
CA PRO C 492 -6.55 20.92 15.43
C PRO C 492 -5.84 19.65 15.83
N TRP C 493 -4.51 19.75 15.97
CA TRP C 493 -3.65 18.64 16.35
C TRP C 493 -2.37 19.16 16.93
N THR C 494 -1.60 18.23 17.46
CA THR C 494 -0.38 18.51 18.14
C THR C 494 0.58 17.46 17.63
N VAL C 495 1.81 17.47 18.12
CA VAL C 495 2.73 16.40 17.78
C VAL C 495 3.46 15.95 19.03
N ASN C 496 3.89 14.71 18.99
CA ASN C 496 4.36 14.00 20.16
C ASN C 496 5.70 14.48 20.65
N HIS C 497 5.88 14.43 21.95
CA HIS C 497 7.21 14.48 22.52
C HIS C 497 7.21 13.66 23.80
N ASP C 498 8.04 12.62 23.85
CA ASP C 498 8.18 11.79 25.06
C ASP C 498 8.90 12.63 26.12
N LYS C 499 8.30 12.77 27.30
CA LYS C 499 8.81 13.72 28.28
C LYS C 499 10.04 13.19 29.03
N ALA C 500 11.22 13.50 28.51
CA ALA C 500 12.46 13.34 29.26
C ALA C 500 12.57 14.50 30.25
N ILE C 501 12.93 15.69 29.76
CA ILE C 501 13.14 16.88 30.61
C ILE C 501 11.84 17.50 31.14
N ASN C 502 11.96 18.19 32.28
CA ASN C 502 10.80 18.68 33.05
C ASN C 502 10.01 19.84 32.40
N ASP C 503 10.59 20.48 31.39
CA ASP C 503 9.93 21.54 30.65
C ASP C 503 10.83 22.00 29.51
N GLU C 504 10.20 22.48 28.45
CA GLU C 504 10.96 22.81 27.24
C GLU C 504 10.22 23.89 26.46
N LEU C 505 10.98 24.88 26.02
CA LEU C 505 10.45 26.06 25.35
C LEU C 505 11.25 26.22 24.08
N VAL C 506 10.56 26.32 22.94
CA VAL C 506 11.22 26.56 21.67
C VAL C 506 10.71 27.89 21.12
N VAL C 507 11.61 28.81 20.83
CA VAL C 507 11.19 30.09 20.23
C VAL C 507 11.82 30.24 18.89
N GLY C 508 11.04 30.75 17.94
CA GLY C 508 11.58 31.01 16.62
C GLY C 508 11.43 32.46 16.27
N MET C 509 12.25 32.86 15.32
CA MET C 509 12.25 34.16 14.77
C MET C 509 12.21 34.03 13.26
N GLY C 510 11.43 34.93 12.64
CA GLY C 510 11.19 34.88 11.20
C GLY C 510 11.28 36.31 10.68
N LEU C 511 11.74 36.44 9.45
CA LEU C 511 11.95 37.71 8.79
C LEU C 511 11.00 37.91 7.57
N ALA C 512 10.53 39.13 7.38
CA ALA C 512 9.92 39.57 6.13
C ALA C 512 10.69 40.79 5.67
N GLU C 513 10.71 41.03 4.35
CA GLU C 513 11.38 42.20 3.79
C GLU C 513 10.47 42.88 2.76
N LEU C 514 9.98 44.06 3.10
CA LEU C 514 8.84 44.64 2.40
C LEU C 514 9.24 45.89 1.66
N SER C 515 8.73 46.01 0.44
CA SER C 515 8.84 47.23 -0.39
C SER C 515 7.62 47.26 -1.28
N GLY C 516 7.28 48.45 -1.80
CA GLY C 516 6.22 48.56 -2.82
C GLY C 516 6.65 48.08 -4.22
N SER C 517 7.96 48.09 -4.49
CA SER C 517 8.49 47.72 -5.82
C SER C 517 9.91 47.17 -5.70
N ARG C 518 10.46 46.70 -6.81
CA ARG C 518 11.86 46.26 -6.81
C ARG C 518 12.89 47.37 -6.78
N THR C 519 12.46 48.61 -6.95
CA THR C 519 13.35 49.76 -6.87
C THR C 519 13.49 50.25 -5.42
N GLU C 520 12.42 50.11 -4.64
CA GLU C 520 12.37 50.64 -3.29
C GLU C 520 13.14 49.70 -2.36
N LYS C 521 14.03 50.28 -1.56
CA LYS C 521 14.76 49.55 -0.51
C LYS C 521 13.83 48.73 0.40
N ARG C 522 14.12 47.43 0.54
CA ARG C 522 13.24 46.54 1.30
C ARG C 522 13.48 46.78 2.80
N GLN C 523 12.39 46.98 3.57
CA GLN C 523 12.48 47.20 5.02
C GLN C 523 12.21 45.87 5.76
N ARG C 524 13.01 45.56 6.77
CA ARG C 524 12.92 44.26 7.48
C ARG C 524 11.96 44.36 8.64
N PHE C 525 11.22 43.28 8.87
CA PHE C 525 10.37 43.13 10.02
C PHE C 525 10.60 41.74 10.51
N VAL C 526 10.28 41.52 11.77
CA VAL C 526 10.44 40.20 12.39
C VAL C 526 9.15 39.78 13.07
N GLY C 527 9.07 38.48 13.32
CA GLY C 527 8.07 37.89 14.14
C GLY C 527 8.72 36.85 15.04
N ILE C 528 8.04 36.57 16.13
CA ILE C 528 8.48 35.57 17.12
C ILE C 528 7.32 34.64 17.43
N THR C 529 7.60 33.35 17.43
CA THR C 529 6.63 32.34 17.73
C THR C 529 7.20 31.45 18.84
N THR C 530 6.34 30.97 19.71
CA THR C 530 6.82 30.14 20.81
C THR C 530 6.06 28.85 20.83
N VAL C 531 6.78 27.76 21.13
CA VAL C 531 6.17 26.45 21.25
C VAL C 531 6.67 25.87 22.58
N PHE C 532 5.74 25.19 23.28
CA PHE C 532 5.92 24.60 24.64
C PHE C 532 5.78 23.09 24.67
N ALA C 533 6.55 22.45 25.55
CA ALA C 533 6.34 21.05 25.91
C ALA C 533 5.08 20.93 26.73
N GLY C 534 4.22 19.98 26.37
CA GLY C 534 3.01 19.69 27.15
C GLY C 534 2.94 18.23 27.51
N ASP C 535 1.81 17.81 28.08
CA ASP C 535 1.61 16.42 28.47
C ASP C 535 1.60 15.53 27.23
N GLY C 536 2.78 15.03 26.85
CA GLY C 536 2.92 14.15 25.69
C GLY C 536 2.57 14.88 24.41
N SER C 537 2.92 16.17 24.35
CA SER C 537 2.48 17.05 23.27
C SER C 537 3.15 18.40 23.28
N TYR C 538 3.48 18.90 22.10
CA TYR C 538 3.93 20.30 21.93
C TYR C 538 2.73 21.20 21.68
N LEU C 539 2.66 22.30 22.40
CA LEU C 539 1.54 23.20 22.27
C LEU C 539 2.03 24.52 21.76
N LEU C 540 1.21 25.19 20.97
CA LEU C 540 1.57 26.49 20.46
C LEU C 540 1.37 27.54 21.54
N GLY C 541 2.33 28.41 21.69
CA GLY C 541 2.22 29.49 22.63
C GLY C 541 1.69 30.76 22.00
N ASN C 542 1.95 31.86 22.68
CA ASN C 542 1.70 33.19 22.17
C ASN C 542 2.78 33.66 21.20
N VAL C 543 2.45 34.72 20.49
CA VAL C 543 3.20 35.16 19.34
C VAL C 543 3.40 36.66 19.51
N SER C 544 4.40 37.22 18.84
CA SER C 544 4.73 38.65 18.92
C SER C 544 3.59 39.50 18.38
N LYS C 545 3.51 40.74 18.85
CA LYS C 545 2.67 41.79 18.22
C LYS C 545 3.50 42.96 17.71
N GLU C 546 4.74 43.11 18.17
CA GLU C 546 5.62 44.14 17.64
C GLU C 546 6.60 43.57 16.59
N CYS C 547 7.11 44.50 15.81
CA CYS C 547 7.39 44.39 14.40
C CYS C 547 8.86 44.51 14.00
N GLU C 548 9.50 45.53 14.57
CA GLU C 548 10.67 45.28 15.36
C GLU C 548 12.01 44.92 14.75
N TYR C 549 12.44 45.27 13.54
CA TYR C 549 13.76 44.68 13.18
C TYR C 549 14.89 45.19 14.11
N GLU C 550 15.00 46.50 14.25
CA GLU C 550 15.99 47.09 15.16
C GLU C 550 15.62 46.63 16.56
N GLY C 551 16.54 45.95 17.23
CA GLY C 551 16.36 45.49 18.60
C GLY C 551 15.72 44.14 18.68
N TYR C 552 15.80 43.34 17.62
CA TYR C 552 15.11 42.06 17.61
C TYR C 552 15.68 41.13 18.70
N SER C 553 16.97 41.28 18.99
CA SER C 553 17.62 40.44 19.98
C SER C 553 17.02 40.61 21.36
N ASP C 554 16.66 41.84 21.71
CA ASP C 554 16.07 42.11 23.01
C ASP C 554 14.63 41.65 23.07
N ALA C 555 13.98 41.52 21.91
CA ALA C 555 12.64 40.96 21.84
C ALA C 555 12.69 39.47 22.03
N ILE C 556 13.73 38.82 21.50
CA ILE C 556 13.91 37.38 21.72
C ILE C 556 14.04 37.12 23.25
N ARG C 557 14.84 37.96 23.90
CA ARG C 557 15.19 37.76 25.32
C ARG C 557 14.00 38.10 26.20
N GLU C 558 13.37 39.23 25.94
CA GLU C 558 12.13 39.58 26.66
C GLU C 558 11.08 38.49 26.51
N SER C 559 10.99 37.91 25.32
CA SER C 559 10.02 36.85 25.10
C SER C 559 10.35 35.59 25.89
N MET C 560 11.60 35.14 25.79
CA MET C 560 12.04 33.96 26.53
C MET C 560 11.94 34.13 28.06
N THR C 561 12.43 35.26 28.58
CA THR C 561 12.42 35.49 30.03
C THR C 561 10.99 35.56 30.55
N GLY C 562 10.15 36.33 29.87
CA GLY C 562 8.77 36.46 30.26
C GLY C 562 8.06 35.13 30.34
N ILE C 563 8.29 34.30 29.32
CA ILE C 563 7.68 32.98 29.26
C ILE C 563 8.23 32.00 30.29
N LEU C 564 9.53 32.07 30.57
CA LEU C 564 10.15 31.19 31.59
C LEU C 564 9.58 31.49 32.98
N ARG C 565 9.41 32.77 33.27
CA ARG C 565 8.86 33.21 34.57
C ARG C 565 7.46 32.66 34.75
N GLU C 566 6.71 32.65 33.66
CA GLU C 566 5.34 32.17 33.68
C GLU C 566 5.31 30.65 33.71
N LEU C 567 6.28 29.99 33.07
CA LEU C 567 6.30 28.51 33.00
C LEU C 567 6.65 27.84 34.34
N LYS C 568 7.49 28.51 35.11
CA LYS C 568 7.86 28.08 36.45
C LYS C 568 6.64 28.02 37.37
N LYS C 569 5.83 29.09 37.37
CA LYS C 569 4.60 29.16 38.19
C LYS C 569 3.53 28.19 37.69
N ARG C 570 3.34 28.11 36.37
CA ARG C 570 2.37 27.19 35.75
C ARG C 570 2.67 25.70 36.00
N ASN C 571 3.92 25.29 35.84
CA ASN C 571 4.30 23.87 35.95
C ASN C 571 4.96 23.45 37.27
N ASN C 572 5.11 24.37 38.22
CA ASN C 572 5.68 24.01 39.51
C ASN C 572 6.96 23.18 39.32
N TRP C 573 8.06 23.82 38.93
CA TRP C 573 9.31 23.09 38.73
C TRP C 573 9.92 22.65 40.05
N ARG C 574 10.40 21.41 40.08
CA ARG C 574 11.06 20.85 41.27
C ARG C 574 12.57 21.15 41.24
N PRO C 575 13.17 21.52 42.40
CA PRO C 575 14.63 21.58 42.47
C PRO C 575 15.26 20.35 41.82
N GLY C 576 16.25 20.55 40.95
CA GLY C 576 16.88 19.45 40.22
C GLY C 576 16.29 19.27 38.82
N ASP C 577 15.09 19.80 38.58
CA ASP C 577 14.46 19.64 37.25
C ASP C 577 15.37 20.28 36.18
N THR C 578 15.31 19.75 34.97
CA THR C 578 16.04 20.34 33.84
C THR C 578 15.08 21.12 32.95
N VAL C 579 15.50 22.31 32.56
CA VAL C 579 14.74 23.18 31.68
C VAL C 579 15.56 23.39 30.42
N ARG C 580 14.92 23.16 29.28
CA ARG C 580 15.57 23.26 27.99
C ARG C 580 14.90 24.36 27.15
N VAL C 581 15.75 25.17 26.52
CA VAL C 581 15.31 26.29 25.70
C VAL C 581 16.03 26.15 24.38
N VAL C 582 15.25 26.13 23.30
CA VAL C 582 15.79 26.07 21.97
C VAL C 582 15.31 27.31 21.20
N PHE C 583 16.25 27.93 20.46
CA PHE C 583 15.97 28.99 19.50
C PHE C 583 16.09 28.46 18.07
N HIS C 584 15.14 28.82 17.20
CA HIS C 584 15.15 28.47 15.75
C HIS C 584 15.16 29.74 14.89
N ALA C 585 16.03 29.79 13.89
CA ALA C 585 15.96 30.85 12.86
C ALA C 585 16.61 30.35 11.56
N HIS C 586 16.39 31.08 10.48
CA HIS C 586 17.08 30.78 9.23
C HIS C 586 18.49 31.30 9.14
N ARG C 587 18.91 32.11 10.10
CA ARG C 587 20.24 32.65 10.13
C ARG C 587 20.76 32.46 11.58
N PRO C 588 22.09 32.38 11.75
CA PRO C 588 22.67 32.25 13.10
C PRO C 588 22.74 33.54 13.84
N LEU C 589 22.56 33.48 15.16
CA LEU C 589 22.64 34.66 15.99
C LEU C 589 24.12 35.01 16.27
N LYS C 590 24.34 36.28 16.58
CA LYS C 590 25.63 36.77 17.07
C LYS C 590 25.97 36.08 18.36
N ARG C 591 27.26 35.86 18.57
CA ARG C 591 27.76 35.27 19.85
C ARG C 591 27.37 36.13 21.02
N VAL C 592 27.47 37.42 20.86
CA VAL C 592 27.10 38.37 21.89
C VAL C 592 25.61 38.28 22.26
N ASP C 593 24.73 38.10 21.28
CA ASP C 593 23.32 37.89 21.54
C ASP C 593 23.04 36.57 22.24
N VAL C 594 23.72 35.50 21.84
CA VAL C 594 23.63 34.21 22.49
C VAL C 594 24.05 34.36 23.97
N ALA C 595 25.17 35.00 24.22
CA ALA C 595 25.67 35.19 25.59
C ALA C 595 24.63 35.93 26.46
N SER C 596 24.10 37.01 25.91
CA SER C 596 23.05 37.80 26.57
C SER C 596 21.75 37.01 26.83
N ILE C 597 21.28 36.27 25.83
CA ILE C 597 20.15 35.38 26.01
C ILE C 597 20.43 34.36 27.08
N VAL C 598 21.59 33.73 26.99
CA VAL C 598 21.90 32.64 27.91
C VAL C 598 21.93 33.23 29.36
N PHE C 599 22.45 34.43 29.49
CA PHE C 599 22.69 35.01 30.81
C PHE C 599 21.35 35.36 31.47
N GLU C 600 20.45 35.97 30.70
CA GLU C 600 19.15 36.38 31.21
C GLU C 600 18.18 35.22 31.50
N CYS C 601 18.15 34.22 30.63
CA CYS C 601 17.37 33.02 30.88
C CYS C 601 17.87 32.29 32.15
N THR C 602 19.18 32.20 32.28
CA THR C 602 19.79 31.41 33.37
C THR C 602 19.45 32.11 34.68
N ARG C 603 19.58 33.43 34.69
CA ARG C 603 19.28 34.19 35.89
C ARG C 603 17.77 34.13 36.18
N GLU C 604 16.93 34.16 35.15
CA GLU C 604 15.50 34.01 35.35
C GLU C 604 15.06 32.67 35.95
N ILE C 605 15.59 31.56 35.47
CA ILE C 605 15.10 30.32 36.03
C ILE C 605 15.72 30.00 37.40
N GLY C 606 16.83 30.63 37.73
CA GLY C 606 17.48 30.44 39.04
C GLY C 606 18.24 29.13 39.18
N SER C 607 18.93 28.99 40.31
CA SER C 607 19.90 27.92 40.52
C SER C 607 19.27 26.59 40.95
N ASP C 608 17.98 26.61 41.28
CA ASP C 608 17.24 25.39 41.61
C ASP C 608 17.15 24.46 40.43
N GLN C 609 17.16 25.01 39.21
CA GLN C 609 17.05 24.18 38.01
C GLN C 609 18.33 24.16 37.22
N ASN C 610 18.50 23.10 36.45
CA ASN C 610 19.56 22.98 35.48
C ASN C 610 19.03 23.47 34.12
N ILE C 611 19.81 24.27 33.41
CA ILE C 611 19.39 24.90 32.14
C ILE C 611 20.20 24.33 31.00
N GLN C 612 19.53 24.05 29.89
CA GLN C 612 20.16 23.60 28.67
C GLN C 612 19.66 24.54 27.58
N MET C 613 20.56 25.09 26.76
CA MET C 613 20.12 26.00 25.69
C MET C 613 20.78 25.70 24.38
N ALA C 614 19.98 25.65 23.30
CA ALA C 614 20.50 25.38 21.96
C ALA C 614 20.00 26.51 21.02
N PHE C 615 20.88 26.98 20.14
CA PHE C 615 20.54 27.95 19.11
C PHE C 615 20.80 27.33 17.77
N VAL C 616 19.75 27.22 16.94
CA VAL C 616 19.76 26.37 15.76
C VAL C 616 19.41 27.22 14.55
N THR C 617 20.20 27.07 13.49
CA THR C 617 19.75 27.58 12.17
C THR C 617 19.44 26.45 11.22
N VAL C 618 18.41 26.72 10.43
CA VAL C 618 17.86 25.83 9.49
C VAL C 618 18.09 26.47 8.14
N SER C 619 18.82 25.77 7.27
CA SER C 619 19.13 26.25 5.95
C SER C 619 18.50 25.38 4.90
N HIS C 620 17.97 26.02 3.86
CA HIS C 620 17.43 25.35 2.68
C HIS C 620 18.39 25.39 1.50
N ASP C 621 19.22 26.42 1.45
CA ASP C 621 20.16 26.64 0.36
C ASP C 621 21.55 26.29 0.91
N HIS C 622 22.14 25.24 0.36
CA HIS C 622 23.44 24.78 0.78
C HIS C 622 23.80 23.76 -0.31
N PRO C 623 25.04 23.29 -0.32
CA PRO C 623 25.50 22.44 -1.45
C PRO C 623 25.38 20.96 -1.27
N PHE C 624 24.64 20.54 -0.24
CA PHE C 624 24.55 19.11 0.09
C PHE C 624 23.28 18.45 -0.47
N VAL C 625 23.42 17.20 -0.89
CA VAL C 625 22.22 16.39 -1.12
C VAL C 625 22.44 14.93 -0.71
N LEU C 626 21.34 14.32 -0.28
CA LEU C 626 21.34 12.95 0.16
C LEU C 626 20.69 12.08 -0.90
N ILE C 627 21.30 10.94 -1.16
CA ILE C 627 20.81 9.99 -2.15
C ILE C 627 20.66 8.64 -1.45
N ASP C 628 19.54 7.98 -1.68
CA ASP C 628 19.28 6.66 -1.09
C ASP C 628 19.08 5.69 -2.26
N ARG C 629 20.15 4.99 -2.64
CA ARG C 629 20.16 4.22 -3.87
C ARG C 629 19.28 2.97 -3.81
N SER C 630 18.93 2.58 -2.59
CA SER C 630 18.02 1.49 -2.36
C SER C 630 16.56 1.94 -2.38
N GLU C 631 16.32 3.25 -2.51
CA GLU C 631 14.95 3.73 -2.60
C GLU C 631 14.49 3.69 -4.04
N ARG C 632 13.48 2.87 -4.30
CA ARG C 632 13.01 2.63 -5.66
C ARG C 632 11.94 3.64 -6.09
N GLY C 633 11.37 4.37 -5.12
CA GLY C 633 10.33 5.35 -5.44
C GLY C 633 8.95 4.72 -5.57
N LEU C 634 7.96 5.51 -5.98
CA LEU C 634 6.57 5.06 -6.05
C LEU C 634 6.01 5.38 -7.41
N GLU C 635 4.85 4.79 -7.69
CA GLU C 635 4.11 5.03 -8.93
C GLU C 635 3.76 6.50 -9.04
N ALA C 636 4.09 7.11 -10.18
CA ALA C 636 3.74 8.51 -10.45
C ALA C 636 2.27 8.82 -10.11
N TYR C 637 1.37 7.87 -10.36
CA TYR C 637 -0.01 7.96 -9.84
C TYR C 637 -0.68 6.57 -9.76
N LYS C 638 -2.00 6.52 -9.91
CA LYS C 638 -2.77 5.25 -9.86
C LYS C 638 -3.32 4.86 -11.23
N GLY C 639 -2.46 4.38 -12.15
CA GLY C 639 -1.04 4.22 -11.89
C GLY C 639 -0.28 3.48 -12.97
N SER C 640 0.56 4.21 -13.70
CA SER C 640 1.40 3.61 -14.74
C SER C 640 2.81 3.32 -14.20
N THR C 641 3.75 3.08 -15.11
CA THR C 641 5.08 2.57 -14.77
C THR C 641 6.08 3.68 -14.41
N ALA C 642 5.80 4.92 -14.85
CA ALA C 642 6.63 6.09 -14.50
C ALA C 642 6.67 6.29 -12.98
N ARG C 643 7.82 6.75 -12.45
CA ARG C 643 8.06 6.77 -10.99
C ARG C 643 8.52 8.12 -10.43
N LYS C 644 8.18 8.35 -9.16
CA LYS C 644 8.51 9.61 -8.45
C LYS C 644 9.34 9.31 -7.20
N GLY C 645 10.26 10.23 -6.89
CA GLY C 645 11.07 10.12 -5.68
C GLY C 645 11.97 8.90 -5.61
N VAL C 646 12.50 8.49 -6.76
CA VAL C 646 13.52 7.45 -6.82
C VAL C 646 14.82 7.99 -6.20
N PHE C 647 15.37 7.26 -5.24
CA PHE C 647 16.62 7.62 -4.52
C PHE C 647 16.37 8.68 -3.44
N ALA C 648 15.14 9.17 -3.33
CA ALA C 648 14.81 10.15 -2.31
C ALA C 648 14.89 9.49 -0.98
N PRO C 649 15.75 10.01 -0.12
CA PRO C 649 15.80 9.45 1.22
C PRO C 649 14.48 9.55 1.97
N PRO C 650 14.28 8.67 2.94
CA PRO C 650 13.05 8.71 3.73
C PRO C 650 12.95 9.97 4.60
N ARG C 651 11.71 10.42 4.83
CA ARG C 651 11.43 11.56 5.72
C ARG C 651 11.91 11.22 7.12
N GLY C 652 12.78 12.07 7.66
CA GLY C 652 13.36 11.85 8.97
C GLY C 652 14.78 11.26 8.97
N ALA C 653 15.36 10.98 7.80
CA ALA C 653 16.80 10.62 7.78
C ALA C 653 17.60 11.82 8.18
N ILE C 654 18.52 11.58 9.12
CA ILE C 654 19.43 12.56 9.67
C ILE C 654 20.87 12.07 9.53
N SER C 655 21.69 12.82 8.80
CA SER C 655 23.07 12.48 8.52
C SER C 655 23.98 13.49 9.15
N ARG C 656 25.13 13.00 9.59
CA ARG C 656 26.10 13.84 10.24
C ARG C 656 27.12 14.37 9.23
N VAL C 657 27.29 15.68 9.20
CA VAL C 657 28.32 16.32 8.39
C VAL C 657 29.50 16.70 9.24
N GLY C 658 29.22 17.23 10.42
CA GLY C 658 30.25 17.66 11.36
C GLY C 658 29.68 17.67 12.76
N ARG C 659 30.46 18.15 13.72
CA ARG C 659 30.05 18.15 15.10
C ARG C 659 28.82 19.01 15.31
N LEU C 660 28.72 20.11 14.55
CA LEU C 660 27.62 21.05 14.74
C LEU C 660 26.48 20.91 13.73
N THR C 661 26.62 20.02 12.77
CA THR C 661 25.74 20.10 11.59
C THR C 661 25.17 18.78 11.22
N ARG C 662 23.87 18.76 10.92
CA ARG C 662 23.21 17.59 10.41
C ARG C 662 22.42 17.94 9.16
N LEU C 663 22.27 16.96 8.29
CA LEU C 663 21.36 17.05 7.15
C LEU C 663 20.10 16.30 7.49
N LEU C 664 18.96 16.90 7.24
CA LEU C 664 17.65 16.33 7.59
C LEU C 664 16.76 16.17 6.36
N ALA C 665 16.39 14.94 6.02
CA ALA C 665 15.48 14.68 4.89
C ALA C 665 14.05 14.92 5.34
N VAL C 666 13.32 15.72 4.56
CA VAL C 666 11.95 16.09 4.91
C VAL C 666 10.96 15.56 3.88
N ASN C 667 11.30 15.65 2.58
CA ASN C 667 10.41 15.19 1.51
C ASN C 667 10.70 13.76 0.99
N SER C 668 10.00 12.80 1.58
CA SER C 668 10.03 11.40 1.18
C SER C 668 9.28 11.15 -0.13
N PRO C 669 9.46 9.94 -0.72
CA PRO C 669 8.82 9.73 -2.01
C PRO C 669 7.29 9.97 -1.97
N GLN C 670 6.68 9.61 -0.86
CA GLN C 670 5.24 9.79 -0.65
C GLN C 670 4.77 11.25 -0.84
N LEU C 671 5.57 12.18 -0.29
CA LEU C 671 5.29 13.61 -0.38
C LEU C 671 5.72 14.22 -1.71
N ILE C 672 6.61 13.55 -2.45
CA ILE C 672 7.01 14.09 -3.76
C ILE C 672 5.80 14.11 -4.69
N LYS C 673 5.74 15.13 -5.54
CA LYS C 673 4.52 15.47 -6.27
C LYS C 673 4.38 14.72 -7.59
N ARG C 674 5.47 14.65 -8.34
CA ARG C 674 5.45 14.24 -9.74
C ARG C 674 6.66 13.41 -10.07
N ALA C 675 6.56 12.72 -11.20
CA ALA C 675 7.66 11.90 -11.71
C ALA C 675 8.88 12.76 -12.02
N ASN C 676 8.64 13.96 -12.55
CA ASN C 676 9.71 14.86 -12.87
C ASN C 676 10.27 15.69 -11.71
N THR C 677 9.70 15.60 -10.51
CA THR C 677 10.18 16.42 -9.41
C THR C 677 11.63 16.08 -9.10
N PRO C 678 12.55 17.07 -9.08
CA PRO C 678 13.95 16.71 -8.78
C PRO C 678 14.15 15.94 -7.46
N LEU C 679 15.28 15.25 -7.32
CA LEU C 679 15.62 14.66 -6.05
C LEU C 679 15.64 15.81 -5.06
N PRO C 680 15.07 15.63 -3.86
CA PRO C 680 14.97 16.76 -2.94
C PRO C 680 16.29 17.13 -2.27
N THR C 681 16.47 18.41 -1.94
CA THR C 681 17.58 18.86 -1.10
C THR C 681 17.12 18.72 0.32
N PRO C 682 17.97 18.18 1.18
CA PRO C 682 17.57 18.14 2.60
C PRO C 682 17.77 19.53 3.28
N LEU C 683 17.23 19.68 4.47
CA LEU C 683 17.59 20.79 5.35
C LEU C 683 18.94 20.61 6.00
N LEU C 684 19.68 21.70 6.11
CA LEU C 684 20.89 21.72 6.92
C LEU C 684 20.58 22.36 8.26
N VAL C 685 20.85 21.61 9.32
CA VAL C 685 20.54 22.02 10.67
C VAL C 685 21.87 22.26 11.39
N SER C 686 22.09 23.50 11.84
CA SER C 686 23.37 23.90 12.40
C SER C 686 23.25 24.43 13.80
N LEU C 687 24.07 23.87 14.69
CA LEU C 687 24.08 24.29 16.07
C LEU C 687 25.08 25.39 16.32
N HIS C 688 24.63 26.44 17.00
CA HIS C 688 25.50 27.55 17.32
C HIS C 688 26.58 27.02 18.27
N PRO C 689 27.85 27.35 18.02
CA PRO C 689 28.90 26.78 18.87
C PRO C 689 28.87 27.15 20.35
N ASP C 690 28.15 28.20 20.71
CA ASP C 690 28.08 28.66 22.10
C ASP C 690 26.86 28.05 22.82
N SER C 691 26.15 27.17 22.15
CA SER C 691 25.01 26.48 22.77
C SER C 691 25.49 25.62 23.92
N THR C 692 24.74 25.58 25.02
CA THR C 692 25.15 24.67 26.13
C THR C 692 24.56 23.27 25.99
N PHE C 693 23.49 23.15 25.20
CA PHE C 693 22.91 21.89 24.82
C PHE C 693 23.42 21.50 23.44
N LYS C 694 23.94 20.27 23.31
CA LYS C 694 24.80 19.93 22.18
C LYS C 694 24.26 18.87 21.23
N ASP C 695 23.11 18.30 21.57
CA ASP C 695 22.60 17.14 20.85
C ASP C 695 21.89 17.58 19.56
N VAL C 696 22.65 17.80 18.50
CA VAL C 696 22.04 18.26 17.25
C VAL C 696 21.17 17.21 16.54
N ASP C 697 21.35 15.93 16.85
CA ASP C 697 20.42 14.92 16.31
C ASP C 697 19.00 15.09 16.88
N TYR C 698 18.93 15.33 18.17
CA TYR C 698 17.67 15.60 18.83
C TYR C 698 17.05 16.87 18.25
N LEU C 699 17.86 17.93 18.16
CA LEU C 699 17.39 19.21 17.61
C LEU C 699 16.90 19.08 16.19
N ALA C 700 17.57 18.27 15.35
CA ALA C 700 17.11 18.02 13.97
C ALA C 700 15.78 17.33 13.94
N GLU C 701 15.62 16.33 14.81
CA GLU C 701 14.36 15.63 14.83
C GLU C 701 13.25 16.55 15.33
N GLN C 702 13.54 17.39 16.31
CA GLN C 702 12.56 18.35 16.82
C GLN C 702 12.09 19.31 15.71
N ALA C 703 13.03 19.72 14.88
CA ALA C 703 12.75 20.58 13.73
C ALA C 703 11.79 19.90 12.75
N LEU C 704 12.06 18.63 12.44
CA LEU C 704 11.16 17.86 11.60
C LEU C 704 9.76 17.77 12.19
N LYS C 705 9.67 17.52 13.51
CA LYS C 705 8.34 17.44 14.16
C LYS C 705 7.58 18.77 13.95
N PHE C 706 8.32 19.89 14.08
CA PHE C 706 7.68 21.22 14.00
C PHE C 706 7.20 21.55 12.59
N THR C 707 7.63 20.80 11.57
CA THR C 707 7.12 21.01 10.21
C THR C 707 5.74 20.44 10.07
N SER C 708 5.41 19.44 10.90
CA SER C 708 4.09 18.80 10.95
C SER C 708 3.09 19.54 11.86
N LEU C 709 3.58 20.58 12.52
CA LEU C 709 2.78 21.37 13.42
C LEU C 709 1.99 22.49 12.66
N SER C 710 2.21 22.63 11.35
CA SER C 710 1.57 23.73 10.64
C SER C 710 0.06 23.57 10.45
N TRP C 711 -0.69 24.58 10.91
CA TRP C 711 -2.16 24.61 10.67
C TRP C 711 -2.59 25.47 9.49
N ARG C 712 -1.68 25.78 8.58
CA ARG C 712 -2.06 26.32 7.28
C ARG C 712 -2.50 25.23 6.34
N SER C 713 -2.11 24.00 6.62
CA SER C 713 -2.28 22.93 5.65
C SER C 713 -2.23 21.60 6.36
N THR C 714 -2.78 20.61 5.70
CA THR C 714 -2.73 19.24 6.17
C THR C 714 -1.35 18.65 5.85
N LEU C 715 -0.80 19.01 4.70
CA LEU C 715 0.58 18.60 4.34
C LEU C 715 1.53 19.43 5.20
N PRO C 716 2.68 18.86 5.60
CA PRO C 716 3.63 19.53 6.44
C PRO C 716 4.28 20.72 5.72
N ALA C 717 4.88 21.61 6.48
CA ALA C 717 5.48 22.83 5.91
C ALA C 717 6.99 22.65 5.62
N ALA C 718 7.58 23.60 4.89
CA ALA C 718 8.95 23.48 4.45
C ALA C 718 9.98 23.79 5.54
N THR C 719 9.52 24.36 6.64
CA THR C 719 10.43 24.77 7.73
C THR C 719 9.61 24.72 9.01
N PRO C 720 10.26 24.57 10.17
CA PRO C 720 9.47 24.44 11.39
C PRO C 720 8.59 25.66 11.62
N VAL C 721 7.43 25.46 12.25
CA VAL C 721 6.45 26.55 12.48
C VAL C 721 6.96 27.69 13.31
N THR C 722 7.94 27.41 14.17
CA THR C 722 8.64 28.41 14.95
C THR C 722 9.19 29.52 14.05
N ILE C 723 9.69 29.13 12.88
CA ILE C 723 10.18 30.08 11.90
C ILE C 723 9.06 30.48 10.91
N PHE C 724 8.33 29.50 10.40
CA PHE C 724 7.32 29.74 9.37
C PHE C 724 6.26 30.72 9.83
N TYR C 725 5.70 30.48 11.02
CA TYR C 725 4.66 31.33 11.56
C TYR C 725 5.21 32.76 11.78
N SER C 726 6.45 32.85 12.21
CA SER C 726 7.08 34.12 12.48
C SER C 726 7.24 34.95 11.20
N GLU C 727 7.54 34.27 10.08
CA GLU C 727 7.64 34.94 8.79
C GLU C 727 6.25 35.43 8.37
N ARG C 728 5.21 34.67 8.65
CA ARG C 728 3.87 35.09 8.19
C ARG C 728 3.44 36.28 9.02
N ILE C 729 3.75 36.23 10.31
CA ILE C 729 3.47 37.33 11.23
C ILE C 729 4.25 38.59 10.84
N ALA C 730 5.54 38.46 10.55
CA ALA C 730 6.33 39.59 10.21
C ALA C 730 5.78 40.30 8.98
N GLU C 731 5.42 39.52 7.98
CA GLU C 731 4.92 40.07 6.73
C GLU C 731 3.59 40.79 6.95
N LEU C 732 2.65 40.15 7.63
CA LEU C 732 1.37 40.77 7.96
C LEU C 732 1.54 42.03 8.77
N LEU C 733 2.23 41.93 9.93
CA LEU C 733 2.38 43.13 10.72
C LEU C 733 3.19 44.24 10.04
N GLY C 734 4.21 43.90 9.25
CA GLY C 734 4.96 44.86 8.51
C GLY C 734 4.07 45.59 7.52
N ARG C 735 3.22 44.85 6.84
CA ARG C 735 2.31 45.51 5.86
C ARG C 735 1.29 46.42 6.57
N LEU C 736 0.69 45.92 7.64
CA LEU C 736 -0.31 46.61 8.41
C LEU C 736 0.11 47.91 9.04
N LYS C 737 1.41 48.02 9.34
CA LYS C 737 2.00 49.21 9.92
C LYS C 737 1.75 50.44 9.03
N SER C 738 1.63 50.25 7.73
CA SER C 738 1.44 51.34 6.81
C SER C 738 -0.04 51.59 6.43
N ILE C 739 -0.97 50.86 7.04
CA ILE C 739 -2.36 50.94 6.63
C ILE C 739 -3.06 51.92 7.57
N PRO C 740 -3.71 52.99 7.02
CA PRO C 740 -4.40 53.92 7.93
C PRO C 740 -5.47 53.20 8.73
N ASN C 741 -5.58 53.59 10.02
CA ASN C 741 -6.58 53.13 10.96
C ASN C 741 -6.32 51.73 11.48
N TRP C 742 -5.19 51.14 11.09
CA TRP C 742 -4.73 49.88 11.70
C TRP C 742 -4.42 50.13 13.18
N SER C 743 -4.83 49.25 14.07
CA SER C 743 -4.29 49.21 15.46
C SER C 743 -4.07 47.76 15.91
N SER C 744 -2.93 47.47 16.55
CA SER C 744 -2.65 46.15 17.12
C SER C 744 -3.28 45.90 18.49
N ALA C 745 -4.09 46.83 18.97
CA ALA C 745 -4.66 46.72 20.32
C ALA C 745 -5.35 45.39 20.61
N ASN C 746 -6.04 44.79 19.63
CA ASN C 746 -6.72 43.53 19.88
C ASN C 746 -5.90 42.24 19.71
N LEU C 747 -4.68 42.35 19.18
CA LEU C 747 -3.85 41.18 18.96
C LEU C 747 -3.61 40.39 20.26
N ASN C 748 -3.43 41.11 21.37
CA ASN C 748 -3.22 40.44 22.67
C ASN C 748 -4.45 40.54 23.54
N ILE C 749 -5.59 40.88 22.95
CA ILE C 749 -6.82 40.84 23.72
C ILE C 749 -7.79 39.86 23.09
N LYS C 750 -8.64 40.30 22.17
CA LYS C 750 -9.59 39.34 21.55
C LYS C 750 -8.90 38.26 20.74
N LEU C 751 -7.72 38.54 20.19
CA LEU C 751 -7.02 37.68 19.27
C LEU C 751 -5.86 36.89 19.92
N LYS C 752 -5.78 36.93 21.24
CA LYS C 752 -4.60 36.42 21.93
C LYS C 752 -4.38 34.96 21.65
N TRP C 753 -5.47 34.21 21.46
CA TRP C 753 -5.41 32.76 21.19
C TRP C 753 -5.88 32.41 19.81
N SER C 754 -6.10 33.44 18.98
CA SER C 754 -6.50 33.23 17.61
C SER C 754 -5.25 33.07 16.77
N ARG C 755 -5.18 32.05 15.92
CA ARG C 755 -4.03 31.90 15.01
C ARG C 755 -4.25 32.71 13.72
N TRP C 756 -4.33 34.02 13.91
CA TRP C 756 -4.83 34.98 12.91
C TRP C 756 -3.93 35.17 11.70
N PHE C 757 -2.68 34.74 11.86
CA PHE C 757 -1.59 34.91 10.89
C PHE C 757 -1.54 33.76 9.87
N LEU C 758 -2.37 32.72 10.03
CA LEU C 758 -2.25 31.54 9.16
C LEU C 758 -2.68 31.80 7.70
#